data_1P9G
# 
_entry.id   1P9G 
# 
_audit_conform.dict_name       mmcif_pdbx.dic 
_audit_conform.dict_version    5.399 
_audit_conform.dict_location   http://mmcif.pdb.org/dictionaries/ascii/mmcif_pdbx.dic 
# 
loop_
_database_2.database_id 
_database_2.database_code 
_database_2.pdbx_database_accession 
_database_2.pdbx_DOI 
PDB   1P9G         pdb_00001p9g 10.2210/pdb1p9g/pdb 
RCSB  RCSB019174   ?            ?                   
WWPDB D_1000019174 ?            ?                   
# 
loop_
_pdbx_audit_revision_history.ordinal 
_pdbx_audit_revision_history.data_content_type 
_pdbx_audit_revision_history.major_revision 
_pdbx_audit_revision_history.minor_revision 
_pdbx_audit_revision_history.revision_date 
1 'Structure model' 1 0 2004-06-01 
2 'Structure model' 1 1 2008-04-29 
3 'Structure model' 1 2 2011-07-13 
4 'Structure model' 1 3 2017-10-11 
5 'Structure model' 2 0 2019-12-25 
6 'Structure model' 2 1 2024-11-20 
# 
_pdbx_audit_revision_details.ordinal             1 
_pdbx_audit_revision_details.revision_ordinal    1 
_pdbx_audit_revision_details.data_content_type   'Structure model' 
_pdbx_audit_revision_details.provider            repository 
_pdbx_audit_revision_details.type                'Initial release' 
_pdbx_audit_revision_details.description         ? 
_pdbx_audit_revision_details.details             ? 
# 
loop_
_pdbx_audit_revision_group.ordinal 
_pdbx_audit_revision_group.revision_ordinal 
_pdbx_audit_revision_group.data_content_type 
_pdbx_audit_revision_group.group 
1 2 'Structure model' 'Version format compliance' 
2 3 'Structure model' 'Version format compliance' 
3 4 'Structure model' 'Refinement description'    
4 5 'Structure model' 'Derived calculations'      
5 5 'Structure model' 'Polymer sequence'          
6 6 'Structure model' 'Data collection'           
7 6 'Structure model' 'Database references'       
8 6 'Structure model' 'Derived calculations'      
9 6 'Structure model' 'Structure summary'         
# 
loop_
_pdbx_audit_revision_category.ordinal 
_pdbx_audit_revision_category.revision_ordinal 
_pdbx_audit_revision_category.data_content_type 
_pdbx_audit_revision_category.category 
1  4 'Structure model' software                  
2  5 'Structure model' entity_poly               
3  5 'Structure model' pdbx_struct_mod_residue   
4  5 'Structure model' struct_conn               
5  6 'Structure model' chem_comp_atom            
6  6 'Structure model' chem_comp_bond            
7  6 'Structure model' database_2                
8  6 'Structure model' pdbx_entry_details        
9  6 'Structure model' pdbx_modification_feature 
10 6 'Structure model' struct_site               
# 
loop_
_pdbx_audit_revision_item.ordinal 
_pdbx_audit_revision_item.revision_ordinal 
_pdbx_audit_revision_item.data_content_type 
_pdbx_audit_revision_item.item 
1 4 'Structure model' '_software.name'                            
2 5 'Structure model' '_entity_poly.pdbx_seq_one_letter_code_can' 
3 5 'Structure model' '_pdbx_struct_mod_residue.parent_comp_id'   
4 5 'Structure model' '_struct_conn.pdbx_leaving_atom_flag'       
5 6 'Structure model' '_database_2.pdbx_DOI'                      
6 6 'Structure model' '_database_2.pdbx_database_accession'       
7 6 'Structure model' '_struct_site.pdbx_auth_asym_id'            
8 6 'Structure model' '_struct_site.pdbx_auth_comp_id'            
9 6 'Structure model' '_struct_site.pdbx_auth_seq_id'             
# 
_pdbx_database_status.status_code                     REL 
_pdbx_database_status.entry_id                        1P9G 
_pdbx_database_status.recvd_initial_deposition_date   2003-05-12 
_pdbx_database_status.deposit_site                    RCSB 
_pdbx_database_status.process_site                    RCSB 
_pdbx_database_status.status_code_sf                  REL 
_pdbx_database_status.SG_entry                        . 
_pdbx_database_status.pdb_format_compatible           Y 
_pdbx_database_status.status_code_mr                  ? 
_pdbx_database_status.status_code_cs                  ? 
_pdbx_database_status.methods_development_category    ? 
_pdbx_database_status.status_code_nmr_data            ? 
# 
loop_
_audit_author.name 
_audit_author.pdbx_ordinal 
'Xiang, Y.'   1 
'Huang, R.H.' 2 
'Liu, X.Z.'   3 
'Wang, D.C.'  4 
# 
_citation.id                        primary 
_citation.title                     
;Crystal structure of a novel antifungal protein distinct with five disulfide bridges from Eucommia ulmoides Oliver at an atomic resolution.
;
_citation.journal_abbrev            J.Struct.Biol. 
_citation.journal_volume            148 
_citation.page_first                86 
_citation.page_last                 97 
_citation.year                      2004 
_citation.journal_id_ASTM           JSBIEM 
_citation.country                   US 
_citation.journal_id_ISSN           1047-8477 
_citation.journal_id_CSD            0803 
_citation.book_publisher            ? 
_citation.pdbx_database_id_PubMed   15363789 
_citation.pdbx_database_id_DOI      10.1016/j.jsb.2004.04.002 
# 
loop_
_citation_author.citation_id 
_citation_author.name 
_citation_author.ordinal 
_citation_author.identifier_ORCID 
primary 'Xiang, Y.'   1 ? 
primary 'Huang, R.H.' 2 ? 
primary 'Liu, X.Z.'   3 ? 
primary 'Zhang, Y.'   4 ? 
primary 'Wang, D.C.'  5 ? 
# 
loop_
_entity.id 
_entity.type 
_entity.src_method 
_entity.pdbx_description 
_entity.formula_weight 
_entity.pdbx_number_of_molecules 
_entity.pdbx_ec 
_entity.pdbx_mutation 
_entity.pdbx_fragment 
_entity.details 
1 polymer     nat 'EAFP 2'      4172.807 1  ? ? ? ? 
2 non-polymer syn 'ACETATE ION' 59.044   2  ? ? ? ? 
3 water       nat water         18.015   61 ? ? ? ? 
# 
_entity_poly.entity_id                      1 
_entity_poly.type                           'polypeptide(L)' 
_entity_poly.nstd_linkage                   no 
_entity_poly.nstd_monomer                   yes 
_entity_poly.pdbx_seq_one_letter_code       '(PCA)TCASRCPRPCNAGLCCSIYGYCGSGAAYCGAGNCRCQCRG' 
_entity_poly.pdbx_seq_one_letter_code_can   QTCASRCPRPCNAGLCCSIYGYCGSGAAYCGAGNCRCQCRG 
_entity_poly.pdbx_strand_id                 A 
_entity_poly.pdbx_target_identifier         ? 
# 
loop_
_pdbx_entity_nonpoly.entity_id 
_pdbx_entity_nonpoly.name 
_pdbx_entity_nonpoly.comp_id 
2 'ACETATE ION' ACT 
3 water         HOH 
# 
loop_
_entity_poly_seq.entity_id 
_entity_poly_seq.num 
_entity_poly_seq.mon_id 
_entity_poly_seq.hetero 
1 1  PCA n 
1 2  THR n 
1 3  CYS n 
1 4  ALA n 
1 5  SER n 
1 6  ARG n 
1 7  CYS n 
1 8  PRO n 
1 9  ARG n 
1 10 PRO n 
1 11 CYS n 
1 12 ASN n 
1 13 ALA n 
1 14 GLY n 
1 15 LEU n 
1 16 CYS n 
1 17 CYS n 
1 18 SER n 
1 19 ILE n 
1 20 TYR n 
1 21 GLY n 
1 22 TYR n 
1 23 CYS n 
1 24 GLY n 
1 25 SER n 
1 26 GLY n 
1 27 ALA n 
1 28 ALA n 
1 29 TYR n 
1 30 CYS n 
1 31 GLY n 
1 32 ALA n 
1 33 GLY n 
1 34 ASN n 
1 35 CYS n 
1 36 ARG n 
1 37 CYS n 
1 38 GLN n 
1 39 CYS n 
1 40 ARG n 
1 41 GLY n 
# 
_entity_src_nat.entity_id                  1 
_entity_src_nat.pdbx_src_id                1 
_entity_src_nat.pdbx_alt_source_flag       sample 
_entity_src_nat.pdbx_beg_seq_num           ? 
_entity_src_nat.pdbx_end_seq_num           ? 
_entity_src_nat.common_name                ? 
_entity_src_nat.pdbx_organism_scientific   'Eucommia ulmoides' 
_entity_src_nat.pdbx_ncbi_taxonomy_id      4392 
_entity_src_nat.genus                      Eucommia 
_entity_src_nat.species                    ? 
_entity_src_nat.strain                     ? 
_entity_src_nat.tissue                     'tree bark' 
_entity_src_nat.tissue_fraction            ? 
_entity_src_nat.pdbx_secretion             ? 
_entity_src_nat.pdbx_fragment              ? 
_entity_src_nat.pdbx_variant               ? 
_entity_src_nat.pdbx_cell_line             ? 
_entity_src_nat.pdbx_atcc                  ? 
_entity_src_nat.pdbx_cellular_location     ? 
_entity_src_nat.pdbx_organ                 ? 
_entity_src_nat.pdbx_organelle             ? 
_entity_src_nat.pdbx_cell                  ? 
_entity_src_nat.pdbx_plasmid_name          ? 
_entity_src_nat.pdbx_plasmid_details       ? 
_entity_src_nat.details                    ? 
# 
loop_
_chem_comp.id 
_chem_comp.type 
_chem_comp.mon_nstd_flag 
_chem_comp.name 
_chem_comp.pdbx_synonyms 
_chem_comp.formula 
_chem_comp.formula_weight 
ACT non-polymer         . 'ACETATE ION'       ? 'C2 H3 O2 -1'    59.044  
ALA 'L-peptide linking' y ALANINE             ? 'C3 H7 N O2'     89.093  
ARG 'L-peptide linking' y ARGININE            ? 'C6 H15 N4 O2 1' 175.209 
ASN 'L-peptide linking' y ASPARAGINE          ? 'C4 H8 N2 O3'    132.118 
CYS 'L-peptide linking' y CYSTEINE            ? 'C3 H7 N O2 S'   121.158 
GLN 'L-peptide linking' y GLUTAMINE           ? 'C5 H10 N2 O3'   146.144 
GLY 'peptide linking'   y GLYCINE             ? 'C2 H5 N O2'     75.067  
HOH non-polymer         . WATER               ? 'H2 O'           18.015  
ILE 'L-peptide linking' y ISOLEUCINE          ? 'C6 H13 N O2'    131.173 
LEU 'L-peptide linking' y LEUCINE             ? 'C6 H13 N O2'    131.173 
PCA 'L-peptide linking' n 'PYROGLUTAMIC ACID' ? 'C5 H7 N O3'     129.114 
PRO 'L-peptide linking' y PROLINE             ? 'C5 H9 N O2'     115.130 
SER 'L-peptide linking' y SERINE              ? 'C3 H7 N O3'     105.093 
THR 'L-peptide linking' y THREONINE           ? 'C4 H9 N O3'     119.119 
TYR 'L-peptide linking' y TYROSINE            ? 'C9 H11 N O3'    181.189 
# 
loop_
_pdbx_poly_seq_scheme.asym_id 
_pdbx_poly_seq_scheme.entity_id 
_pdbx_poly_seq_scheme.seq_id 
_pdbx_poly_seq_scheme.mon_id 
_pdbx_poly_seq_scheme.ndb_seq_num 
_pdbx_poly_seq_scheme.pdb_seq_num 
_pdbx_poly_seq_scheme.auth_seq_num 
_pdbx_poly_seq_scheme.pdb_mon_id 
_pdbx_poly_seq_scheme.auth_mon_id 
_pdbx_poly_seq_scheme.pdb_strand_id 
_pdbx_poly_seq_scheme.pdb_ins_code 
_pdbx_poly_seq_scheme.hetero 
A 1 1  PCA 1  1  1  PCA PCA A . n 
A 1 2  THR 2  2  2  THR THR A . n 
A 1 3  CYS 3  3  3  CYS CYS A . n 
A 1 4  ALA 4  4  4  ALA ALA A . n 
A 1 5  SER 5  5  5  SER SER A . n 
A 1 6  ARG 6  6  6  ARG ARG A . n 
A 1 7  CYS 7  7  7  CYS CYS A . n 
A 1 8  PRO 8  8  8  PRO PRO A . n 
A 1 9  ARG 9  9  9  ARG ARG A . n 
A 1 10 PRO 10 10 10 PRO PRO A . n 
A 1 11 CYS 11 11 11 CYS CYS A . n 
A 1 12 ASN 12 12 12 ASN ASN A . n 
A 1 13 ALA 13 13 13 ALA ALA A . n 
A 1 14 GLY 14 14 14 GLY GLY A . n 
A 1 15 LEU 15 15 15 LEU LEU A . n 
A 1 16 CYS 16 16 16 CYS CYS A . n 
A 1 17 CYS 17 17 17 CYS CYS A . n 
A 1 18 SER 18 18 18 SER SER A . n 
A 1 19 ILE 19 19 19 ILE ILE A . n 
A 1 20 TYR 20 20 20 TYR TYR A . n 
A 1 21 GLY 21 21 21 GLY GLY A . n 
A 1 22 TYR 22 22 22 TYR TYR A . n 
A 1 23 CYS 23 23 23 CYS CYS A . n 
A 1 24 GLY 24 24 24 GLY GLY A . n 
A 1 25 SER 25 25 25 SER SER A . n 
A 1 26 GLY 26 26 26 GLY GLY A . n 
A 1 27 ALA 27 27 27 ALA ALA A . n 
A 1 28 ALA 28 28 28 ALA ALA A . n 
A 1 29 TYR 29 29 29 TYR TYR A . n 
A 1 30 CYS 30 30 30 CYS CYS A . n 
A 1 31 GLY 31 31 31 GLY GLY A . n 
A 1 32 ALA 32 32 32 ALA ALA A . n 
A 1 33 GLY 33 33 33 GLY GLY A . n 
A 1 34 ASN 34 34 34 ASN ASN A . n 
A 1 35 CYS 35 35 35 CYS CYS A . n 
A 1 36 ARG 36 36 36 ARG ARG A . n 
A 1 37 CYS 37 37 37 CYS CYS A . n 
A 1 38 GLN 38 38 38 GLN GLN A . n 
A 1 39 CYS 39 39 39 CYS CYS A . n 
A 1 40 ARG 40 40 40 ARG ARG A . n 
A 1 41 GLY 41 41 41 GLY GLY A . n 
# 
loop_
_pdbx_nonpoly_scheme.asym_id 
_pdbx_nonpoly_scheme.entity_id 
_pdbx_nonpoly_scheme.mon_id 
_pdbx_nonpoly_scheme.ndb_seq_num 
_pdbx_nonpoly_scheme.pdb_seq_num 
_pdbx_nonpoly_scheme.auth_seq_num 
_pdbx_nonpoly_scheme.pdb_mon_id 
_pdbx_nonpoly_scheme.auth_mon_id 
_pdbx_nonpoly_scheme.pdb_strand_id 
_pdbx_nonpoly_scheme.pdb_ins_code 
B 2 ACT 1  42  42  ACT ACT A . 
C 2 ACT 1  43  43  ACT ACT A . 
D 3 HOH 1  44  44  HOH HOH A . 
D 3 HOH 2  45  45  HOH HOH A . 
D 3 HOH 3  46  46  HOH HOH A . 
D 3 HOH 4  47  47  HOH HOH A . 
D 3 HOH 5  48  48  HOH HOH A . 
D 3 HOH 6  49  49  HOH HOH A . 
D 3 HOH 7  50  50  HOH HOH A . 
D 3 HOH 8  51  51  HOH HOH A . 
D 3 HOH 9  52  52  HOH HOH A . 
D 3 HOH 10 53  53  HOH HOH A . 
D 3 HOH 11 54  54  HOH HOH A . 
D 3 HOH 12 55  55  HOH HOH A . 
D 3 HOH 13 56  56  HOH HOH A . 
D 3 HOH 14 57  57  HOH HOH A . 
D 3 HOH 15 58  58  HOH HOH A . 
D 3 HOH 16 59  59  HOH HOH A . 
D 3 HOH 17 60  60  HOH HOH A . 
D 3 HOH 18 61  61  HOH HOH A . 
D 3 HOH 19 62  62  HOH HOH A . 
D 3 HOH 20 63  63  HOH HOH A . 
D 3 HOH 21 64  64  HOH HOH A . 
D 3 HOH 22 65  65  HOH HOH A . 
D 3 HOH 23 66  66  HOH HOH A . 
D 3 HOH 24 67  67  HOH HOH A . 
D 3 HOH 25 68  68  HOH HOH A . 
D 3 HOH 26 69  69  HOH HOH A . 
D 3 HOH 27 70  70  HOH HOH A . 
D 3 HOH 28 71  71  HOH HOH A . 
D 3 HOH 29 72  72  HOH HOH A . 
D 3 HOH 30 73  73  HOH HOH A . 
D 3 HOH 31 74  74  HOH HOH A . 
D 3 HOH 32 75  75  HOH HOH A . 
D 3 HOH 33 76  76  HOH HOH A . 
D 3 HOH 34 77  77  HOH HOH A . 
D 3 HOH 35 78  78  HOH HOH A . 
D 3 HOH 36 79  79  HOH HOH A . 
D 3 HOH 37 80  80  HOH HOH A . 
D 3 HOH 38 81  81  HOH HOH A . 
D 3 HOH 39 82  82  HOH HOH A . 
D 3 HOH 40 83  83  HOH HOH A . 
D 3 HOH 41 84  84  HOH HOH A . 
D 3 HOH 42 85  85  HOH HOH A . 
D 3 HOH 43 86  86  HOH HOH A . 
D 3 HOH 44 87  87  HOH HOH A . 
D 3 HOH 45 88  88  HOH HOH A . 
D 3 HOH 46 89  89  HOH HOH A . 
D 3 HOH 47 92  92  HOH HOH A . 
D 3 HOH 48 93  93  HOH HOH A . 
D 3 HOH 49 94  94  HOH HOH A . 
D 3 HOH 50 95  95  HOH HOH A . 
D 3 HOH 51 96  96  HOH HOH A . 
D 3 HOH 52 97  97  HOH HOH A . 
D 3 HOH 53 98  98  HOH HOH A . 
D 3 HOH 54 99  99  HOH HOH A . 
D 3 HOH 55 100 100 HOH HOH A . 
D 3 HOH 56 101 101 HOH HOH A . 
D 3 HOH 57 102 102 HOH HOH A . 
D 3 HOH 58 104 104 HOH HOH A . 
D 3 HOH 59 105 105 HOH HOH A . 
D 3 HOH 60 107 107 HOH HOH A . 
D 3 HOH 61 108 108 HOH HOH A . 
# 
loop_
_software.name 
_software.classification 
_software.version 
_software.citation_id 
_software.pdbx_ordinal 
SHELX     'model building' . ? 1 
SHELXL-97 refinement       . ? 2 
DENZO     'data reduction' . ? 3 
SCALEPACK 'data scaling'   . ? 4 
SnB       phasing          . ? 5 
# 
_cell.entry_id           1P9G 
_cell.length_a           19.011 
_cell.length_b           23.178 
_cell.length_c           30.720 
_cell.angle_alpha        90.00 
_cell.angle_beta         98.56 
_cell.angle_gamma        90.00 
_cell.Z_PDB              2 
_cell.pdbx_unique_axis   ? 
# 
_symmetry.entry_id                         1P9G 
_symmetry.space_group_name_H-M             'P 1 21 1' 
_symmetry.pdbx_full_space_group_name_H-M   ? 
_symmetry.cell_setting                     ? 
_symmetry.Int_Tables_number                4 
_symmetry.space_group_name_Hall            ? 
# 
_exptl.entry_id          1P9G 
_exptl.method            'X-RAY DIFFRACTION' 
_exptl.crystals_number   1 
# 
_exptl_crystal.id                    1 
_exptl_crystal.density_meas          ? 
_exptl_crystal.density_Matthews      1.39 
_exptl_crystal.density_percent_sol   23.31 
_exptl_crystal.description           ? 
_exptl_crystal.F_000                 ? 
_exptl_crystal.preparation           ? 
# 
_exptl_crystal_grow.crystal_id      1 
_exptl_crystal_grow.method          'VAPOR DIFFUSION, HANGING DROP' 
_exptl_crystal_grow.temp            298 
_exptl_crystal_grow.temp_details    ? 
_exptl_crystal_grow.pH              5.5 
_exptl_crystal_grow.pdbx_details    'SODIUM ACETATE, ISO-PROPANOL, pH 5.5, VAPOR DIFFUSION, HANGING DROP, temperature 298K' 
_exptl_crystal_grow.pdbx_pH_range   . 
# 
_diffrn.id                     1 
_diffrn.ambient_temp           283 
_diffrn.ambient_temp_details   ? 
_diffrn.crystal_id             1 
# 
_diffrn_detector.diffrn_id              1 
_diffrn_detector.detector               CCD 
_diffrn_detector.type                   'ADSC QUANTUM 4' 
_diffrn_detector.pdbx_collection_date   2002-03-12 
_diffrn_detector.details                ? 
# 
_diffrn_radiation.diffrn_id                        1 
_diffrn_radiation.wavelength_id                    1 
_diffrn_radiation.pdbx_monochromatic_or_laue_m_l   M 
_diffrn_radiation.monochromator                    'Silicon (111)' 
_diffrn_radiation.pdbx_diffrn_protocol             'SINGLE WAVELENGTH' 
_diffrn_radiation.pdbx_scattering_type             x-ray 
# 
_diffrn_radiation_wavelength.id           1 
_diffrn_radiation_wavelength.wavelength   1.0 
_diffrn_radiation_wavelength.wt           1.0 
# 
_diffrn_source.diffrn_id                   1 
_diffrn_source.source                      SYNCHROTRON 
_diffrn_source.type                        'PHOTON FACTORY BEAMLINE BL-18B' 
_diffrn_source.pdbx_synchrotron_site       'Photon Factory' 
_diffrn_source.pdbx_synchrotron_beamline   BL-18B 
_diffrn_source.pdbx_wavelength             ? 
_diffrn_source.pdbx_wavelength_list        1.0 
# 
_reflns.entry_id                     1P9G 
_reflns.observed_criterion_sigma_I   0 
_reflns.observed_criterion_sigma_F   0 
_reflns.d_resolution_low             100.0 
_reflns.d_resolution_high            0.84 
_reflns.number_obs                   22113 
_reflns.number_all                   22113 
_reflns.percent_possible_obs         86.8 
_reflns.pdbx_Rmerge_I_obs            0.051 
_reflns.pdbx_Rsym_value              ? 
_reflns.pdbx_netI_over_sigmaI        26.6 
_reflns.B_iso_Wilson_estimate        ? 
_reflns.pdbx_redundancy              3.4 
_reflns.R_free_details               ? 
_reflns.limit_h_max                  ? 
_reflns.limit_h_min                  ? 
_reflns.limit_k_max                  ? 
_reflns.limit_k_min                  ? 
_reflns.limit_l_max                  ? 
_reflns.limit_l_min                  ? 
_reflns.observed_criterion_F_max     ? 
_reflns.observed_criterion_F_min     ? 
_reflns.pdbx_chi_squared             ? 
_reflns.pdbx_scaling_rejects         ? 
_reflns.pdbx_diffrn_id               1 
_reflns.pdbx_ordinal                 1 
# 
_reflns_shell.d_res_high             0.84 
_reflns_shell.d_res_low              0.87 
_reflns_shell.percent_possible_all   70.4 
_reflns_shell.Rmerge_I_obs           0.14 
_reflns_shell.pdbx_Rsym_value        ? 
_reflns_shell.meanI_over_sigI_obs    8.5 
_reflns_shell.pdbx_redundancy        ? 
_reflns_shell.percent_possible_obs   ? 
_reflns_shell.number_unique_all      ? 
_reflns_shell.number_measured_all    ? 
_reflns_shell.number_measured_obs    ? 
_reflns_shell.number_unique_obs      ? 
_reflns_shell.pdbx_chi_squared       ? 
_reflns_shell.pdbx_diffrn_id         ? 
_reflns_shell.pdbx_ordinal           1 
# 
_refine.entry_id                                 1P9G 
_refine.ls_number_reflns_obs                     ? 
_refine.ls_number_reflns_all                     22113 
_refine.pdbx_ls_sigma_I                          0.0 
_refine.pdbx_ls_sigma_F                          0.0 
_refine.pdbx_data_cutoff_high_absF               ? 
_refine.pdbx_data_cutoff_low_absF                ? 
_refine.pdbx_data_cutoff_high_rms_absF           ? 
_refine.ls_d_res_low                             100.00 
_refine.ls_d_res_high                            0.84 
_refine.ls_percent_reflns_obs                    86.8 
_refine.ls_R_factor_obs                          0.0684 
_refine.ls_R_factor_all                          0.0684 
_refine.ls_R_factor_R_work                       0.0684 
_refine.ls_R_factor_R_free                       0.0794 
_refine.ls_R_factor_R_free_error                 ? 
_refine.ls_R_factor_R_free_error_details         ? 
_refine.ls_percent_reflns_R_free                 4.0 
_refine.ls_number_reflns_R_free                  885 
_refine.ls_number_parameters                     3401 
_refine.ls_number_restraints                     3876 
_refine.occupancy_min                            ? 
_refine.occupancy_max                            ? 
_refine.correlation_coeff_Fo_to_Fc               ? 
_refine.correlation_coeff_Fo_to_Fc_free          ? 
_refine.B_iso_mean                               ? 
_refine.aniso_B[1][1]                            ? 
_refine.aniso_B[2][2]                            ? 
_refine.aniso_B[3][3]                            ? 
_refine.aniso_B[1][2]                            ? 
_refine.aniso_B[1][3]                            ? 
_refine.aniso_B[2][3]                            ? 
_refine.solvent_model_details                    'MOEWS & KRETSINGER, J.MOL.BIOL.91(1973)201-228' 
_refine.solvent_model_param_ksol                 ? 
_refine.solvent_model_param_bsol                 ? 
_refine.pdbx_solvent_vdw_probe_radii             ? 
_refine.pdbx_solvent_ion_probe_radii             ? 
_refine.pdbx_solvent_shrinkage_radii             ? 
_refine.pdbx_ls_cross_valid_method               'FREE R' 
_refine.details                                  'ANISOTROPIC REFINEMENT REDUCED FREE R (NO CUTOFF) BY 5%' 
_refine.pdbx_starting_model                      ? 
_refine.pdbx_method_to_determine_struct          'AB INITIO PHASING' 
_refine.pdbx_isotropic_thermal_model             ? 
_refine.pdbx_stereochemistry_target_values       'Engh & Huber' 
_refine.pdbx_stereochem_target_val_spec_case     'CSD L-PYROGLUTAMIC ACID DATA FOR PCA' 
_refine.pdbx_R_Free_selection_details            RANDOM 
_refine.pdbx_overall_ESU_R                       ? 
_refine.pdbx_overall_ESU_R_Free                  ? 
_refine.overall_SU_ML                            ? 
_refine.overall_SU_B                             ? 
_refine.ls_redundancy_reflns_obs                 ? 
_refine.B_iso_min                                ? 
_refine.B_iso_max                                ? 
_refine.overall_SU_R_Cruickshank_DPI             ? 
_refine.overall_SU_R_free                        ? 
_refine.ls_wR_factor_R_free                      ? 
_refine.ls_wR_factor_R_work                      ? 
_refine.overall_FOM_free_R_set                   ? 
_refine.overall_FOM_work_R_set                   ? 
_refine.pdbx_refine_id                           'X-RAY DIFFRACTION' 
_refine.pdbx_diffrn_id                           1 
_refine.pdbx_TLS_residual_ADP_flag               ? 
_refine.pdbx_overall_phase_error                 ? 
_refine.pdbx_overall_SU_R_free_Cruickshank_DPI   ? 
_refine.pdbx_overall_SU_R_Blow_DPI               ? 
_refine.pdbx_overall_SU_R_free_Blow_DPI          ? 
# 
_refine_analyze.entry_id                        1P9G 
_refine_analyze.Luzzati_coordinate_error_obs    ? 
_refine_analyze.Luzzati_sigma_a_obs             ? 
_refine_analyze.Luzzati_d_res_low_obs           ? 
_refine_analyze.Luzzati_coordinate_error_free   ? 
_refine_analyze.Luzzati_sigma_a_free            ? 
_refine_analyze.Luzzati_d_res_low_free          ? 
_refine_analyze.number_disordered_residues      7 
_refine_analyze.occupancy_sum_hydrogen          249.00 
_refine_analyze.occupancy_sum_non_hydrogen      345.50 
_refine_analyze.pdbx_Luzzati_d_res_high_obs     ? 
_refine_analyze.pdbx_refine_id                  'X-RAY DIFFRACTION' 
# 
_refine_hist.pdbx_refine_id                   'X-RAY DIFFRACTION' 
_refine_hist.cycle_id                         LAST 
_refine_hist.pdbx_number_atoms_protein        585 
_refine_hist.pdbx_number_atoms_nucleic_acid   0 
_refine_hist.pdbx_number_atoms_ligand         8 
_refine_hist.number_atoms_solvent             64 
_refine_hist.number_atoms_total               657 
_refine_hist.d_res_high                       0.84 
_refine_hist.d_res_low                        100.00 
# 
loop_
_refine_ls_restr.type 
_refine_ls_restr.dev_ideal 
_refine_ls_restr.dev_ideal_target 
_refine_ls_restr.weight 
_refine_ls_restr.number 
_refine_ls_restr.pdbx_refine_id 
_refine_ls_restr.pdbx_restraint_function 
s_bond_d               0.017  ? ? ? 'X-RAY DIFFRACTION' ? 
s_angle_d              0.035  ? ? ? 'X-RAY DIFFRACTION' ? 
s_similar_dist         0.000  ? ? ? 'X-RAY DIFFRACTION' ? 
s_from_restr_planes    0.0329 ? ? ? 'X-RAY DIFFRACTION' ? 
s_zero_chiral_vol      0.150  ? ? ? 'X-RAY DIFFRACTION' ? 
s_non_zero_chiral_vol  0.142  ? ? ? 'X-RAY DIFFRACTION' ? 
s_anti_bump_dis_restr  0.000  ? ? ? 'X-RAY DIFFRACTION' ? 
s_rigid_bond_adp_cmpnt 0.008  ? ? ? 'X-RAY DIFFRACTION' ? 
s_similar_adp_cmpnt    0.032  ? ? ? 'X-RAY DIFFRACTION' ? 
s_approx_iso_adps      0.000  ? ? ? 'X-RAY DIFFRACTION' ? 
# 
loop_
_refine_ls_shell.pdbx_total_number_of_bins_used 
_refine_ls_shell.d_res_high 
_refine_ls_shell.d_res_low 
_refine_ls_shell.number_reflns_R_work 
_refine_ls_shell.R_factor_R_work 
_refine_ls_shell.percent_reflns_obs 
_refine_ls_shell.R_factor_R_free 
_refine_ls_shell.R_factor_R_free_error 
_refine_ls_shell.percent_reflns_R_free 
_refine_ls_shell.number_reflns_R_free 
_refine_ls_shell.number_reflns_obs 
_refine_ls_shell.redundancy_reflns_obs 
_refine_ls_shell.number_reflns_all 
_refine_ls_shell.pdbx_refine_id 
_refine_ls_shell.R_factor_all 
. 0.84 0.87 . 0.105 67.41 . . . . 1624 . . 'X-RAY DIFFRACTION' . 
. 0.87 0.9  . 0.089 70.76 . . . . 1491 . . 'X-RAY DIFFRACTION' . 
. 0.9  1.0  . 0.066 76.20 . . . . 4064 . . 'X-RAY DIFFRACTION' . 
. 1.0  1.2  . 0.052 85.44 . . . . 5159 . . 'X-RAY DIFFRACTION' . 
. 1.2  1.5  . 0.05  93.76 . . . . 3819 . . 'X-RAY DIFFRACTION' . 
. 1.5  30   . 0.077 94.37 . . . . 4105 . . 'X-RAY DIFFRACTION' . 
# 
_pdbx_refine.entry_id                                    1P9G 
_pdbx_refine.R_factor_all_no_cutoff                      0.0684 
_pdbx_refine.R_factor_obs_no_cutoff                      ? 
_pdbx_refine.free_R_factor_no_cutoff                     ? 
_pdbx_refine.free_R_val_test_set_size_perc_no_cutoff     ? 
_pdbx_refine.free_R_val_test_set_ct_no_cutoff            ? 
_pdbx_refine.R_factor_all_4sig_cutoff                    0.065 
_pdbx_refine.R_factor_obs_4sig_cutoff                    0.065 
_pdbx_refine.free_R_factor_4sig_cutoff                   0.076 
_pdbx_refine.free_R_val_test_set_size_perc_4sig_cutoff   4.0 
_pdbx_refine.free_R_val_test_set_ct_4sig_cutoff          821 
_pdbx_refine.number_reflns_obs_4sig_cutoff               20593 
_pdbx_refine.number_reflns_obs_no_cutoff                 ? 
_pdbx_refine.pdbx_refine_id                              'X-RAY DIFFRACTION' 
_pdbx_refine.free_R_error_no_cutoff                      ? 
# 
_struct.entry_id                  1P9G 
_struct.title                     
;Crystal structure of a novel antifungal protein distinct with five disulfide bridges from Ecommia ulmoides Oliver at atomic resolution
;
_struct.pdbx_model_details        ? 
_struct.pdbx_CASP_flag            ? 
_struct.pdbx_model_type_details   ? 
# 
_struct_keywords.entry_id        1P9G 
_struct_keywords.pdbx_keywords   'ANTIFUNGAL PROTEIN' 
_struct_keywords.text            'ANTIFUNGAL PEPTIDE, ATOMIC RESOLUTION, ANTIFUNGAL PROTEIN' 
# 
loop_
_struct_asym.id 
_struct_asym.pdbx_blank_PDB_chainid_flag 
_struct_asym.pdbx_modified 
_struct_asym.entity_id 
_struct_asym.details 
A N N 1 ? 
B N N 2 ? 
C N N 2 ? 
D N N 3 ? 
# 
_struct_ref.id                         1 
_struct_ref.db_name                    UNP 
_struct_ref.db_code                    EAP2_EUCUL 
_struct_ref.pdbx_db_accession          P83597 
_struct_ref.entity_id                  1 
_struct_ref.pdbx_align_begin           1 
_struct_ref.pdbx_db_isoform            ? 
_struct_ref.pdbx_seq_one_letter_code   ? 
# 
_struct_ref_seq.align_id                      1 
_struct_ref_seq.ref_id                        1 
_struct_ref_seq.pdbx_PDB_id_code              1P9G 
_struct_ref_seq.pdbx_strand_id                A 
_struct_ref_seq.seq_align_beg                 1 
_struct_ref_seq.pdbx_seq_align_beg_ins_code   ? 
_struct_ref_seq.seq_align_end                 41 
_struct_ref_seq.pdbx_seq_align_end_ins_code   ? 
_struct_ref_seq.pdbx_db_accession             P83597 
_struct_ref_seq.db_align_beg                  1 
_struct_ref_seq.pdbx_db_align_beg_ins_code    ? 
_struct_ref_seq.db_align_end                  41 
_struct_ref_seq.pdbx_db_align_end_ins_code    ? 
_struct_ref_seq.pdbx_auth_seq_align_beg       1 
_struct_ref_seq.pdbx_auth_seq_align_end       41 
# 
_pdbx_struct_assembly.id                   1 
_pdbx_struct_assembly.details              author_defined_assembly 
_pdbx_struct_assembly.method_details       ? 
_pdbx_struct_assembly.oligomeric_details   monomeric 
_pdbx_struct_assembly.oligomeric_count     1 
# 
_pdbx_struct_assembly_gen.assembly_id       1 
_pdbx_struct_assembly_gen.oper_expression   1 
_pdbx_struct_assembly_gen.asym_id_list      A,B,C,D 
# 
_pdbx_struct_oper_list.id                   1 
_pdbx_struct_oper_list.type                 'identity operation' 
_pdbx_struct_oper_list.name                 1_555 
_pdbx_struct_oper_list.symmetry_operation   x,y,z 
_pdbx_struct_oper_list.matrix[1][1]         1.0000000000 
_pdbx_struct_oper_list.matrix[1][2]         0.0000000000 
_pdbx_struct_oper_list.matrix[1][3]         0.0000000000 
_pdbx_struct_oper_list.vector[1]            0.0000000000 
_pdbx_struct_oper_list.matrix[2][1]         0.0000000000 
_pdbx_struct_oper_list.matrix[2][2]         1.0000000000 
_pdbx_struct_oper_list.matrix[2][3]         0.0000000000 
_pdbx_struct_oper_list.vector[2]            0.0000000000 
_pdbx_struct_oper_list.matrix[3][1]         0.0000000000 
_pdbx_struct_oper_list.matrix[3][2]         0.0000000000 
_pdbx_struct_oper_list.matrix[3][3]         1.0000000000 
_pdbx_struct_oper_list.vector[3]            0.0000000000 
# 
_struct_biol.id                    1 
_struct_biol.pdbx_parent_biol_id   ? 
_struct_biol.details               ? 
# 
loop_
_struct_conf.conf_type_id 
_struct_conf.id 
_struct_conf.pdbx_PDB_helix_id 
_struct_conf.beg_label_comp_id 
_struct_conf.beg_label_asym_id 
_struct_conf.beg_label_seq_id 
_struct_conf.pdbx_beg_PDB_ins_code 
_struct_conf.end_label_comp_id 
_struct_conf.end_label_asym_id 
_struct_conf.end_label_seq_id 
_struct_conf.pdbx_end_PDB_ins_code 
_struct_conf.beg_auth_comp_id 
_struct_conf.beg_auth_asym_id 
_struct_conf.beg_auth_seq_id 
_struct_conf.end_auth_comp_id 
_struct_conf.end_auth_asym_id 
_struct_conf.end_auth_seq_id 
_struct_conf.pdbx_PDB_helix_class 
_struct_conf.details 
_struct_conf.pdbx_PDB_helix_length 
HELX_P HELX_P1 1 THR A 2  ? CYS A 7  ? THR A 2  CYS A 7  5 ? 6 
HELX_P HELX_P2 2 GLY A 26 ? GLY A 31 ? GLY A 26 GLY A 31 1 ? 6 
# 
_struct_conf_type.id          HELX_P 
_struct_conf_type.criteria    ? 
_struct_conf_type.reference   ? 
# 
loop_
_struct_conn.id 
_struct_conn.conn_type_id 
_struct_conn.pdbx_leaving_atom_flag 
_struct_conn.pdbx_PDB_id 
_struct_conn.ptnr1_label_asym_id 
_struct_conn.ptnr1_label_comp_id 
_struct_conn.ptnr1_label_seq_id 
_struct_conn.ptnr1_label_atom_id 
_struct_conn.pdbx_ptnr1_label_alt_id 
_struct_conn.pdbx_ptnr1_PDB_ins_code 
_struct_conn.pdbx_ptnr1_standard_comp_id 
_struct_conn.ptnr1_symmetry 
_struct_conn.ptnr2_label_asym_id 
_struct_conn.ptnr2_label_comp_id 
_struct_conn.ptnr2_label_seq_id 
_struct_conn.ptnr2_label_atom_id 
_struct_conn.pdbx_ptnr2_label_alt_id 
_struct_conn.pdbx_ptnr2_PDB_ins_code 
_struct_conn.ptnr1_auth_asym_id 
_struct_conn.ptnr1_auth_comp_id 
_struct_conn.ptnr1_auth_seq_id 
_struct_conn.ptnr2_auth_asym_id 
_struct_conn.ptnr2_auth_comp_id 
_struct_conn.ptnr2_auth_seq_id 
_struct_conn.ptnr2_symmetry 
_struct_conn.pdbx_ptnr3_label_atom_id 
_struct_conn.pdbx_ptnr3_label_seq_id 
_struct_conn.pdbx_ptnr3_label_comp_id 
_struct_conn.pdbx_ptnr3_label_asym_id 
_struct_conn.pdbx_ptnr3_label_alt_id 
_struct_conn.pdbx_ptnr3_PDB_ins_code 
_struct_conn.details 
_struct_conn.pdbx_dist_value 
_struct_conn.pdbx_value_order 
_struct_conn.pdbx_role 
disulf1 disulf ?    ? A CYS 3  SG ? ? ? 1_555 A CYS 17 SG ? ? A CYS 3  A CYS 17 1_555 ? ? ? ? ? ? ? 2.030 ? ? 
disulf2 disulf ?    ? A CYS 7  SG ? ? ? 1_555 A CYS 37 SG ? ? A CYS 7  A CYS 37 1_555 ? ? ? ? ? ? ? 2.025 ? ? 
disulf3 disulf ?    ? A CYS 11 SG ? ? ? 1_555 A CYS 23 SG ? ? A CYS 11 A CYS 23 1_555 ? ? ? ? ? ? ? 2.032 ? ? 
disulf4 disulf ?    ? A CYS 16 SG ? ? ? 1_555 A CYS 30 SG ? ? A CYS 16 A CYS 30 1_555 ? ? ? ? ? ? ? 2.033 ? ? 
disulf5 disulf ?    ? A CYS 35 SG ? ? ? 1_555 A CYS 39 SG ? ? A CYS 35 A CYS 39 1_555 ? ? ? ? ? ? ? 2.018 ? ? 
covale1 covale both ? A PCA 1  C  ? ? ? 1_555 A THR 2  N  ? ? A PCA 1  A THR 2  1_555 ? ? ? ? ? ? ? 1.298 ? ? 
# 
loop_
_struct_conn_type.id 
_struct_conn_type.criteria 
_struct_conn_type.reference 
disulf ? ? 
covale ? ? 
# 
loop_
_pdbx_modification_feature.ordinal 
_pdbx_modification_feature.label_comp_id 
_pdbx_modification_feature.label_asym_id 
_pdbx_modification_feature.label_seq_id 
_pdbx_modification_feature.label_alt_id 
_pdbx_modification_feature.modified_residue_label_comp_id 
_pdbx_modification_feature.modified_residue_label_asym_id 
_pdbx_modification_feature.modified_residue_label_seq_id 
_pdbx_modification_feature.modified_residue_label_alt_id 
_pdbx_modification_feature.auth_comp_id 
_pdbx_modification_feature.auth_asym_id 
_pdbx_modification_feature.auth_seq_id 
_pdbx_modification_feature.PDB_ins_code 
_pdbx_modification_feature.symmetry 
_pdbx_modification_feature.modified_residue_auth_comp_id 
_pdbx_modification_feature.modified_residue_auth_asym_id 
_pdbx_modification_feature.modified_residue_auth_seq_id 
_pdbx_modification_feature.modified_residue_PDB_ins_code 
_pdbx_modification_feature.modified_residue_symmetry 
_pdbx_modification_feature.comp_id_linking_atom 
_pdbx_modification_feature.modified_residue_id_linking_atom 
_pdbx_modification_feature.modified_residue_id 
_pdbx_modification_feature.ref_pcm_id 
_pdbx_modification_feature.ref_comp_id 
_pdbx_modification_feature.type 
_pdbx_modification_feature.category 
1 PCA A 1  ? .   . .  . PCA A 1  ? 1_555 .   . .  . .     .  .  GLN 1 PCA 'Pyrrolidone carboxylic acid' 
'Named protein modification' 
2 CYS A 3  ? CYS A 17 ? CYS A 3  ? 1_555 CYS A 17 ? 1_555 SG SG .   . .   None                          'Disulfide bridge' 
3 CYS A 7  ? CYS A 37 ? CYS A 7  ? 1_555 CYS A 37 ? 1_555 SG SG .   . .   None                          'Disulfide bridge' 
4 CYS A 11 ? CYS A 23 ? CYS A 11 ? 1_555 CYS A 23 ? 1_555 SG SG .   . .   None                          'Disulfide bridge' 
5 CYS A 16 ? CYS A 30 ? CYS A 16 ? 1_555 CYS A 30 ? 1_555 SG SG .   . .   None                          'Disulfide bridge' 
6 CYS A 35 ? CYS A 39 ? CYS A 35 ? 1_555 CYS A 39 ? 1_555 SG SG .   . .   None                          'Disulfide bridge' 
# 
_struct_mon_prot_cis.pdbx_id                1 
_struct_mon_prot_cis.label_comp_id          CYS 
_struct_mon_prot_cis.label_seq_id           7 
_struct_mon_prot_cis.label_asym_id          A 
_struct_mon_prot_cis.label_alt_id           . 
_struct_mon_prot_cis.pdbx_PDB_ins_code      ? 
_struct_mon_prot_cis.auth_comp_id           CYS 
_struct_mon_prot_cis.auth_seq_id            7 
_struct_mon_prot_cis.auth_asym_id           A 
_struct_mon_prot_cis.pdbx_label_comp_id_2   PRO 
_struct_mon_prot_cis.pdbx_label_seq_id_2    8 
_struct_mon_prot_cis.pdbx_label_asym_id_2   A 
_struct_mon_prot_cis.pdbx_PDB_ins_code_2    ? 
_struct_mon_prot_cis.pdbx_auth_comp_id_2    PRO 
_struct_mon_prot_cis.pdbx_auth_seq_id_2     8 
_struct_mon_prot_cis.pdbx_auth_asym_id_2    A 
_struct_mon_prot_cis.pdbx_PDB_model_num     1 
_struct_mon_prot_cis.pdbx_omega_angle       17.57 
# 
_struct_sheet.id               A 
_struct_sheet.type             ? 
_struct_sheet.number_strands   3 
_struct_sheet.details          ? 
# 
loop_
_struct_sheet_order.sheet_id 
_struct_sheet_order.range_id_1 
_struct_sheet_order.range_id_2 
_struct_sheet_order.offset 
_struct_sheet_order.sense 
A 1 2 ? anti-parallel 
A 2 3 ? anti-parallel 
# 
loop_
_struct_sheet_range.sheet_id 
_struct_sheet_range.id 
_struct_sheet_range.beg_label_comp_id 
_struct_sheet_range.beg_label_asym_id 
_struct_sheet_range.beg_label_seq_id 
_struct_sheet_range.pdbx_beg_PDB_ins_code 
_struct_sheet_range.end_label_comp_id 
_struct_sheet_range.end_label_asym_id 
_struct_sheet_range.end_label_seq_id 
_struct_sheet_range.pdbx_end_PDB_ins_code 
_struct_sheet_range.beg_auth_comp_id 
_struct_sheet_range.beg_auth_asym_id 
_struct_sheet_range.beg_auth_seq_id 
_struct_sheet_range.end_auth_comp_id 
_struct_sheet_range.end_auth_asym_id 
_struct_sheet_range.end_auth_seq_id 
A 1 CYS A 23 ? GLY A 24 ? CYS A 23 GLY A 24 
A 2 CYS A 16 ? SER A 18 ? CYS A 16 SER A 18 
A 3 CYS A 35 ? CYS A 37 ? CYS A 35 CYS A 37 
# 
loop_
_pdbx_struct_sheet_hbond.sheet_id 
_pdbx_struct_sheet_hbond.range_id_1 
_pdbx_struct_sheet_hbond.range_id_2 
_pdbx_struct_sheet_hbond.range_1_label_atom_id 
_pdbx_struct_sheet_hbond.range_1_label_comp_id 
_pdbx_struct_sheet_hbond.range_1_label_asym_id 
_pdbx_struct_sheet_hbond.range_1_label_seq_id 
_pdbx_struct_sheet_hbond.range_1_PDB_ins_code 
_pdbx_struct_sheet_hbond.range_1_auth_atom_id 
_pdbx_struct_sheet_hbond.range_1_auth_comp_id 
_pdbx_struct_sheet_hbond.range_1_auth_asym_id 
_pdbx_struct_sheet_hbond.range_1_auth_seq_id 
_pdbx_struct_sheet_hbond.range_2_label_atom_id 
_pdbx_struct_sheet_hbond.range_2_label_comp_id 
_pdbx_struct_sheet_hbond.range_2_label_asym_id 
_pdbx_struct_sheet_hbond.range_2_label_seq_id 
_pdbx_struct_sheet_hbond.range_2_PDB_ins_code 
_pdbx_struct_sheet_hbond.range_2_auth_atom_id 
_pdbx_struct_sheet_hbond.range_2_auth_comp_id 
_pdbx_struct_sheet_hbond.range_2_auth_asym_id 
_pdbx_struct_sheet_hbond.range_2_auth_seq_id 
A 1 2 O GLY A 24 ? O GLY A 24 N CYS A 16 ? N CYS A 16 
A 2 3 N CYS A 17 ? N CYS A 17 O ARG A 36 ? O ARG A 36 
# 
loop_
_struct_site.id 
_struct_site.pdbx_evidence_code 
_struct_site.pdbx_auth_asym_id 
_struct_site.pdbx_auth_comp_id 
_struct_site.pdbx_auth_seq_id 
_struct_site.pdbx_auth_ins_code 
_struct_site.pdbx_num_residues 
_struct_site.details 
AC1 Software A ACT 42 ? 8 'BINDING SITE FOR RESIDUE ACT A 42' 
AC2 Software A ACT 43 ? 5 'BINDING SITE FOR RESIDUE ACT A 43' 
# 
loop_
_struct_site_gen.id 
_struct_site_gen.site_id 
_struct_site_gen.pdbx_num_res 
_struct_site_gen.label_comp_id 
_struct_site_gen.label_asym_id 
_struct_site_gen.label_seq_id 
_struct_site_gen.pdbx_auth_ins_code 
_struct_site_gen.auth_comp_id 
_struct_site_gen.auth_asym_id 
_struct_site_gen.auth_seq_id 
_struct_site_gen.label_atom_id 
_struct_site_gen.label_alt_id 
_struct_site_gen.symmetry 
_struct_site_gen.details 
1  AC1 8 PCA A 1  ? PCA A 1  . ? 1_555 ? 
2  AC1 8 CYS A 3  ? CYS A 3  . ? 1_555 ? 
3  AC1 8 ARG A 6  ? ARG A 6  . ? 1_555 ? 
4  AC1 8 GLY A 21 ? GLY A 21 . ? 1_555 ? 
5  AC1 8 TYR A 22 ? TYR A 22 . ? 1_555 ? 
6  AC1 8 CYS A 23 ? CYS A 23 . ? 1_555 ? 
7  AC1 8 HOH D .  ? HOH A 58 . ? 1_555 ? 
8  AC1 8 HOH D .  ? HOH A 71 . ? 1_555 ? 
9  AC2 5 ASN A 12 ? ASN A 12 . ? 1_555 ? 
10 AC2 5 ALA A 13 ? ALA A 13 . ? 1_555 ? 
11 AC2 5 ARG A 40 ? ARG A 40 . ? 1_655 ? 
12 AC2 5 HOH D .  ? HOH A 53 . ? 1_555 ? 
13 AC2 5 HOH D .  ? HOH A 73 . ? 1_655 ? 
# 
_pdbx_entry_details.entry_id                   1P9G 
_pdbx_entry_details.compound_details           ? 
_pdbx_entry_details.source_details             ? 
_pdbx_entry_details.nonpolymer_details         ? 
_pdbx_entry_details.sequence_details           ? 
_pdbx_entry_details.has_ligand_of_interest     ? 
_pdbx_entry_details.has_protein_modification   Y 
# 
loop_
_pdbx_validate_rmsd_angle.id 
_pdbx_validate_rmsd_angle.PDB_model_num 
_pdbx_validate_rmsd_angle.auth_atom_id_1 
_pdbx_validate_rmsd_angle.auth_asym_id_1 
_pdbx_validate_rmsd_angle.auth_comp_id_1 
_pdbx_validate_rmsd_angle.auth_seq_id_1 
_pdbx_validate_rmsd_angle.PDB_ins_code_1 
_pdbx_validate_rmsd_angle.label_alt_id_1 
_pdbx_validate_rmsd_angle.auth_atom_id_2 
_pdbx_validate_rmsd_angle.auth_asym_id_2 
_pdbx_validate_rmsd_angle.auth_comp_id_2 
_pdbx_validate_rmsd_angle.auth_seq_id_2 
_pdbx_validate_rmsd_angle.PDB_ins_code_2 
_pdbx_validate_rmsd_angle.label_alt_id_2 
_pdbx_validate_rmsd_angle.auth_atom_id_3 
_pdbx_validate_rmsd_angle.auth_asym_id_3 
_pdbx_validate_rmsd_angle.auth_comp_id_3 
_pdbx_validate_rmsd_angle.auth_seq_id_3 
_pdbx_validate_rmsd_angle.PDB_ins_code_3 
_pdbx_validate_rmsd_angle.label_alt_id_3 
_pdbx_validate_rmsd_angle.angle_value 
_pdbx_validate_rmsd_angle.angle_target_value 
_pdbx_validate_rmsd_angle.angle_deviation 
_pdbx_validate_rmsd_angle.angle_standard_deviation 
_pdbx_validate_rmsd_angle.linker_flag 
1 1 N  A ARG 9  ? ? CA A ARG 9  ? ? CB  A ARG 9  ? A 122.28 110.60 11.68 1.80 N 
2 1 NE A ARG 9  ? A CZ A ARG 9  ? A NH2 A ARG 9  ? A 123.30 120.30 3.00  0.50 N 
3 1 CB A TYR 20 ? ? CG A TYR 20 ? ? CD1 A TYR 20 ? ? 115.96 121.00 -5.04 0.60 N 
4 1 N  A SER 25 ? ? CA A SER 25 ? ? CB  A SER 25 ? B 100.76 110.50 -9.74 1.50 N 
# 
_pdbx_struct_mod_residue.id               1 
_pdbx_struct_mod_residue.label_asym_id    A 
_pdbx_struct_mod_residue.label_comp_id    PCA 
_pdbx_struct_mod_residue.label_seq_id     1 
_pdbx_struct_mod_residue.auth_asym_id     A 
_pdbx_struct_mod_residue.auth_comp_id     PCA 
_pdbx_struct_mod_residue.auth_seq_id      1 
_pdbx_struct_mod_residue.PDB_ins_code     ? 
_pdbx_struct_mod_residue.parent_comp_id   GLN 
_pdbx_struct_mod_residue.details          'PYROGLUTAMIC ACID' 
# 
_pdbx_database_remark.id     999 
_pdbx_database_remark.text   'It appears that this protein sequence has not been deposited in the sequence database.' 
# 
loop_
_chem_comp_atom.comp_id 
_chem_comp_atom.atom_id 
_chem_comp_atom.type_symbol 
_chem_comp_atom.pdbx_aromatic_flag 
_chem_comp_atom.pdbx_stereo_config 
_chem_comp_atom.pdbx_ordinal 
ACT C    C N N 1   
ACT O    O N N 2   
ACT OXT  O N N 3   
ACT CH3  C N N 4   
ACT H1   H N N 5   
ACT H2   H N N 6   
ACT H3   H N N 7   
ALA N    N N N 8   
ALA CA   C N S 9   
ALA C    C N N 10  
ALA O    O N N 11  
ALA CB   C N N 12  
ALA OXT  O N N 13  
ALA H    H N N 14  
ALA H2   H N N 15  
ALA HA   H N N 16  
ALA HB1  H N N 17  
ALA HB2  H N N 18  
ALA HB3  H N N 19  
ALA HXT  H N N 20  
ARG N    N N N 21  
ARG CA   C N S 22  
ARG C    C N N 23  
ARG O    O N N 24  
ARG CB   C N N 25  
ARG CG   C N N 26  
ARG CD   C N N 27  
ARG NE   N N N 28  
ARG CZ   C N N 29  
ARG NH1  N N N 30  
ARG NH2  N N N 31  
ARG OXT  O N N 32  
ARG H    H N N 33  
ARG H2   H N N 34  
ARG HA   H N N 35  
ARG HB2  H N N 36  
ARG HB3  H N N 37  
ARG HG2  H N N 38  
ARG HG3  H N N 39  
ARG HD2  H N N 40  
ARG HD3  H N N 41  
ARG HE   H N N 42  
ARG HH11 H N N 43  
ARG HH12 H N N 44  
ARG HH21 H N N 45  
ARG HH22 H N N 46  
ARG HXT  H N N 47  
ASN N    N N N 48  
ASN CA   C N S 49  
ASN C    C N N 50  
ASN O    O N N 51  
ASN CB   C N N 52  
ASN CG   C N N 53  
ASN OD1  O N N 54  
ASN ND2  N N N 55  
ASN OXT  O N N 56  
ASN H    H N N 57  
ASN H2   H N N 58  
ASN HA   H N N 59  
ASN HB2  H N N 60  
ASN HB3  H N N 61  
ASN HD21 H N N 62  
ASN HD22 H N N 63  
ASN HXT  H N N 64  
CYS N    N N N 65  
CYS CA   C N R 66  
CYS C    C N N 67  
CYS O    O N N 68  
CYS CB   C N N 69  
CYS SG   S N N 70  
CYS OXT  O N N 71  
CYS H    H N N 72  
CYS H2   H N N 73  
CYS HA   H N N 74  
CYS HB2  H N N 75  
CYS HB3  H N N 76  
CYS HG   H N N 77  
CYS HXT  H N N 78  
GLN N    N N N 79  
GLN CA   C N S 80  
GLN C    C N N 81  
GLN O    O N N 82  
GLN CB   C N N 83  
GLN CG   C N N 84  
GLN CD   C N N 85  
GLN OE1  O N N 86  
GLN NE2  N N N 87  
GLN OXT  O N N 88  
GLN H    H N N 89  
GLN H2   H N N 90  
GLN HA   H N N 91  
GLN HB2  H N N 92  
GLN HB3  H N N 93  
GLN HG2  H N N 94  
GLN HG3  H N N 95  
GLN HE21 H N N 96  
GLN HE22 H N N 97  
GLN HXT  H N N 98  
GLY N    N N N 99  
GLY CA   C N N 100 
GLY C    C N N 101 
GLY O    O N N 102 
GLY OXT  O N N 103 
GLY H    H N N 104 
GLY H2   H N N 105 
GLY HA2  H N N 106 
GLY HA3  H N N 107 
GLY HXT  H N N 108 
HOH O    O N N 109 
HOH H1   H N N 110 
HOH H2   H N N 111 
ILE N    N N N 112 
ILE CA   C N S 113 
ILE C    C N N 114 
ILE O    O N N 115 
ILE CB   C N S 116 
ILE CG1  C N N 117 
ILE CG2  C N N 118 
ILE CD1  C N N 119 
ILE OXT  O N N 120 
ILE H    H N N 121 
ILE H2   H N N 122 
ILE HA   H N N 123 
ILE HB   H N N 124 
ILE HG12 H N N 125 
ILE HG13 H N N 126 
ILE HG21 H N N 127 
ILE HG22 H N N 128 
ILE HG23 H N N 129 
ILE HD11 H N N 130 
ILE HD12 H N N 131 
ILE HD13 H N N 132 
ILE HXT  H N N 133 
LEU N    N N N 134 
LEU CA   C N S 135 
LEU C    C N N 136 
LEU O    O N N 137 
LEU CB   C N N 138 
LEU CG   C N N 139 
LEU CD1  C N N 140 
LEU CD2  C N N 141 
LEU OXT  O N N 142 
LEU H    H N N 143 
LEU H2   H N N 144 
LEU HA   H N N 145 
LEU HB2  H N N 146 
LEU HB3  H N N 147 
LEU HG   H N N 148 
LEU HD11 H N N 149 
LEU HD12 H N N 150 
LEU HD13 H N N 151 
LEU HD21 H N N 152 
LEU HD22 H N N 153 
LEU HD23 H N N 154 
LEU HXT  H N N 155 
PCA N    N N N 156 
PCA CA   C N S 157 
PCA CB   C N N 158 
PCA CG   C N N 159 
PCA CD   C N N 160 
PCA OE   O N N 161 
PCA C    C N N 162 
PCA O    O N N 163 
PCA OXT  O N N 164 
PCA H    H N N 165 
PCA HA   H N N 166 
PCA HB2  H N N 167 
PCA HB3  H N N 168 
PCA HG2  H N N 169 
PCA HG3  H N N 170 
PCA HXT  H N N 171 
PRO N    N N N 172 
PRO CA   C N S 173 
PRO C    C N N 174 
PRO O    O N N 175 
PRO CB   C N N 176 
PRO CG   C N N 177 
PRO CD   C N N 178 
PRO OXT  O N N 179 
PRO H    H N N 180 
PRO HA   H N N 181 
PRO HB2  H N N 182 
PRO HB3  H N N 183 
PRO HG2  H N N 184 
PRO HG3  H N N 185 
PRO HD2  H N N 186 
PRO HD3  H N N 187 
PRO HXT  H N N 188 
SER N    N N N 189 
SER CA   C N S 190 
SER C    C N N 191 
SER O    O N N 192 
SER CB   C N N 193 
SER OG   O N N 194 
SER OXT  O N N 195 
SER H    H N N 196 
SER H2   H N N 197 
SER HA   H N N 198 
SER HB2  H N N 199 
SER HB3  H N N 200 
SER HG   H N N 201 
SER HXT  H N N 202 
THR N    N N N 203 
THR CA   C N S 204 
THR C    C N N 205 
THR O    O N N 206 
THR CB   C N R 207 
THR OG1  O N N 208 
THR CG2  C N N 209 
THR OXT  O N N 210 
THR H    H N N 211 
THR H2   H N N 212 
THR HA   H N N 213 
THR HB   H N N 214 
THR HG1  H N N 215 
THR HG21 H N N 216 
THR HG22 H N N 217 
THR HG23 H N N 218 
THR HXT  H N N 219 
TYR N    N N N 220 
TYR CA   C N S 221 
TYR C    C N N 222 
TYR O    O N N 223 
TYR CB   C N N 224 
TYR CG   C Y N 225 
TYR CD1  C Y N 226 
TYR CD2  C Y N 227 
TYR CE1  C Y N 228 
TYR CE2  C Y N 229 
TYR CZ   C Y N 230 
TYR OH   O N N 231 
TYR OXT  O N N 232 
TYR H    H N N 233 
TYR H2   H N N 234 
TYR HA   H N N 235 
TYR HB2  H N N 236 
TYR HB3  H N N 237 
TYR HD1  H N N 238 
TYR HD2  H N N 239 
TYR HE1  H N N 240 
TYR HE2  H N N 241 
TYR HH   H N N 242 
TYR HXT  H N N 243 
# 
loop_
_chem_comp_bond.comp_id 
_chem_comp_bond.atom_id_1 
_chem_comp_bond.atom_id_2 
_chem_comp_bond.value_order 
_chem_comp_bond.pdbx_aromatic_flag 
_chem_comp_bond.pdbx_stereo_config 
_chem_comp_bond.pdbx_ordinal 
ACT C   O    doub N N 1   
ACT C   OXT  sing N N 2   
ACT C   CH3  sing N N 3   
ACT CH3 H1   sing N N 4   
ACT CH3 H2   sing N N 5   
ACT CH3 H3   sing N N 6   
ALA N   CA   sing N N 7   
ALA N   H    sing N N 8   
ALA N   H2   sing N N 9   
ALA CA  C    sing N N 10  
ALA CA  CB   sing N N 11  
ALA CA  HA   sing N N 12  
ALA C   O    doub N N 13  
ALA C   OXT  sing N N 14  
ALA CB  HB1  sing N N 15  
ALA CB  HB2  sing N N 16  
ALA CB  HB3  sing N N 17  
ALA OXT HXT  sing N N 18  
ARG N   CA   sing N N 19  
ARG N   H    sing N N 20  
ARG N   H2   sing N N 21  
ARG CA  C    sing N N 22  
ARG CA  CB   sing N N 23  
ARG CA  HA   sing N N 24  
ARG C   O    doub N N 25  
ARG C   OXT  sing N N 26  
ARG CB  CG   sing N N 27  
ARG CB  HB2  sing N N 28  
ARG CB  HB3  sing N N 29  
ARG CG  CD   sing N N 30  
ARG CG  HG2  sing N N 31  
ARG CG  HG3  sing N N 32  
ARG CD  NE   sing N N 33  
ARG CD  HD2  sing N N 34  
ARG CD  HD3  sing N N 35  
ARG NE  CZ   sing N N 36  
ARG NE  HE   sing N N 37  
ARG CZ  NH1  sing N N 38  
ARG CZ  NH2  doub N N 39  
ARG NH1 HH11 sing N N 40  
ARG NH1 HH12 sing N N 41  
ARG NH2 HH21 sing N N 42  
ARG NH2 HH22 sing N N 43  
ARG OXT HXT  sing N N 44  
ASN N   CA   sing N N 45  
ASN N   H    sing N N 46  
ASN N   H2   sing N N 47  
ASN CA  C    sing N N 48  
ASN CA  CB   sing N N 49  
ASN CA  HA   sing N N 50  
ASN C   O    doub N N 51  
ASN C   OXT  sing N N 52  
ASN CB  CG   sing N N 53  
ASN CB  HB2  sing N N 54  
ASN CB  HB3  sing N N 55  
ASN CG  OD1  doub N N 56  
ASN CG  ND2  sing N N 57  
ASN ND2 HD21 sing N N 58  
ASN ND2 HD22 sing N N 59  
ASN OXT HXT  sing N N 60  
CYS N   CA   sing N N 61  
CYS N   H    sing N N 62  
CYS N   H2   sing N N 63  
CYS CA  C    sing N N 64  
CYS CA  CB   sing N N 65  
CYS CA  HA   sing N N 66  
CYS C   O    doub N N 67  
CYS C   OXT  sing N N 68  
CYS CB  SG   sing N N 69  
CYS CB  HB2  sing N N 70  
CYS CB  HB3  sing N N 71  
CYS SG  HG   sing N N 72  
CYS OXT HXT  sing N N 73  
GLN N   CA   sing N N 74  
GLN N   H    sing N N 75  
GLN N   H2   sing N N 76  
GLN CA  C    sing N N 77  
GLN CA  CB   sing N N 78  
GLN CA  HA   sing N N 79  
GLN C   O    doub N N 80  
GLN C   OXT  sing N N 81  
GLN CB  CG   sing N N 82  
GLN CB  HB2  sing N N 83  
GLN CB  HB3  sing N N 84  
GLN CG  CD   sing N N 85  
GLN CG  HG2  sing N N 86  
GLN CG  HG3  sing N N 87  
GLN CD  OE1  doub N N 88  
GLN CD  NE2  sing N N 89  
GLN NE2 HE21 sing N N 90  
GLN NE2 HE22 sing N N 91  
GLN OXT HXT  sing N N 92  
GLY N   CA   sing N N 93  
GLY N   H    sing N N 94  
GLY N   H2   sing N N 95  
GLY CA  C    sing N N 96  
GLY CA  HA2  sing N N 97  
GLY CA  HA3  sing N N 98  
GLY C   O    doub N N 99  
GLY C   OXT  sing N N 100 
GLY OXT HXT  sing N N 101 
HOH O   H1   sing N N 102 
HOH O   H2   sing N N 103 
ILE N   CA   sing N N 104 
ILE N   H    sing N N 105 
ILE N   H2   sing N N 106 
ILE CA  C    sing N N 107 
ILE CA  CB   sing N N 108 
ILE CA  HA   sing N N 109 
ILE C   O    doub N N 110 
ILE C   OXT  sing N N 111 
ILE CB  CG1  sing N N 112 
ILE CB  CG2  sing N N 113 
ILE CB  HB   sing N N 114 
ILE CG1 CD1  sing N N 115 
ILE CG1 HG12 sing N N 116 
ILE CG1 HG13 sing N N 117 
ILE CG2 HG21 sing N N 118 
ILE CG2 HG22 sing N N 119 
ILE CG2 HG23 sing N N 120 
ILE CD1 HD11 sing N N 121 
ILE CD1 HD12 sing N N 122 
ILE CD1 HD13 sing N N 123 
ILE OXT HXT  sing N N 124 
LEU N   CA   sing N N 125 
LEU N   H    sing N N 126 
LEU N   H2   sing N N 127 
LEU CA  C    sing N N 128 
LEU CA  CB   sing N N 129 
LEU CA  HA   sing N N 130 
LEU C   O    doub N N 131 
LEU C   OXT  sing N N 132 
LEU CB  CG   sing N N 133 
LEU CB  HB2  sing N N 134 
LEU CB  HB3  sing N N 135 
LEU CG  CD1  sing N N 136 
LEU CG  CD2  sing N N 137 
LEU CG  HG   sing N N 138 
LEU CD1 HD11 sing N N 139 
LEU CD1 HD12 sing N N 140 
LEU CD1 HD13 sing N N 141 
LEU CD2 HD21 sing N N 142 
LEU CD2 HD22 sing N N 143 
LEU CD2 HD23 sing N N 144 
LEU OXT HXT  sing N N 145 
PCA N   CA   sing N N 146 
PCA N   CD   sing N N 147 
PCA N   H    sing N N 148 
PCA CA  CB   sing N N 149 
PCA CA  C    sing N N 150 
PCA CA  HA   sing N N 151 
PCA CB  CG   sing N N 152 
PCA CB  HB2  sing N N 153 
PCA CB  HB3  sing N N 154 
PCA CG  CD   sing N N 155 
PCA CG  HG2  sing N N 156 
PCA CG  HG3  sing N N 157 
PCA CD  OE   doub N N 158 
PCA C   O    doub N N 159 
PCA C   OXT  sing N N 160 
PCA OXT HXT  sing N N 161 
PRO N   CA   sing N N 162 
PRO N   CD   sing N N 163 
PRO N   H    sing N N 164 
PRO CA  C    sing N N 165 
PRO CA  CB   sing N N 166 
PRO CA  HA   sing N N 167 
PRO C   O    doub N N 168 
PRO C   OXT  sing N N 169 
PRO CB  CG   sing N N 170 
PRO CB  HB2  sing N N 171 
PRO CB  HB3  sing N N 172 
PRO CG  CD   sing N N 173 
PRO CG  HG2  sing N N 174 
PRO CG  HG3  sing N N 175 
PRO CD  HD2  sing N N 176 
PRO CD  HD3  sing N N 177 
PRO OXT HXT  sing N N 178 
SER N   CA   sing N N 179 
SER N   H    sing N N 180 
SER N   H2   sing N N 181 
SER CA  C    sing N N 182 
SER CA  CB   sing N N 183 
SER CA  HA   sing N N 184 
SER C   O    doub N N 185 
SER C   OXT  sing N N 186 
SER CB  OG   sing N N 187 
SER CB  HB2  sing N N 188 
SER CB  HB3  sing N N 189 
SER OG  HG   sing N N 190 
SER OXT HXT  sing N N 191 
THR N   CA   sing N N 192 
THR N   H    sing N N 193 
THR N   H2   sing N N 194 
THR CA  C    sing N N 195 
THR CA  CB   sing N N 196 
THR CA  HA   sing N N 197 
THR C   O    doub N N 198 
THR C   OXT  sing N N 199 
THR CB  OG1  sing N N 200 
THR CB  CG2  sing N N 201 
THR CB  HB   sing N N 202 
THR OG1 HG1  sing N N 203 
THR CG2 HG21 sing N N 204 
THR CG2 HG22 sing N N 205 
THR CG2 HG23 sing N N 206 
THR OXT HXT  sing N N 207 
TYR N   CA   sing N N 208 
TYR N   H    sing N N 209 
TYR N   H2   sing N N 210 
TYR CA  C    sing N N 211 
TYR CA  CB   sing N N 212 
TYR CA  HA   sing N N 213 
TYR C   O    doub N N 214 
TYR C   OXT  sing N N 215 
TYR CB  CG   sing N N 216 
TYR CB  HB2  sing N N 217 
TYR CB  HB3  sing N N 218 
TYR CG  CD1  doub Y N 219 
TYR CG  CD2  sing Y N 220 
TYR CD1 CE1  sing Y N 221 
TYR CD1 HD1  sing N N 222 
TYR CD2 CE2  doub Y N 223 
TYR CD2 HD2  sing N N 224 
TYR CE1 CZ   doub Y N 225 
TYR CE1 HE1  sing N N 226 
TYR CE2 CZ   sing Y N 227 
TYR CE2 HE2  sing N N 228 
TYR CZ  OH   sing N N 229 
TYR OH  HH   sing N N 230 
TYR OXT HXT  sing N N 231 
# 
_atom_sites.entry_id                    1P9G 
_atom_sites.fract_transf_matrix[1][1]   -0.05121202 
_atom_sites.fract_transf_matrix[1][2]   -0.01111778 
_atom_sites.fract_transf_matrix[1][3]   0.00912598 
_atom_sites.fract_transf_matrix[2][1]   0.01136053 
_atom_sites.fract_transf_matrix[2][2]   -0.02503955 
_atom_sites.fract_transf_matrix[2][3]   0.03324701 
_atom_sites.fract_transf_matrix[3][1]   -0.00671923 
_atom_sites.fract_transf_matrix[3][2]   0.02459689 
_atom_sites.fract_transf_matrix[3][3]   0.02082079 
_atom_sites.fract_transf_vector[1]      -0.372943 
_atom_sites.fract_transf_vector[2]      0.030677 
_atom_sites.fract_transf_vector[3]      -0.228861 
# 
loop_
_atom_type.symbol 
C 
H 
N 
O 
S 
# 
loop_
_atom_site.group_PDB 
_atom_site.id 
_atom_site.type_symbol 
_atom_site.label_atom_id 
_atom_site.label_alt_id 
_atom_site.label_comp_id 
_atom_site.label_asym_id 
_atom_site.label_entity_id 
_atom_site.label_seq_id 
_atom_site.pdbx_PDB_ins_code 
_atom_site.Cartn_x 
_atom_site.Cartn_y 
_atom_site.Cartn_z 
_atom_site.occupancy 
_atom_site.B_iso_or_equiv 
_atom_site.pdbx_formal_charge 
_atom_site.auth_seq_id 
_atom_site.auth_comp_id 
_atom_site.auth_asym_id 
_atom_site.auth_atom_id 
_atom_site.pdbx_PDB_model_num 
HETATM 1   N N    . PCA A 1 1  ? -8.914  -3.557  -4.083  1.00 7.34  ? 1   PCA A N    1 
HETATM 2   C CA   . PCA A 1 1  ? -8.559  -4.669  -4.885  1.00 6.61  ? 1   PCA A CA   1 
HETATM 3   C CB   . PCA A 1 1  ? -9.947  -5.202  -5.341  1.00 10.33 ? 1   PCA A CB   1 
HETATM 4   C CG   . PCA A 1 1  ? -10.948 -4.340  -4.628  1.00 12.80 ? 1   PCA A CG   1 
HETATM 5   C CD   . PCA A 1 1  ? -10.205 -3.377  -3.892  1.00 9.85  ? 1   PCA A CD   1 
HETATM 6   O OE   . PCA A 1 1  ? -10.704 -2.501  -3.177  1.00 16.39 ? 1   PCA A OE   1 
HETATM 7   C C    . PCA A 1 1  ? -7.669  -4.336  -6.060  1.00 6.23  ? 1   PCA A C    1 
HETATM 8   O O    . PCA A 1 1  ? -7.052  -5.261  -6.579  1.00 9.19  ? 1   PCA A O    1 
HETATM 9   H H    . PCA A 1 1  ? -8.323  -3.032  -3.743  1.00 8.81  ? 1   PCA A H    1 
HETATM 10  H HA   . PCA A 1 1  ? -8.120  -5.344  -4.327  1.00 7.93  ? 1   PCA A HA   1 
HETATM 11  H HB2  . PCA A 1 1  ? -10.048 -5.121  -6.302  1.00 12.39 ? 1   PCA A HB2  1 
HETATM 12  H HB3  . PCA A 1 1  ? -10.057 -6.133  -5.093  1.00 12.39 ? 1   PCA A HB3  1 
HETATM 13  H HG2  . PCA A 1 1  ? -11.531 -3.901  -5.266  1.00 15.36 ? 1   PCA A HG2  1 
HETATM 14  H HG3  . PCA A 1 1  ? -11.491 -4.877  -4.030  1.00 15.36 ? 1   PCA A HG3  1 
ATOM   15  N N    . THR A 1 2  ? -7.633  -3.109  -6.482  1.00 5.53  ? 2   THR A N    1 
ATOM   16  C CA   . THR A 1 2  ? -6.864  -2.711  -7.647  1.00 6.25  ? 2   THR A CA   1 
ATOM   17  C C    . THR A 1 2  ? -5.976  -1.516  -7.350  1.00 5.04  ? 2   THR A C    1 
ATOM   18  O O    . THR A 1 2  ? -5.705  -0.695  -8.221  1.00 6.57  ? 2   THR A O    1 
ATOM   19  C CB   . THR A 1 2  ? -7.733  -2.442  -8.879  1.00 10.00 ? 2   THR A CB   1 
ATOM   20  O OG1  . THR A 1 2  ? -8.600  -1.348  -8.547  1.00 12.29 ? 2   THR A OG1  1 
ATOM   21  C CG2  . THR A 1 2  ? -8.531  -3.631  -9.265  1.00 15.29 ? 2   THR A CG2  1 
ATOM   22  H H    . THR A 1 2  ? -8.080  -2.510  -6.056  1.00 6.63  ? 2   THR A H    1 
ATOM   23  H HA   . THR A 1 2  ? -6.273  -3.461  -7.871  1.00 7.50  ? 2   THR A HA   1 
ATOM   24  H HB   . THR A 1 2  ? -7.158  -2.181  -9.627  1.00 12.00 ? 2   THR A HB   1 
ATOM   25  H HG1  . THR A 1 2  ? -8.150  -0.696  -8.337  1.00 18.44 ? 2   THR A HG1  1 
ATOM   26  H HG21 . THR A 1 2  ? -9.072  -3.418  -10.030 1.00 22.94 ? 2   THR A HG21 1 
ATOM   27  H HG22 . THR A 1 2  ? -9.097  -3.889  -8.534  1.00 22.94 ? 2   THR A HG22 1 
ATOM   28  H HG23 . THR A 1 2  ? -7.940  -4.355  -9.484  1.00 22.94 ? 2   THR A HG23 1 
ATOM   29  N N    . CYS A 1 3  ? -5.477  -1.401  -6.111  1.00 3.94  ? 3   CYS A N    1 
ATOM   30  C CA   . CYS A 1 3  ? -4.795  -0.177  -5.723  1.00 3.64  ? 3   CYS A CA   1 
ATOM   31  C C    . CYS A 1 3  ? -3.569  0.119   -6.591  1.00 3.28  ? 3   CYS A C    1 
ATOM   32  O O    . CYS A 1 3  ? -3.250  1.291   -6.791  1.00 4.10  ? 3   CYS A O    1 
ATOM   33  C CB   . CYS A 1 3  ? -4.509  -0.122  -4.245  1.00 3.90  ? 3   CYS A CB   1 
ATOM   34  S SG   . CYS A 1 3  ? -3.300  -1.307  -3.576  1.00 3.91  ? 3   CYS A SG   1 
ATOM   35  H H    . CYS A 1 3  ? -5.561  -2.046  -5.548  1.00 4.73  ? 3   CYS A H    1 
ATOM   36  H HA   . CYS A 1 3  ? -5.428  0.549   -5.901  1.00 4.37  ? 3   CYS A HA   1 
ATOM   37  H HB2  . CYS A 1 3  ? -4.199  0.772   -4.032  1.00 4.68  ? 3   CYS A HB2  1 
ATOM   38  H HB3  . CYS A 1 3  ? -5.347  -0.254  -3.773  1.00 4.68  ? 3   CYS A HB3  1 
ATOM   39  N N    . ALA A 1 4  ? -2.852  -0.902  -7.064  1.00 3.64  ? 4   ALA A N    1 
ATOM   40  C CA   . ALA A 1 4  ? -1.631  -0.631  -7.798  1.00 4.07  ? 4   ALA A CA   1 
ATOM   41  C C    . ALA A 1 4  ? -1.864  0.229   -9.033  1.00 3.91  ? 4   ALA A C    1 
ATOM   42  O O    . ALA A 1 4  ? -0.976  0.948   -9.466  1.00 4.89  ? 4   ALA A O    1 
ATOM   43  C CB   . ALA A 1 4  ? -0.946  -1.949  -8.254  1.00 6.38  ? 4   ALA A CB   1 
ATOM   44  H H    . ALA A 1 4  ? -3.113  -1.713  -6.937  1.00 4.36  ? 4   ALA A H    1 
ATOM   45  H HA   . ALA A 1 4  ? -1.014  -0.154  -7.203  1.00 4.89  ? 4   ALA A HA   1 
ATOM   46  H HB1  . ALA A 1 4  ? -0.792  -2.510  -7.491  1.00 9.57  ? 4   ALA A HB1  1 
ATOM   47  H HB2  . ALA A 1 4  ? -0.109  -1.746  -8.676  1.00 9.57  ? 4   ALA A HB2  1 
ATOM   48  H HB3  . ALA A 1 4  ? -1.516  -2.406  -8.878  1.00 9.57  ? 4   ALA A HB3  1 
ATOM   49  N N    . SER A 1 5  ? -3.057  0.127   -9.622  1.00 4.23  ? 5   SER A N    1 
ATOM   50  C CA   . SER A 1 5  ? -3.391  0.891   -10.807 1.00 5.13  ? 5   SER A CA   1 
ATOM   51  C C    . SER A 1 5  ? -3.369  2.391   -10.568 1.00 4.95  ? 5   SER A C    1 
ATOM   52  O O    . SER A 1 5  ? -3.307  3.143   -11.537 1.00 8.20  ? 5   SER A O    1 
ATOM   53  C CB   A SER A 1 5  ? -4.734  0.529   -11.397 0.57 8.08  ? 5   SER A CB   1 
ATOM   54  C CB   B SER A 1 5  ? -4.721  0.393   -11.311 0.43 6.10  ? 5   SER A CB   1 
ATOM   55  O OG   A SER A 1 5  ? -5.849  0.871   -10.522 0.57 8.99  ? 5   SER A OG   1 
ATOM   56  O OG   B SER A 1 5  ? -4.637  -0.963  -11.690 0.43 8.33  ? 5   SER A OG   1 
ATOM   57  H H    . SER A 1 5  ? -3.644  -0.406  -9.289  1.00 5.07  ? 5   SER A H    1 
ATOM   58  H HA   . SER A 1 5  ? -2.711  0.693   -11.485 1.00 6.15  ? 5   SER A HA   1 
ATOM   59  H HB2  A SER A 1 5  ? -4.842  0.992   -12.242 0.57 9.70  ? 5   SER A HB2  1 
ATOM   60  H HB2  B SER A 1 5  ? -5.389  0.494   -10.614 0.43 7.32  ? 5   SER A HB2  1 
ATOM   61  H HB3  A SER A 1 5  ? -4.753  -0.424  -11.576 0.57 9.70  ? 5   SER A HB3  1 
ATOM   62  H HB3  B SER A 1 5  ? -4.999  0.926   -12.073 0.43 7.32  ? 5   SER A HB3  1 
ATOM   63  H HG   A SER A 1 5  ? -5.747  0.509   -9.794  0.57 13.48 ? 5   SER A HG   1 
ATOM   64  H HG   B SER A 1 5  ? -4.070  -1.048  -12.276 0.43 12.50 ? 5   SER A HG   1 
ATOM   65  N N    . ARG A 1 6  ? -3.464  2.823   -9.314  1.00 4.00  ? 6   ARG A N    1 
ATOM   66  C CA   . ARG A 1 6  ? -3.471  4.200   -8.917  1.00 4.14  ? 6   ARG A CA   1 
ATOM   67  C C    . ARG A 1 6  ? -2.184  4.678   -8.258  1.00 3.82  ? 6   ARG A C    1 
ATOM   68  O O    . ARG A 1 6  ? -2.091  5.804   -7.803  1.00 5.17  ? 6   ARG A O    1 
ATOM   69  C CB   . ARG A 1 6  ? -4.669  4.511   -7.993  1.00 6.00  ? 6   ARG A CB   1 
ATOM   70  C CG   . ARG A 1 6  ? -5.996  4.074   -8.462  1.00 8.59  ? 6   ARG A CG   1 
ATOM   71  C CD   . ARG A 1 6  ? -7.142  4.503   -7.530  1.00 9.90  ? 6   ARG A CD   1 
ATOM   72  N NE   . ARG A 1 6  ? -6.997  4.004   -6.118  1.00 8.29  ? 6   ARG A NE   1 
ATOM   73  C CZ   . ARG A 1 6  ? -7.365  2.787   -5.731  1.00 7.56  ? 6   ARG A CZ   1 
ATOM   74  N NH1  . ARG A 1 6  ? -7.197  2.448   -4.422  1.00 9.40  ? 6   ARG A NH1  1 
ATOM   75  N NH2  . ARG A 1 6  ? -7.840  1.870   -6.578  1.00 8.61  ? 6   ARG A NH2  1 
ATOM   76  H H    . ARG A 1 6  ? -3.527  2.230   -8.694  1.00 4.80  ? 6   ARG A H    1 
ATOM   77  H HA   . ARG A 1 6  ? -3.591  4.732   -9.731  1.00 4.97  ? 6   ARG A HA   1 
ATOM   78  H HB2  . ARG A 1 6  ? -4.502  4.097   -7.132  1.00 7.20  ? 6   ARG A HB2  1 
ATOM   79  H HB3  . ARG A 1 6  ? -4.699  5.471   -7.851  1.00 7.20  ? 6   ARG A HB3  1 
ATOM   80  H HG2  . ARG A 1 6  ? -6.153  4.443   -9.345  1.00 10.31 ? 6   ARG A HG2  1 
ATOM   81  H HG3  . ARG A 1 6  ? -5.999  3.108   -8.540  1.00 10.31 ? 6   ARG A HG3  1 
ATOM   82  H HD2  . ARG A 1 6  ? -7.189  5.472   -7.516  1.00 11.88 ? 6   ARG A HD2  1 
ATOM   83  H HD3  . ARG A 1 6  ? -7.980  4.174   -7.893  1.00 11.88 ? 6   ARG A HD3  1 
ATOM   84  H HE   . ARG A 1 6  ? -6.657  4.533   -5.532  1.00 9.95  ? 6   ARG A HE   1 
ATOM   85  H HH11 . ARG A 1 6  ? -7.396  1.654   -4.154  1.00 11.28 ? 6   ARG A HH11 1 
ATOM   86  H HH12 . ARG A 1 6  ? -6.892  3.026   -3.863  1.00 11.28 ? 6   ARG A HH12 1 
ATOM   87  H HH21 . ARG A 1 6  ? -7.919  2.058   -7.415  1.00 10.33 ? 6   ARG A HH21 1 
ATOM   88  H HH22 . ARG A 1 6  ? -8.068  1.094   -6.288  1.00 10.33 ? 6   ARG A HH22 1 
ATOM   89  N N    . CYS A 1 7  ? -1.164  3.810   -8.231  1.00 3.89  ? 7   CYS A N    1 
ATOM   90  C CA   . CYS A 1 7  ? 0.158   4.258   -7.802  1.00 4.00  ? 7   CYS A CA   1 
ATOM   91  C C    . CYS A 1 7  ? 0.532   5.451   -8.695  1.00 4.46  ? 7   CYS A C    1 
ATOM   92  O O    . CYS A 1 7  ? 0.241   5.430   -9.894  1.00 5.40  ? 7   CYS A O    1 
ATOM   93  C CB   . CYS A 1 7  ? 1.186   3.167   -7.931  1.00 4.40  ? 7   CYS A CB   1 
ATOM   94  S SG   . CYS A 1 7  ? 0.939   1.759   -6.806  1.00 5.07  ? 7   CYS A SG   1 
ATOM   95  H H    . CYS A 1 7  ? -1.288  2.992   -8.467  1.00 4.66  ? 7   CYS A H    1 
ATOM   96  H HA   . CYS A 1 7  ? 0.113   4.553   -6.869  1.00 4.80  ? 7   CYS A HA   1 
ATOM   97  H HB2  . CYS A 1 7  ? 1.177   2.841   -8.844  1.00 5.28  ? 7   CYS A HB2  1 
ATOM   98  H HB3  . CYS A 1 7  ? 2.063   3.547   -7.765  1.00 5.28  ? 7   CYS A HB3  1 
ATOM   99  N N    . PRO A 1 8  ? 1.152   6.500   -8.132  1.00 4.93  ? 8   PRO A N    1 
ATOM   100 C CA   . PRO A 1 8  ? 1.840   6.503   -6.831  1.00 5.59  ? 8   PRO A CA   1 
ATOM   101 C C    . PRO A 1 8  ? 1.031   6.833   -5.600  1.00 5.39  ? 8   PRO A C    1 
ATOM   102 O O    . PRO A 1 8  ? 1.600   6.752   -4.511  1.00 8.07  ? 8   PRO A O    1 
ATOM   103 C CB   . PRO A 1 8  ? 2.898   7.618   -7.079  1.00 8.62  ? 8   PRO A CB   1 
ATOM   104 C CG   . PRO A 1 8  ? 2.248   8.568   -8.051  1.00 8.58  ? 8   PRO A CG   1 
ATOM   105 C CD   . PRO A 1 8  ? 1.521   7.635   -9.005  1.00 6.29  ? 8   PRO A CD   1 
ATOM   106 H HA   . PRO A 1 8  ? 2.295   5.646   -6.702  1.00 6.71  ? 8   PRO A HA   1 
ATOM   107 H HB2  . PRO A 1 8  ? 3.119   8.071   -6.251  1.00 10.34 ? 8   PRO A HB2  1 
ATOM   108 H HB3  . PRO A 1 8  ? 3.709   7.242   -7.456  1.00 10.34 ? 8   PRO A HB3  1 
ATOM   109 H HG2  . PRO A 1 8  ? 1.627   9.161   -7.600  1.00 10.29 ? 8   PRO A HG2  1 
ATOM   110 H HG3  . PRO A 1 8  ? 2.912   9.099   -8.518  1.00 10.29 ? 8   PRO A HG3  1 
ATOM   111 H HD2  . PRO A 1 8  ? 0.734   8.059   -9.381  1.00 7.55  ? 8   PRO A HD2  1 
ATOM   112 H HD3  . PRO A 1 8  ? 2.103   7.347   -9.727  1.00 7.55  ? 8   PRO A HD3  1 
ATOM   113 N N    . ARG A 1 9  ? -0.256  7.150   -5.668  1.00 4.52  ? 9   ARG A N    1 
ATOM   114 C CA   . ARG A 1 9  ? -0.994  7.475   -4.467  1.00 4.56  ? 9   ARG A CA   1 
ATOM   115 C C    . ARG A 1 9  ? -2.416  6.939   -4.532  1.00 4.21  ? 9   ARG A C    1 
ATOM   116 O O    . ARG A 1 9  ? -3.367  7.676   -4.773  1.00 6.27  ? 9   ARG A O    1 
ATOM   117 C CB   A ARG A 1 9  ? -1.195  8.936   -3.989  0.56 5.10  ? 9   ARG A CB   1 
ATOM   118 C CB   B ARG A 1 9  ? -0.733  9.009   -4.285  0.44 4.62  ? 9   ARG A CB   1 
ATOM   119 C CG   A ARG A 1 9  ? 0.092   9.516   -3.485  0.56 4.98  ? 9   ARG A CG   1 
ATOM   120 C CG   B ARG A 1 9  ? -1.125  9.346   -2.883  0.44 6.05  ? 9   ARG A CG   1 
ATOM   121 C CD   A ARG A 1 9  ? -0.150  10.802  -2.750  0.56 4.53  ? 9   ARG A CD   1 
ATOM   122 C CD   B ARG A 1 9  ? -0.746  10.709  -2.334  0.44 4.21  ? 9   ARG A CD   1 
ATOM   123 N NE   A ARG A 1 9  ? -0.814  10.650  -1.459  0.56 4.93  ? 9   ARG A NE   1 
ATOM   124 N NE   B ARG A 1 9  ? -1.218  10.864  -0.936  0.44 4.55  ? 9   ARG A NE   1 
ATOM   125 C CZ   A ARG A 1 9  ? -0.230  10.188  -0.332  0.56 4.57  ? 9   ARG A CZ   1 
ATOM   126 C CZ   B ARG A 1 9  ? -0.529  10.274  0.071   0.44 4.48  ? 9   ARG A CZ   1 
ATOM   127 N NH1  A ARG A 1 9  ? -0.999  10.043  0.751   0.56 5.66  ? 9   ARG A NH1  1 
ATOM   128 N NH1  B ARG A 1 9  ? -1.092  10.252  1.278   0.44 6.12  ? 9   ARG A NH1  1 
ATOM   129 N NH2  A ARG A 1 9  ? 1.040   9.899   -0.250  0.56 6.03  ? 9   ARG A NH2  1 
ATOM   130 N NH2  B ARG A 1 9  ? 0.658   9.798   -0.197  0.44 5.10  ? 9   ARG A NH2  1 
ATOM   131 H H    . ARG A 1 9  ? -0.654  7.163   -6.431  1.00 5.43  ? 9   ARG A H    1 
ATOM   132 H HA   . ARG A 1 9  ? -0.551  7.001   -3.732  1.00 5.47  ? 9   ARG A HA   1 
ATOM   133 H HB2  A ARG A 1 9  ? -1.526  9.474   -4.725  0.56 6.11  ? 9   ARG A HB2  1 
ATOM   134 H HB2  B ARG A 1 9  ? 0.204   9.213   -4.432  0.44 5.55  ? 9   ARG A HB2  1 
ATOM   135 H HB3  A ARG A 1 9  ? -1.858  8.957   -3.280  0.56 6.11  ? 9   ARG A HB3  1 
ATOM   136 H HB3  B ARG A 1 9  ? -1.263  9.519   -4.916  0.44 5.55  ? 9   ARG A HB3  1 
ATOM   137 H HG2  A ARG A 1 9  ? 0.522   8.881   -2.890  0.56 5.98  ? 9   ARG A HG2  1 
ATOM   138 H HG2  B ARG A 1 9  ? -2.089  9.260   -2.817  0.44 7.26  ? 9   ARG A HG2  1 
ATOM   139 H HG3  A ARG A 1 9  ? 0.688   9.678   -4.232  0.56 5.98  ? 9   ARG A HG3  1 
ATOM   140 H HG3  B ARG A 1 9  ? -0.739  8.675   -2.299  0.44 7.26  ? 9   ARG A HG3  1 
ATOM   141 H HD2  A ARG A 1 9  ? 0.702   11.244  -2.610  0.56 5.43  ? 9   ARG A HD2  1 
ATOM   142 H HD2  B ARG A 1 9  ? 0.217   10.813  -2.363  0.44 5.05  ? 9   ARG A HD2  1 
ATOM   143 H HD3  A ARG A 1 9  ? -0.691  11.381  -3.310  0.56 5.43  ? 9   ARG A HD3  1 
ATOM   144 H HD3  B ARG A 1 9  ? -1.140  11.402  -2.887  0.44 5.05  ? 9   ARG A HD3  1 
ATOM   145 H HE   A ARG A 1 9  ? -1.644  10.875  -1.412  0.56 5.91  ? 9   ARG A HE   1 
ATOM   146 H HE   B ARG A 1 9  ? -1.924  11.326  -0.765  0.44 5.47  ? 9   ARG A HE   1 
ATOM   147 H HH11 A ARG A 1 9  ? -0.655  9.763   1.488   0.56 6.80  ? 9   ARG A HH11 1 
ATOM   148 H HH11 B ARG A 1 9  ? -0.668  9.909   1.943   0.44 7.34  ? 9   ARG A HH11 1 
ATOM   149 H HH12 A ARG A 1 9  ? -1.838  10.230  0.711   0.56 6.80  ? 9   ARG A HH12 1 
ATOM   150 H HH12 B ARG A 1 9  ? -1.877  10.581  1.393   0.44 7.34  ? 9   ARG A HH12 1 
ATOM   151 H HH21 A ARG A 1 9  ? 1.370   9.620   0.493   0.56 7.24  ? 9   ARG A HH21 1 
ATOM   152 H HH21 B ARG A 1 9  ? 1.129   9.442   0.428   0.44 6.12  ? 9   ARG A HH21 1 
ATOM   153 H HH22 A ARG A 1 9  ? 1.546   9.987   -0.940  0.56 7.24  ? 9   ARG A HH22 1 
ATOM   154 H HH22 B ARG A 1 9  ? 0.967   9.841   -0.999  0.44 6.12  ? 9   ARG A HH22 1 
ATOM   155 N N    . PRO A 1 10 ? -2.593  5.637   -4.245  1.00 3.92  ? 10  PRO A N    1 
ATOM   156 C CA   . PRO A 1 10 ? -3.921  5.044   -4.343  1.00 4.50  ? 10  PRO A CA   1 
ATOM   157 C C    . PRO A 1 10 ? -4.817  5.204   -3.117  1.00 4.12  ? 10  PRO A C    1 
ATOM   158 O O    . PRO A 1 10 ? -6.004  4.877   -3.250  1.00 5.96  ? 10  PRO A O    1 
ATOM   159 C CB   A PRO A 1 10 ? -3.589  3.504   -4.453  0.86 5.17  ? 10  PRO A CB   1 
ATOM   160 C CB   B PRO A 1 10 ? -3.717  3.592   -4.717  0.14 5.50  ? 10  PRO A CB   1 
ATOM   161 C CG   A PRO A 1 10 ? -2.135  3.407   -4.806  0.86 4.55  ? 10  PRO A CG   1 
ATOM   162 C CG   B PRO A 1 10 ? -2.434  3.398   -4.027  0.14 3.87  ? 10  PRO A CG   1 
ATOM   163 C CD   A PRO A 1 10 ? -1.547  4.583   -4.179  0.86 4.63  ? 10  PRO A CD   1 
ATOM   164 C CD   B PRO A 1 10 ? -1.586  4.629   -3.945  0.14 3.49  ? 10  PRO A CD   1 
ATOM   165 H HA   . PRO A 1 10 ? -4.380  5.356   -5.149  1.00 5.39  ? 10  PRO A HA   1 
ATOM   166 H HB2  A PRO A 1 10 ? -3.764  3.059   -3.609  0.86 6.20  ? 10  PRO A HB2  1 
ATOM   167 H HB2  B PRO A 1 10 ? -4.415  3.020   -4.363  0.14 6.60  ? 10  PRO A HB2  1 
ATOM   168 H HB3  A PRO A 1 10 ? -4.132  3.089   -5.140  0.86 6.20  ? 10  PRO A HB3  1 
ATOM   169 H HB3  B PRO A 1 10 ? -3.642  3.467   -5.676  0.14 6.60  ? 10  PRO A HB3  1 
ATOM   170 H HG2  A PRO A 1 10 ? -1.745  2.593   -4.452  0.86 5.46  ? 10  PRO A HG2  1 
ATOM   171 H HG2  B PRO A 1 10 ? -2.610  3.082   -3.126  0.14 4.64  ? 10  PRO A HG2  1 
ATOM   172 H HG3  A PRO A 1 10 ? -2.009  3.426   -5.767  0.86 5.46  ? 10  PRO A HG3  1 
ATOM   173 H HG3  B PRO A 1 10 ? -1.935  2.706   -4.488  0.14 4.64  ? 10  PRO A HG3  1 
ATOM   174 H HD2  A PRO A 1 10 ? -1.309  4.396   -3.257  0.86 5.55  ? 10  PRO A HD2  1 
ATOM   175 H HD2  B PRO A 1 10 ? -1.207  4.749   -3.060  0.14 4.18  ? 10  PRO A HD2  1 
ATOM   176 H HD3  A PRO A 1 10 ? -0.749  4.862   -4.656  0.86 5.55  ? 10  PRO A HD3  1 
ATOM   177 H HD3  B PRO A 1 10 ? -0.874  4.621   -4.604  0.14 4.18  ? 10  PRO A HD3  1 
ATOM   178 N N    . CYS A 1 11 ? -4.264  5.580   -1.984  1.00 3.49  ? 11  CYS A N    1 
ATOM   179 C CA   . CYS A 1 11 ? -4.962  5.402   -0.726  1.00 3.57  ? 11  CYS A CA   1 
ATOM   180 C C    . CYS A 1 11 ? -5.097  6.717   0.042   1.00 3.33  ? 11  CYS A C    1 
ATOM   181 O O    . CYS A 1 11 ? -4.378  7.687   -0.205  1.00 4.16  ? 11  CYS A O    1 
ATOM   182 C CB   . CYS A 1 11 ? -4.187  4.438   0.187   1.00 4.17  ? 11  CYS A CB   1 
ATOM   183 S SG   . CYS A 1 11 ? -3.745  2.845   -0.552  1.00 5.29  ? 11  CYS A SG   1 
ATOM   184 H H    . CYS A 1 11 ? -3.481  5.936   -1.990  1.00 4.19  ? 11  CYS A H    1 
ATOM   185 H HA   . CYS A 1 11 ? -5.854  5.036   -0.900  1.00 4.29  ? 11  CYS A HA   1 
ATOM   186 H HB2  . CYS A 1 11 ? -3.373  4.878   0.476   1.00 5.00  ? 11  CYS A HB2  1 
ATOM   187 H HB3  . CYS A 1 11 ? -4.722  4.270   0.979   1.00 5.00  ? 11  CYS A HB3  1 
ATOM   188 N N    . ASN A 1 12 ? -5.969  6.713   1.047   1.00 3.64  ? 12  ASN A N    1 
ATOM   189 C CA   . ASN A 1 12 ? -5.998  7.813   1.998   1.00 3.47  ? 12  ASN A CA   1 
ATOM   190 C C    . ASN A 1 12 ? -4.615  7.915   2.683   1.00 3.65  ? 12  ASN A C    1 
ATOM   191 O O    . ASN A 1 12 ? -3.859  6.985   2.781   1.00 4.01  ? 12  ASN A O    1 
ATOM   192 C CB   . ASN A 1 12 ? -7.022  7.546   3.094   1.00 4.01  ? 12  ASN A CB   1 
ATOM   193 C CG   . ASN A 1 12 ? -8.470  7.563   2.634   1.00 3.83  ? 12  ASN A CG   1 
ATOM   194 O OD1  . ASN A 1 12 ? -8.801  8.026   1.538   1.00 5.63  ? 12  ASN A OD1  1 
ATOM   195 N ND2  . ASN A 1 12 ? -9.320  7.101   3.517   1.00 4.87  ? 12  ASN A ND2  1 
ATOM   196 H H    . ASN A 1 12 ? -6.518  6.056   1.134   1.00 4.37  ? 12  ASN A H    1 
ATOM   197 H HA   . ASN A 1 12 ? -6.208  8.652   1.536   1.00 4.17  ? 12  ASN A HA   1 
ATOM   198 H HB2  . ASN A 1 12 ? -6.833  6.681   3.488   1.00 4.81  ? 12  ASN A HB2  1 
ATOM   199 H HB3  . ASN A 1 12 ? -6.911  8.214   3.789   1.00 4.81  ? 12  ASN A HB3  1 
ATOM   200 H HD21 . ASN A 1 12 ? -10.163 7.109   3.348   1.00 5.84  ? 12  ASN A HD21 1 
ATOM   201 H HD22 . ASN A 1 12 ? -9.035  6.789   4.266   1.00 5.84  ? 12  ASN A HD22 1 
ATOM   202 N N    . ALA A 1 13 ? -4.343  9.122   3.181   1.00 5.22  ? 13  ALA A N    1 
ATOM   203 C CA   . ALA A 1 13 ? -3.061  9.369   3.828   1.00 5.54  ? 13  ALA A CA   1 
ATOM   204 C C    . ALA A 1 13 ? -2.928  8.496   5.071   1.00 5.14  ? 13  ALA A C    1 
ATOM   205 O O    . ALA A 1 13 ? -3.845  8.283   5.856   1.00 7.72  ? 13  ALA A O    1 
ATOM   206 C CB   . ALA A 1 13 ? -2.918  10.836  4.159   1.00 8.63  ? 13  ALA A CB   1 
ATOM   207 H H    . ALA A 1 13 ? -4.924  9.753   3.121   1.00 6.26  ? 13  ALA A H    1 
ATOM   208 H HA   . ALA A 1 13 ? -2.347  9.123   3.202   1.00 6.65  ? 13  ALA A HA   1 
ATOM   209 H HB1  . ALA A 1 13 ? -3.009  11.355  3.356   1.00 12.94 ? 13  ALA A HB1  1 
ATOM   210 H HB2  . ALA A 1 13 ? -2.053  10.994  4.545   1.00 12.94 ? 13  ALA A HB2  1 
ATOM   211 H HB3  . ALA A 1 13 ? -3.599  11.091  4.784   1.00 12.94 ? 13  ALA A HB3  1 
ATOM   212 N N    . GLY A 1 14 ? -1.697  7.990   5.247   1.00 4.90  ? 14  GLY A N    1 
ATOM   213 C CA   . GLY A 1 14 ? -1.397  7.096   6.312   1.00 5.36  ? 14  GLY A CA   1 
ATOM   214 C C    . GLY A 1 14 ? -1.564  5.620   5.991   1.00 4.72  ? 14  GLY A C    1 
ATOM   215 O O    . GLY A 1 14 ? -1.154  4.801   6.787   1.00 8.28  ? 14  GLY A O    1 
ATOM   216 H H    . GLY A 1 14 ? -1.072  8.214   4.701   1.00 5.88  ? 14  GLY A H    1 
ATOM   217 H HA2  . GLY A 1 14 ? -0.481  7.248   6.591   1.00 6.43  ? 14  GLY A HA2  1 
ATOM   218 H HA3  . GLY A 1 14 ? -1.970  7.312   7.065   1.00 6.43  ? 14  GLY A HA3  1 
ATOM   219 N N    . LEU A 1 15 ? -2.175  5.341   4.867   1.00 3.54  ? 15  LEU A N    1 
ATOM   220 C CA   . LEU A 1 15 ? -2.371  3.985   4.387   1.00 2.98  ? 15  LEU A CA   1 
ATOM   221 C C    . LEU A 1 15 ? -1.392  3.711   3.233   1.00 2.81  ? 15  LEU A C    1 
ATOM   222 O O    . LEU A 1 15 ? -0.901  4.632   2.588   1.00 4.53  ? 15  LEU A O    1 
ATOM   223 C CB   . LEU A 1 15 ? -3.805  3.767   3.910   1.00 3.35  ? 15  LEU A CB   1 
ATOM   224 C CG   . LEU A 1 15 ? -4.903  4.123   4.906   1.00 4.69  ? 15  LEU A CG   1 
ATOM   225 C CD1  . LEU A 1 15 ? -6.243  3.729   4.308   1.00 7.47  ? 15  LEU A CD1  1 
ATOM   226 C CD2  . LEU A 1 15 ? -4.714  3.489   6.245   1.00 6.53  ? 15  LEU A CD2  1 
ATOM   227 H H    . LEU A 1 15 ? -2.476  5.992   4.392   1.00 4.25  ? 15  LEU A H    1 
ATOM   228 H HA   . LEU A 1 15 ? -2.182  3.361   5.118   1.00 3.57  ? 15  LEU A HA   1 
ATOM   229 H HB2  . LEU A 1 15 ? -3.940  4.292   3.106   1.00 4.02  ? 15  LEU A HB2  1 
ATOM   230 H HB3  . LEU A 1 15 ? -3.905  2.833   3.667   1.00 4.02  ? 15  LEU A HB3  1 
ATOM   231 H HG   . LEU A 1 15 ? -4.899  5.096   5.028   1.00 5.63  ? 15  LEU A HG   1 
ATOM   232 H HD11 . LEU A 1 15 ? -6.352  4.156   3.455   1.00 11.20 ? 15  LEU A HD11 1 
ATOM   233 H HD12 . LEU A 1 15 ? -6.950  4.006   4.896   1.00 11.20 ? 15  LEU A HD12 1 
ATOM   234 H HD13 . LEU A 1 15 ? -6.277  2.776   4.195   1.00 11.20 ? 15  LEU A HD13 1 
ATOM   235 H HD21 . LEU A 1 15 ? -3.865  3.754   6.607   1.00 9.79  ? 15  LEU A HD21 1 
ATOM   236 H HD22 . LEU A 1 15 ? -4.738  2.534   6.153   1.00 9.79  ? 15  LEU A HD22 1 
ATOM   237 H HD23 . LEU A 1 15 ? -5.415  3.772   6.835   1.00 9.79  ? 15  LEU A HD23 1 
ATOM   238 N N    . CYS A 1 16 ? -1.179  2.427   2.986   1.00 2.81  ? 16  CYS A N    1 
ATOM   239 C CA   . CYS A 1 16 ? -0.288  1.960   1.945   1.00 2.44  ? 16  CYS A CA   1 
ATOM   240 C C    . CYS A 1 16 ? -1.032  0.948   1.075   1.00 2.46  ? 16  CYS A C    1 
ATOM   241 O O    . CYS A 1 16 ? -1.936  0.273   1.528   1.00 3.48  ? 16  CYS A O    1 
ATOM   242 C CB   . CYS A 1 16 ? 0.935   1.261   2.536   1.00 3.28  ? 16  CYS A CB   1 
ATOM   243 S SG   . CYS A 1 16 ? 1.835   2.303   3.736   1.00 3.86  ? 16  CYS A SG   1 
ATOM   244 H H    . CYS A 1 16 ? -1.590  1.843   3.467   1.00 3.37  ? 16  CYS A H    1 
ATOM   245 H HA   . CYS A 1 16 ? -0.001  2.718   1.395   1.00 2.93  ? 16  CYS A HA   1 
ATOM   246 H HB2  . CYS A 1 16 ? 0.650   0.446   2.977   1.00 3.94  ? 16  CYS A HB2  1 
ATOM   247 H HB3  . CYS A 1 16 ? 1.537   1.014   1.817   1.00 3.94  ? 16  CYS A HB3  1 
ATOM   248 N N    . CYS A 1 17 ? -0.615  0.855   -0.190  1.00 2.51  ? 17  CYS A N    1 
ATOM   249 C CA   . CYS A 1 17 ? -1.208  -0.067  -1.152  1.00 2.56  ? 17  CYS A CA   1 
ATOM   250 C C    . CYS A 1 17 ? -0.419  -1.382  -1.130  1.00 2.62  ? 17  CYS A C    1 
ATOM   251 O O    . CYS A 1 17 ? 0.781   -1.372  -1.416  1.00 3.68  ? 17  CYS A O    1 
ATOM   252 C CB   . CYS A 1 17 ? -1.172  0.594   -2.521  1.00 3.06  ? 17  CYS A CB   1 
ATOM   253 S SG   . CYS A 1 17 ? -1.483  -0.478  -3.945  1.00 3.63  ? 17  CYS A SG   1 
ATOM   254 H H    . CYS A 1 17 ? 0.031   1.360   -0.448  1.00 3.02  ? 17  CYS A H    1 
ATOM   255 H HA   . CYS A 1 17 ? -2.139  -0.242  -0.901  1.00 3.07  ? 17  CYS A HA   1 
ATOM   256 H HB2  . CYS A 1 17 ? -1.831  1.308   -2.529  1.00 3.67  ? 17  CYS A HB2  1 
ATOM   257 H HB3  . CYS A 1 17 ? -0.300  1.005   -2.635  1.00 3.67  ? 17  CYS A HB3  1 
ATOM   258 N N    . SER A 1 18 ? -1.093  -2.472  -0.793  1.00 3.23  ? 18  SER A N    1 
ATOM   259 C CA   . SER A 1 18 ? -0.430  -3.752  -0.662  1.00 3.37  ? 18  SER A CA   1 
ATOM   260 C C    . SER A 1 18 ? -0.267  -4.432  -2.039  1.00 3.19  ? 18  SER A C    1 
ATOM   261 O O    . SER A 1 18 ? -0.947  -4.118  -3.006  1.00 3.99  ? 18  SER A O    1 
ATOM   262 C CB   . SER A 1 18 ? -1.218  -4.695  0.245   1.00 4.61  ? 18  SER A CB   1 
ATOM   263 O OG   . SER A 1 18 ? -2.297  -5.268  -0.500  1.00 6.08  ? 18  SER A OG   1 
ATOM   264 H H    . SER A 1 18 ? -1.939  -2.418  -0.650  1.00 3.87  ? 18  SER A H    1 
ATOM   265 H HA   . SER A 1 18 ? 0.458   -3.610  -0.273  1.00 4.05  ? 18  SER A HA   1 
ATOM   266 H HB2  . SER A 1 18 ? -0.637  -5.397  0.575   1.00 5.53  ? 18  SER A HB2  1 
ATOM   267 H HB3  . SER A 1 18 ? -1.567  -4.206  1.005   1.00 5.53  ? 18  SER A HB3  1 
ATOM   268 H HG   . SER A 1 18 ? -2.723  -5.774  -0.016  1.00 9.12  ? 18  SER A HG   1 
ATOM   269 N N    . ILE A 1 19 ? 0.595   -5.446  -2.047  1.00 3.49  ? 19  ILE A N    1 
ATOM   270 C CA   . ILE A 1 19 ? 0.795   -6.278  -3.231  1.00 3.85  ? 19  ILE A CA   1 
ATOM   271 C C    . ILE A 1 19 ? -0.434  -7.061  -3.631  1.00 4.29  ? 19  ILE A C    1 
ATOM   272 O O    . ILE A 1 19 ? -0.494  -7.539  -4.752  1.00 6.52  ? 19  ILE A O    1 
ATOM   273 C CB   . ILE A 1 19 ? 2.000   -7.227  -3.047  1.00 4.86  ? 19  ILE A CB   1 
ATOM   274 C CG1  . ILE A 1 19 ? 1.795   -8.198  -1.910  1.00 5.74  ? 19  ILE A CG1  1 
ATOM   275 C CG2  . ILE A 1 19 ? 3.303   -6.427  -3.030  1.00 6.35  ? 19  ILE A CG2  1 
ATOM   276 C CD1  . ILE A 1 19 ? 2.786   -9.344  -1.901  1.00 9.21  ? 19  ILE A CD1  1 
ATOM   277 H H    . ILE A 1 19 ? 1.047   -5.617  -1.335  1.00 4.19  ? 19  ILE A H    1 
ATOM   278 H HA   . ILE A 1 19 ? 1.009   -5.677  -3.974  1.00 4.62  ? 19  ILE A HA   1 
ATOM   279 H HB   . ILE A 1 19 ? 2.034   -7.773  -3.860  1.00 5.83  ? 19  ILE A HB   1 
ATOM   280 H HG12 . ILE A 1 19 ? 1.867   -7.716  -1.071  1.00 6.89  ? 19  ILE A HG12 1 
ATOM   281 H HG13 . ILE A 1 19 ? 0.898   -8.562  -1.965  1.00 6.89  ? 19  ILE A HG13 1 
ATOM   282 H HG21 . ILE A 1 19 ? 3.333   -5.847  -3.794  1.00 9.52  ? 19  ILE A HG21 1 
ATOM   283 H HG22 . ILE A 1 19 ? 4.049   -7.030  -3.057  1.00 9.52  ? 19  ILE A HG22 1 
ATOM   284 H HG23 . ILE A 1 19 ? 3.345   -5.902  -2.228  1.00 9.52  ? 19  ILE A HG23 1 
ATOM   285 H HD11 . ILE A 1 19 ? 2.610   -9.914  -1.150  1.00 13.82 ? 19  ILE A HD11 1 
ATOM   286 H HD12 . ILE A 1 19 ? 3.678   -8.995  -1.836  1.00 13.82 ? 19  ILE A HD12 1 
ATOM   287 H HD13 . ILE A 1 19 ? 2.698   -9.848  -2.714  1.00 13.82 ? 19  ILE A HD13 1 
ATOM   288 N N    . TYR A 1 20 ? -1.432  -7.182  -2.749  1.00 4.23  ? 20  TYR A N    1 
ATOM   289 C CA   . TYR A 1 20 ? -2.666  -7.866  -3.057  1.00 5.26  ? 20  TYR A CA   1 
ATOM   290 C C    . TYR A 1 20 ? -3.781  -6.931  -3.518  1.00 5.16  ? 20  TYR A C    1 
ATOM   291 O O    . TYR A 1 20 ? -4.864  -7.379  -3.846  1.00 7.80  ? 20  TYR A O    1 
ATOM   292 C CB   . TYR A 1 20 ? -3.139  -8.700  -1.870  1.00 7.73  ? 20  TYR A CB   1 
ATOM   293 C CG   . TYR A 1 20 ? -2.023  -9.661  -1.412  1.00 9.63  ? 20  TYR A CG   1 
ATOM   294 C CD1  . TYR A 1 20 ? -1.598  -9.513  -0.120  1.00 15.46 ? 20  TYR A CD1  1 
ATOM   295 C CD2  . TYR A 1 20 ? -1.445  -10.560 -2.198  1.00 11.67 ? 20  TYR A CD2  1 
ATOM   296 C CE1  . TYR A 1 20 ? -0.577  -10.332 0.404   1.00 21.57 ? 20  TYR A CE1  1 
ATOM   297 C CE2  . TYR A 1 20 ? -0.417  -11.386 -1.693  1.00 14.23 ? 20  TYR A CE2  1 
ATOM   298 C CZ   . TYR A 1 20 ? -0.014  -11.288 -0.425  1.00 15.44 ? 20  TYR A CZ   1 
ATOM   299 O OH   . TYR A 1 20 ? 0.967   -12.084 0.008   1.00 25.32 ? 20  TYR A OH   1 
ATOM   300 H H    . TYR A 1 20 ? -1.334  -6.839  -1.966  1.00 5.07  ? 20  TYR A H    1 
ATOM   301 H HA   . TYR A 1 20 ? -2.480  -8.486  -3.794  1.00 6.32  ? 20  TYR A HA   1 
ATOM   302 H HB2  . TYR A 1 20 ? -3.383  -8.113  -1.138  1.00 9.28  ? 20  TYR A HB2  1 
ATOM   303 H HB3  . TYR A 1 20 ? -3.924  -9.209  -2.123  1.00 9.28  ? 20  TYR A HB3  1 
ATOM   304 H HD1  . TYR A 1 20 ? -1.989  -8.864  0.420   1.00 18.56 ? 20  TYR A HD1  1 
ATOM   305 H HD2  . TYR A 1 20 ? -1.716  -10.645 -3.084  1.00 14.00 ? 20  TYR A HD2  1 
ATOM   306 H HE1  . TYR A 1 20 ? -0.288  -10.233 1.282   1.00 25.89 ? 20  TYR A HE1  1 
ATOM   307 H HE2  . TYR A 1 20 ? -0.013  -12.010 -2.254  1.00 17.08 ? 20  TYR A HE2  1 
ATOM   308 H HH   . TYR A 1 20 ? 1.114   -11.931 0.799   1.00 37.97 ? 20  TYR A HH   1 
ATOM   309 N N    . GLY A 1 21 ? -3.512  -5.626  -3.562  1.00 4.43  ? 21  GLY A N    1 
ATOM   310 C CA   . GLY A 1 21 ? -4.400  -4.680  -4.169  1.00 4.50  ? 21  GLY A CA   1 
ATOM   311 C C    . GLY A 1 21 ? -5.230  -3.832  -3.231  1.00 3.48  ? 21  GLY A C    1 
ATOM   312 O O    . GLY A 1 21 ? -6.061  -3.085  -3.725  1.00 4.44  ? 21  GLY A O    1 
ATOM   313 H H    . GLY A 1 21 ? -2.778  -5.342  -3.214  1.00 5.32  ? 21  GLY A H    1 
ATOM   314 H HA2  . GLY A 1 21 ? -3.873  -4.085  -4.725  1.00 5.40  ? 21  GLY A HA2  1 
ATOM   315 H HA3  . GLY A 1 21 ? -5.003  -5.164  -4.753  1.00 5.40  ? 21  GLY A HA3  1 
ATOM   316 N N    . TYR A 1 22 ? -5.019  -3.926  -1.935  1.00 3.47  ? 22  TYR A N    1 
ATOM   317 C CA   . TYR A 1 22 ? -5.843  -3.219  -0.966  1.00 3.49  ? 22  TYR A CA   1 
ATOM   318 C C    . TYR A 1 22 ? -5.010  -2.211  -0.176  1.00 3.00  ? 22  TYR A C    1 
ATOM   319 O O    . TYR A 1 22 ? -3.845  -2.397  0.115   1.00 4.18  ? 22  TYR A O    1 
ATOM   320 C CB   . TYR A 1 22 ? -6.493  -4.213  0.023   1.00 5.00  ? 22  TYR A CB   1 
ATOM   321 C CG   . TYR A 1 22 ? -7.527  -5.072  -0.654  1.00 5.11  ? 22  TYR A CG   1 
ATOM   322 C CD1  . TYR A 1 22 ? -7.209  -6.255  -1.299  1.00 6.42  ? 22  TYR A CD1  1 
ATOM   323 C CD2  . TYR A 1 22 ? -8.887  -4.704  -0.693  1.00 5.57  ? 22  TYR A CD2  1 
ATOM   324 C CE1  . TYR A 1 22 ? -8.211  -7.062  -1.905  1.00 7.12  ? 22  TYR A CE1  1 
ATOM   325 C CE2  . TYR A 1 22 ? -9.856  -5.486  -1.303  1.00 5.88  ? 22  TYR A CE2  1 
ATOM   326 C CZ   . TYR A 1 22 ? -9.496  -6.645  -1.919  1.00 5.96  ? 22  TYR A CZ   1 
ATOM   327 O OH   . TYR A 1 22 ? -10.403 -7.465  -2.538  1.00 7.84  ? 22  TYR A OH   1 
ATOM   328 H H    . TYR A 1 22 ? -4.374  -4.420  -1.652  1.00 4.16  ? 22  TYR A H    1 
ATOM   329 H HA   . TYR A 1 22 ? -6.550  -2.739  -1.445  1.00 4.19  ? 22  TYR A HA   1 
ATOM   330 H HB2  . TYR A 1 22 ? -5.807  -4.780  0.406   1.00 6.00  ? 22  TYR A HB2  1 
ATOM   331 H HB3  . TYR A 1 22 ? -6.911  -3.719  0.745   1.00 6.00  ? 22  TYR A HB3  1 
ATOM   332 H HD1  . TYR A 1 22 ? -6.321  -6.528  -1.337  1.00 7.70  ? 22  TYR A HD1  1 
ATOM   333 H HD2  . TYR A 1 22 ? -9.145  -3.904  -0.294  1.00 6.69  ? 22  TYR A HD2  1 
ATOM   334 H HE1  . TYR A 1 22 ? -7.981  -7.876  -2.291  1.00 8.55  ? 22  TYR A HE1  1 
ATOM   335 H HE2  . TYR A 1 22 ? -10.748 -5.221  -1.290  1.00 7.06  ? 22  TYR A HE2  1 
ATOM   336 H HH   . TYR A 1 22 ? -11.151 -7.134  -2.486  1.00 11.76 ? 22  TYR A HH   1 
ATOM   337 N N    . CYS A 1 23 ? -5.700  -1.137  0.213   1.00 3.43  ? 23  CYS A N    1 
ATOM   338 C CA   . CYS A 1 23 ? -5.142  -0.115  1.080   1.00 3.17  ? 23  CYS A CA   1 
ATOM   339 C C    . CYS A 1 23 ? -5.335  -0.486  2.552   1.00 3.40  ? 23  CYS A C    1 
ATOM   340 O O    . CYS A 1 23 ? -6.405  -0.954  2.956   1.00 5.37  ? 23  CYS A O    1 
ATOM   341 C CB   . CYS A 1 23 ? -5.842  1.196   0.847   1.00 4.15  ? 23  CYS A CB   1 
ATOM   342 S SG   . CYS A 1 23 ? -5.538  1.923   -0.808  1.00 5.85  ? 23  CYS A SG   1 
ATOM   343 H H    . CYS A 1 23 ? -6.511  -1.048  -0.062  1.00 4.12  ? 23  CYS A H    1 
ATOM   344 H HA   . CYS A 1 23 ? -4.186  -0.013  0.891   1.00 3.80  ? 23  CYS A HA   1 
ATOM   345 H HB2  . CYS A 1 23 ? -6.797  1.064   0.958   1.00 4.98  ? 23  CYS A HB2  1 
ATOM   346 H HB3  . CYS A 1 23 ? -5.554  1.829   1.523   1.00 4.98  ? 23  CYS A HB3  1 
ATOM   347 N N    . GLY A 1 24 ? -4.336  -0.204  3.378   1.00 3.24  ? 24  GLY A N    1 
ATOM   348 C CA   . GLY A 1 24 ? -4.431  -0.437  4.796   1.00 3.36  ? 24  GLY A CA   1 
ATOM   349 C C    . GLY A 1 24 ? -3.255  0.134   5.524   1.00 2.81  ? 24  GLY A C    1 
ATOM   350 O O    . GLY A 1 24 ? -2.353  0.718   4.935   1.00 3.79  ? 24  GLY A O    1 
ATOM   351 H H    . GLY A 1 24 ? -3.611  0.128   3.057   1.00 3.89  ? 24  GLY A H    1 
ATOM   352 H HA2  . GLY A 1 24 ? -5.246  -0.032  5.134   1.00 4.03  ? 24  GLY A HA2  1 
ATOM   353 H HA3  . GLY A 1 24 ? -4.479  -1.391  4.962   1.00 4.03  ? 24  GLY A HA3  1 
ATOM   354 N N    . SER A 1 25 ? -3.263  0.001   6.844   1.00 3.71  ? 25  SER A N    1 
ATOM   355 C CA   . SER A 1 25 ? -2.296  0.651   7.710   1.00 3.83  ? 25  SER A CA   1 
ATOM   356 C C    . SER A 1 25 ? -1.300  -0.319  8.309   1.00 3.44  ? 25  SER A C    1 
ATOM   357 O O    . SER A 1 25 ? -1.490  -1.516  8.356   1.00 4.75  ? 25  SER A O    1 
ATOM   358 C CB   A SER A 1 25 ? -2.930  1.479   8.820   0.69 5.46  ? 25  SER A CB   1 
ATOM   359 C CB   B SER A 1 25 ? -3.217  1.196   8.810   0.31 5.66  ? 25  SER A CB   1 
ATOM   360 O OG   A SER A 1 25 ? -3.672  0.611   9.621   0.69 6.37  ? 25  SER A OG   1 
ATOM   361 O OG   B SER A 1 25 ? -2.670  1.773   9.914   0.31 14.84 ? 25  SER A OG   1 
ATOM   362 H H    . SER A 1 25 ? -3.870  -0.492  7.203   1.00 4.45  ? 25  SER A H    1 
ATOM   363 H HA   . SER A 1 25 ? -1.784  1.271   7.150   1.00 4.60  ? 25  SER A HA   1 
ATOM   364 H HB2  A SER A 1 25 ? -2.242  1.915   9.348   0.69 6.56  ? 25  SER A HB2  1 
ATOM   365 H HB2  B SER A 1 25 ? -3.804  1.851   8.400   0.31 6.79  ? 25  SER A HB2  1 
ATOM   366 H HB3  A SER A 1 25 ? -3.506  2.162   8.442   0.69 6.56  ? 25  SER A HB3  1 
ATOM   367 H HB3  B SER A 1 25 ? -3.776  0.464   9.110   0.31 6.79  ? 25  SER A HB3  1 
ATOM   368 H HG   A SER A 1 25 ? -4.258  0.257   9.169   0.69 9.56  ? 25  SER A HG   1 
ATOM   369 H HG   B SER A 1 25 ? -2.149  2.362   9.685   0.31 22.26 ? 25  SER A HG   1 
ATOM   370 N N    . GLY A 1 26 ? -0.229  0.280   8.851   1.00 4.20  ? 26  GLY A N    1 
ATOM   371 C CA   . GLY A 1 26 ? 0.719   -0.479  9.647   1.00 4.41  ? 26  GLY A CA   1 
ATOM   372 C C    . GLY A 1 26 ? 1.691   -1.248  8.820   1.00 4.11  ? 26  GLY A C    1 
ATOM   373 O O    . GLY A 1 26 ? 1.642   -1.300  7.585   1.00 4.68  ? 26  GLY A O    1 
ATOM   374 H H    . GLY A 1 26 ? -0.104  1.122   8.727   1.00 5.04  ? 26  GLY A H    1 
ATOM   375 H HA2  . GLY A 1 26 ? 1.208   0.132   10.222  1.00 5.29  ? 26  GLY A HA2  1 
ATOM   376 H HA3  . GLY A 1 26 ? 0.232   -1.095  10.216  1.00 5.29  ? 26  GLY A HA3  1 
ATOM   377 N N    . ALA A 1 27 ? 2.611   -1.914  9.513   1.00 5.37  ? 27  ALA A N    1 
ATOM   378 C CA   . ALA A 1 27 ? 3.567   -2.779  8.839   1.00 5.66  ? 27  ALA A CA   1 
ATOM   379 C C    . ALA A 1 27 ? 2.906   -3.865  8.007   1.00 5.21  ? 27  ALA A C    1 
ATOM   380 O O    . ALA A 1 27 ? 3.461   -4.305  6.991   1.00 6.23  ? 27  ALA A O    1 
ATOM   381 C CB   . ALA A 1 27 ? 4.509   -3.439  9.871   1.00 9.99  ? 27  ALA A CB   1 
ATOM   382 H H    . ALA A 1 27 ? 2.641   -1.833  10.368  1.00 6.44  ? 27  ALA A H    1 
ATOM   383 H HA   . ALA A 1 27 ? 4.111   -2.225  8.242   1.00 6.79  ? 27  ALA A HA   1 
ATOM   384 H HB1  . ALA A 1 27 ? 4.929   -2.758  10.402  1.00 14.99 ? 27  ALA A HB1  1 
ATOM   385 H HB2  . ALA A 1 27 ? 5.181   -3.947  9.412   1.00 14.99 ? 27  ALA A HB2  1 
ATOM   386 H HB3  . ALA A 1 27 ? 4.001   -4.021  10.441  1.00 14.99 ? 27  ALA A HB3  1 
ATOM   387 N N    . ALA A 1 28 ? 1.689   -4.278  8.382   1.00 5.35  ? 28  ALA A N    1 
ATOM   388 C CA   . ALA A 1 28 ? 0.966   -5.286  7.661   1.00 5.69  ? 28  ALA A CA   1 
ATOM   389 C C    . ALA A 1 28 ? 0.717   -4.926  6.196   1.00 5.09  ? 28  ALA A C    1 
ATOM   390 O O    . ALA A 1 28 ? 0.605   -5.820  5.363   1.00 7.48  ? 28  ALA A O    1 
ATOM   391 C CB   . ALA A 1 28 ? -0.394  -5.519  8.341   1.00 7.98  ? 28  ALA A CB   1 
ATOM   392 H H    . ALA A 1 28 ? 1.328   -3.928  9.081   1.00 6.42  ? 28  ALA A H    1 
ATOM   393 H HA   . ALA A 1 28 ? 1.479   -6.120  7.693   1.00 6.83  ? 28  ALA A HA   1 
ATOM   394 H HB1  . ALA A 1 28 ? -0.255  -5.745  9.264   1.00 11.98 ? 28  ALA A HB1  1 
ATOM   395 H HB2  . ALA A 1 28 ? -0.853  -6.238  7.901   1.00 11.98 ? 28  ALA A HB2  1 
ATOM   396 H HB3  . ALA A 1 28 ? -0.922  -4.720  8.284   1.00 11.98 ? 28  ALA A HB3  1 
ATOM   397 N N    . TYR A 1 29 ? 0.585   -3.637  5.882   1.00 3.85  ? 29  TYR A N    1 
ATOM   398 C CA   . TYR A 1 29 ? 0.399   -3.155  4.521   1.00 3.91  ? 29  TYR A CA   1 
ATOM   399 C C    . TYR A 1 29 ? 1.623   -2.419  3.940   1.00 3.66  ? 29  TYR A C    1 
ATOM   400 O O    . TYR A 1 29 ? 1.806   -2.367  2.757   1.00 5.80  ? 29  TYR A O    1 
ATOM   401 C CB   . TYR A 1 29 ? -0.821  -2.217  4.409   1.00 3.93  ? 29  TYR A CB   1 
ATOM   402 C CG   . TYR A 1 29 ? -2.138  -2.950  4.495   1.00 3.92  ? 29  TYR A CG   1 
ATOM   403 C CD1  . TYR A 1 29 ? -2.612  -3.459  5.713   1.00 4.75  ? 29  TYR A CD1  1 
ATOM   404 C CD2  . TYR A 1 29 ? -2.897  -3.153  3.363   1.00 4.80  ? 29  TYR A CD2  1 
ATOM   405 C CE1  . TYR A 1 29 ? -3.806  -4.145  5.779   1.00 5.86  ? 29  TYR A CE1  1 
ATOM   406 C CE2  . TYR A 1 29 ? -4.115  -3.860  3.438   1.00 6.23  ? 29  TYR A CE2  1 
ATOM   407 C CZ   . TYR A 1 29 ? -4.545  -4.350  4.635   1.00 6.88  ? 29  TYR A CZ   1 
ATOM   408 O OH   . TYR A 1 29 ? -5.722  -5.039  4.745   1.00 11.20 ? 29  TYR A OH   1 
ATOM   409 H H    . TYR A 1 29 ? 0.611   -3.059  6.519   1.00 4.62  ? 29  TYR A H    1 
ATOM   410 H HA   . TYR A 1 29 ? 0.226   -3.934  3.952   1.00 4.69  ? 29  TYR A HA   1 
ATOM   411 H HB2  . TYR A 1 29 ? -0.779  -1.559  5.120   1.00 4.72  ? 29  TYR A HB2  1 
ATOM   412 H HB3  . TYR A 1 29 ? -0.778  -1.744  3.563   1.00 4.72  ? 29  TYR A HB3  1 
ATOM   413 H HD1  . TYR A 1 29 ? -2.115  -3.332  6.487   1.00 5.70  ? 29  TYR A HD1  1 
ATOM   414 H HD2  . TYR A 1 29 ? -2.603  -2.823  2.545   1.00 5.76  ? 29  TYR A HD2  1 
ATOM   415 H HE1  . TYR A 1 29 ? -4.112  -4.468  6.595   1.00 7.03  ? 29  TYR A HE1  1 
ATOM   416 H HE2  . TYR A 1 29 ? -4.625  -3.991  2.671   1.00 7.48  ? 29  TYR A HE2  1 
ATOM   417 H HH   . TYR A 1 29 ? -6.075  -5.099  4.006   1.00 16.80 ? 29  TYR A HH   1 
ATOM   418 N N    . CYS A 1 30 ? 2.414   -1.805  4.835   1.00 3.64  ? 30  CYS A N    1 
ATOM   419 C CA   . CYS A 1 30 ? 3.436   -0.868  4.456   1.00 3.51  ? 30  CYS A CA   1 
ATOM   420 C C    . CYS A 1 30 ? 4.852   -1.459  4.491   1.00 3.97  ? 30  CYS A C    1 
ATOM   421 O O    . CYS A 1 30 ? 5.773   -0.839  3.981   1.00 5.50  ? 30  CYS A O    1 
ATOM   422 C CB   . CYS A 1 30 ? 3.414   0.341   5.380   1.00 3.81  ? 30  CYS A CB   1 
ATOM   423 S SG   . CYS A 1 30 ? 1.815   1.200   5.443   1.00 3.97  ? 30  CYS A SG   1 
ATOM   424 H H    . CYS A 1 30 ? 2.304   -1.981  5.669   1.00 4.37  ? 30  CYS A H    1 
ATOM   425 H HA   . CYS A 1 30 ? 3.252   -0.562  3.543   1.00 4.21  ? 30  CYS A HA   1 
ATOM   426 H HB2  . CYS A 1 30 ? 3.648   0.051   6.276   1.00 4.58  ? 30  CYS A HB2  1 
ATOM   427 H HB3  . CYS A 1 30 ? 4.093   0.968   5.088   1.00 4.58  ? 30  CYS A HB3  1 
ATOM   428 N N    . GLY A 1 31 ? 5.022   -2.629  5.108   1.00 4.78  ? 31  GLY A N    1 
ATOM   429 C CA   . GLY A 1 31 ? 6.308   -3.266  5.190   1.00 5.60  ? 31  GLY A CA   1 
ATOM   430 C C    . GLY A 1 31 ? 6.787   -3.794  3.868   1.00 4.84  ? 31  GLY A C    1 
ATOM   431 O O    . GLY A 1 31 ? 6.014   -4.054  2.971   1.00 5.93  ? 31  GLY A O    1 
ATOM   432 H H    . GLY A 1 31 ? 4.342   -3.014  5.469   1.00 5.73  ? 31  GLY A H    1 
ATOM   433 H HA2  . GLY A 1 31 ? 6.956   -2.628  5.528   1.00 6.72  ? 31  GLY A HA2  1 
ATOM   434 H HA3  . GLY A 1 31 ? 6.257   -4.000  5.823   1.00 6.72  ? 31  GLY A HA3  1 
ATOM   435 N N    A ALA A 1 32 ? 8.115   -3.912  3.668   0.50 7.63  ? 32  ALA A N    1 
ATOM   436 N N    B ALA A 1 32 ? 8.090   -4.082  3.840   0.50 5.45  ? 32  ALA A N    1 
ATOM   437 C CA   A ALA A 1 32 ? 8.621   -4.308  2.401   0.50 7.56  ? 32  ALA A CA   1 
ATOM   438 C CA   B ALA A 1 32 ? 8.764   -4.706  2.753   0.50 8.05  ? 32  ALA A CA   1 
ATOM   439 C C    A ALA A 1 32 ? 8.035   -5.484  1.697   0.50 6.53  ? 32  ALA A C    1 
ATOM   440 C C    B ALA A 1 32 ? 8.181   -6.098  2.603   0.50 6.33  ? 32  ALA A C    1 
ATOM   441 O O    A ALA A 1 32 ? 7.850   -5.501  0.508   0.50 10.53 ? 32  ALA A O    1 
ATOM   442 O O    B ALA A 1 32 ? 8.149   -6.803  3.590   0.50 9.54  ? 32  ALA A O    1 
ATOM   443 C CB   A ALA A 1 32 ? 10.176  -4.536  2.488   0.50 11.71 ? 32  ALA A CB   1 
ATOM   444 C CB   B ALA A 1 32 ? 10.268  -4.798  3.061   0.50 14.14 ? 32  ALA A CB   1 
ATOM   445 H H    A ALA A 1 32 ? 8.660   -3.747  4.312   0.50 9.16  ? 32  ALA A H    1 
ATOM   446 H H    B ALA A 1 32 ? 8.557   -3.876  4.532   0.50 6.53  ? 32  ALA A H    1 
ATOM   447 H HA   A ALA A 1 32 ? 8.491   -3.542  1.805   0.50 9.07  ? 32  ALA A HA   1 
ATOM   448 H HA   B ALA A 1 32 ? 8.620   -4.191  1.931   0.50 9.66  ? 32  ALA A HA   1 
ATOM   449 H HB1  A ALA A 1 32 ? 10.587  -3.781  2.916   0.50 17.57 ? 32  ALA A HB1  1 
ATOM   450 H HB1  B ALA A 1 32 ? 10.630  -3.913  3.158   0.50 21.20 ? 32  ALA A HB1  1 
ATOM   451 H HB2  A ALA A 1 32 ? 10.534  -4.634  1.602   0.50 17.57 ? 32  ALA A HB2  1 
ATOM   452 H HB2  B ALA A 1 32 ? 10.716  -5.248  2.339   0.50 21.20 ? 32  ALA A HB2  1 
ATOM   453 H HB3  A ALA A 1 32 ? 10.356  -5.330  2.996   0.50 17.57 ? 32  ALA A HB3  1 
ATOM   454 H HB3  B ALA A 1 32 ? 10.400  -5.289  3.875   0.50 21.20 ? 32  ALA A HB3  1 
ATOM   455 N N    A GLY A 1 33 ? 7.718   -6.533  2.428   0.50 6.92  ? 33  GLY A N    1 
ATOM   456 N N    B GLY A 1 33 ? 7.745   -6.497  1.424   0.50 6.57  ? 33  GLY A N    1 
ATOM   457 C CA   A GLY A 1 33 ? 7.168   -7.716  1.773   0.50 7.10  ? 33  GLY A CA   1 
ATOM   458 C CA   B GLY A 1 33 ? 7.122   -7.770  1.198   0.50 8.44  ? 33  GLY A CA   1 
ATOM   459 C C    A GLY A 1 33 ? 5.688   -7.742  1.447   0.50 5.07  ? 33  GLY A C    1 
ATOM   460 C C    B GLY A 1 33 ? 5.626   -7.553  1.093   0.50 8.52  ? 33  GLY A C    1 
ATOM   461 O O    A GLY A 1 33 ? 5.112   -8.643  0.846   0.50 7.03  ? 33  GLY A O    1 
ATOM   462 O O    B GLY A 1 33 ? 5.067   -8.259  0.292   0.50 17.97 ? 33  GLY A O    1 
ATOM   463 H H    A GLY A 1 33 ? 7.834   -6.521  3.280   0.50 8.30  ? 33  GLY A H    1 
ATOM   464 H H    B GLY A 1 33 ? 7.840   -5.964  0.754   0.50 7.88  ? 33  GLY A H    1 
ATOM   465 H HA2  A GLY A 1 33 ? 7.655   -7.845  0.943   0.50 8.51  ? 33  GLY A HA2  1 
ATOM   466 H HA2  B GLY A 1 33 ? 7.460   -8.164  0.378   0.50 10.12 ? 33  GLY A HA2  1 
ATOM   467 H HA3  A GLY A 1 33 ? 7.359   -8.480  2.338   0.50 8.51  ? 33  GLY A HA3  1 
ATOM   468 H HA3  B GLY A 1 33 ? 7.320   -8.372  1.932   0.50 10.12 ? 33  GLY A HA3  1 
ATOM   469 N N    . ASN A 1 34 ? 5.023   -6.674  1.871   1.00 4.79  ? 34  ASN A N    1 
ATOM   470 C CA   . ASN A 1 34 ? 3.609   -6.442  1.706   1.00 4.42  ? 34  ASN A CA   1 
ATOM   471 C C    . ASN A 1 34 ? 3.295   -5.239  0.840   1.00 3.65  ? 34  ASN A C    1 
ATOM   472 O O    . ASN A 1 34 ? 2.180   -5.187  0.291   1.00 5.52  ? 34  ASN A O    1 
ATOM   473 C CB   . ASN A 1 34 ? 2.945   -6.221  3.087   1.00 7.17  ? 34  ASN A CB   1 
ATOM   474 C CG   . ASN A 1 34 ? 2.715   -7.562  3.766   1.00 10.40 ? 34  ASN A CG   1 
ATOM   475 O OD1  . ASN A 1 34 ? 1.866   -8.347  3.300   1.00 15.64 ? 34  ASN A OD1  1 
ATOM   476 N ND2  . ASN A 1 34 ? 3.394   -7.827  4.822   1.00 13.37 ? 34  ASN A ND2  1 
ATOM   477 H H    . ASN A 1 34 ? 5.476   -6.068  2.280   1.00 5.74  ? 34  ASN A H    1 
ATOM   478 H HA   . ASN A 1 34 ? 3.210   -7.235  1.292   1.00 5.30  ? 34  ASN A HA   1 
ATOM   479 H HB2  . ASN A 1 34 ? 3.518   -5.668  3.642   1.00 8.61  ? 34  ASN A HB2  1 
ATOM   480 H HB3  . ASN A 1 34 ? 2.099   -5.761  2.974   1.00 8.61  ? 34  ASN A HB3  1 
ATOM   481 H HD21 . ASN A 1 34 ? 3.270   -8.571  5.236   1.00 16.04 ? 34  ASN A HD21 1 
ATOM   482 H HD22 . ASN A 1 34 ? 3.971   -7.261  5.114   1.00 16.04 ? 34  ASN A HD22 1 
ATOM   483 N N    . CYS A 1 35 ? 4.170   -4.265  0.725   1.00 3.80  ? 35  CYS A N    1 
ATOM   484 C CA   . CYS A 1 35 ? 3.829   -2.978  0.137   1.00 3.31  ? 35  CYS A CA   1 
ATOM   485 C C    . CYS A 1 35 ? 4.187   -2.908  -1.346  1.00 3.43  ? 35  CYS A C    1 
ATOM   486 O O    . CYS A 1 35 ? 5.300   -3.229  -1.735  1.00 6.34  ? 35  CYS A O    1 
ATOM   487 C CB   . CYS A 1 35 ? 4.548   -1.875  0.905   1.00 3.93  ? 35  CYS A CB   1 
ATOM   488 S SG   . CYS A 1 35 ? 3.845   -0.264  0.424   1.00 4.33  ? 35  CYS A SG   1 
ATOM   489 H H    . CYS A 1 35 ? 4.972   -4.392  1.008   1.00 4.56  ? 35  CYS A H    1 
ATOM   490 H HA   . CYS A 1 35 ? 2.863   -2.840  0.229   1.00 3.97  ? 35  CYS A HA   1 
ATOM   491 H HB2  . CYS A 1 35 ? 4.439   -2.011  1.859   1.00 4.71  ? 35  CYS A HB2  1 
ATOM   492 H HB3  . CYS A 1 35 ? 5.497   -1.894  0.701   1.00 4.71  ? 35  CYS A HB3  1 
ATOM   493 N N    . ARG A 1 36 ? 3.226   -2.474  -2.142  1.00 3.21  ? 36  ARG A N    1 
ATOM   494 C CA   . ARG A 1 36 ? 3.428   -2.134  -3.546  1.00 3.27  ? 36  ARG A CA   1 
ATOM   495 C C    . ARG A 1 36 ? 3.884   -0.677  -3.698  1.00 3.24  ? 36  ARG A C    1 
ATOM   496 O O    . ARG A 1 36 ? 4.927   -0.384  -4.289  1.00 4.90  ? 36  ARG A O    1 
ATOM   497 C CB   . ARG A 1 36 ? 2.113   -2.369  -4.324  1.00 4.35  ? 36  ARG A CB   1 
ATOM   498 C CG   . ARG A 1 36 ? 2.171   -2.091  -5.802  1.00 5.74  ? 36  ARG A CG   1 
ATOM   499 C CD   . ARG A 1 36 ? 2.825   -3.200  -6.628  1.00 6.15  ? 36  ARG A CD   1 
ATOM   500 N NE   . ARG A 1 36 ? 2.046   -4.423  -6.540  1.00 5.28  ? 36  ARG A NE   1 
ATOM   501 C CZ   . ARG A 1 36 ? 2.500   -5.619  -6.799  1.00 5.53  ? 36  ARG A CZ   1 
ATOM   502 N NH1  . ARG A 1 36 ? 3.755   -5.822  -7.119  1.00 7.54  ? 36  ARG A NH1  1 
ATOM   503 N NH2  . ARG A 1 36 ? 1.661   -6.663  -6.699  1.00 6.92  ? 36  ARG A NH2  1 
ATOM   504 H H    . ARG A 1 36 ? 2.436   -2.388  -1.814  1.00 3.85  ? 36  ARG A H    1 
ATOM   505 H HA   . ARG A 1 36 ? 4.121   -2.721  -3.915  1.00 3.92  ? 36  ARG A HA   1 
ATOM   506 H HB2  . ARG A 1 36 ? 1.842   -3.291  -4.196  1.00 5.22  ? 36  ARG A HB2  1 
ATOM   507 H HB3  . ARG A 1 36 ? 1.424   -1.807  -3.935  1.00 5.22  ? 36  ARG A HB3  1 
ATOM   508 H HG2  . ARG A 1 36 ? 1.267   -1.955  -6.128  1.00 6.89  ? 36  ARG A HG2  1 
ATOM   509 H HG3  . ARG A 1 36 ? 2.662   -1.267  -5.944  1.00 6.89  ? 36  ARG A HG3  1 
ATOM   510 H HD2  . ARG A 1 36 ? 2.888   -2.920  -7.555  1.00 7.38  ? 36  ARG A HD2  1 
ATOM   511 H HD3  . ARG A 1 36 ? 3.723   -3.362  -6.301  1.00 7.38  ? 36  ARG A HD3  1 
ATOM   512 H HE   . ARG A 1 36 ? 1.223   -4.353  -6.300  1.00 6.33  ? 36  ARG A HE   1 
ATOM   513 H HH11 . ARG A 1 36 ? 4.300   -5.159  -7.163  1.00 9.05  ? 36  ARG A HH11 1 
ATOM   514 H HH12 . ARG A 1 36 ? 4.033   -6.619  -7.286  1.00 9.05  ? 36  ARG A HH12 1 
ATOM   515 H HH21 . ARG A 1 36 ? 0.842   -6.536  -6.468  1.00 8.31  ? 36  ARG A HH21 1 
ATOM   516 H HH22 . ARG A 1 36 ? 1.941   -7.458  -6.866  1.00 8.31  ? 36  ARG A HH22 1 
ATOM   517 N N    . CYS A 1 37 ? 3.067   0.267   -3.224  1.00 3.13  ? 37  CYS A N    1 
ATOM   518 C CA   . CYS A 1 37 ? 3.423   1.670   -3.337  1.00 3.14  ? 37  CYS A CA   1 
ATOM   519 C C    . CYS A 1 37 ? 2.704   2.441   -2.227  1.00 2.89  ? 37  CYS A C    1 
ATOM   520 O O    . CYS A 1 37 ? 1.932   1.866   -1.451  1.00 3.49  ? 37  CYS A O    1 
ATOM   521 C CB   . CYS A 1 37 ? 3.122   2.252   -4.723  1.00 3.65  ? 37  CYS A CB   1 
ATOM   522 S SG   . CYS A 1 37 ? 1.336   2.521   -4.972  1.00 4.94  ? 37  CYS A SG   1 
ATOM   523 H H    . CYS A 1 37 ? 2.326   0.042   -2.850  1.00 3.75  ? 37  CYS A H    1 
ATOM   524 H HA   . CYS A 1 37 ? 4.388   1.748   -3.182  1.00 3.77  ? 37  CYS A HA   1 
ATOM   525 H HB2  . CYS A 1 37 ? 3.589   3.096   -4.826  1.00 4.39  ? 37  CYS A HB2  1 
ATOM   526 H HB3  . CYS A 1 37 ? 3.451   1.644   -5.404  1.00 4.39  ? 37  CYS A HB3  1 
ATOM   527 N N    . GLN A 1 38 ? 2.993   3.729   -2.146  1.00 3.21  ? 38  GLN A N    1 
ATOM   528 C CA   . GLN A 1 38 ? 2.505   4.575   -1.059  1.00 2.95  ? 38  GLN A CA   1 
ATOM   529 C C    . GLN A 1 38 ? 2.958   3.992   0.276   1.00 3.03  ? 38  GLN A C    1 
ATOM   530 O O    . GLN A 1 38 ? 2.238   3.975   1.267   1.00 3.90  ? 38  GLN A O    1 
ATOM   531 C CB   . GLN A 1 38 ? 1.002   4.822   -1.137  1.00 3.18  ? 38  GLN A CB   1 
ATOM   532 C CG   . GLN A 1 38 ? 0.549   5.969   -0.238  1.00 3.71  ? 38  GLN A CG   1 
ATOM   533 C CD   . GLN A 1 38 ? -0.885  6.347   -0.439  1.00 3.39  ? 38  GLN A CD   1 
ATOM   534 O OE1  . GLN A 1 38 ? -1.460  6.206   -1.515  1.00 5.53  ? 38  GLN A OE1  1 
ATOM   535 N NE2  . GLN A 1 38 ? -1.518  6.879   0.581   1.00 4.85  ? 38  GLN A NE2  1 
ATOM   536 H H    . GLN A 1 38 ? 3.487   4.082   -2.756  1.00 3.85  ? 38  GLN A H    1 
ATOM   537 H HA   . GLN A 1 38 ? 2.943   5.447   -1.156  1.00 3.54  ? 38  GLN A HA   1 
ATOM   538 H HB2  . GLN A 1 38 ? 0.760   5.023   -2.054  1.00 3.82  ? 38  GLN A HB2  1 
ATOM   539 H HB3  . GLN A 1 38 ? 0.534   4.012   -0.878  1.00 3.82  ? 38  GLN A HB3  1 
ATOM   540 H HG2  . GLN A 1 38 ? 0.679   5.712   0.688   1.00 4.45  ? 38  GLN A HG2  1 
ATOM   541 H HG3  . GLN A 1 38 ? 1.106   6.743   -0.411  1.00 4.45  ? 38  GLN A HG3  1 
ATOM   542 H HE21 . GLN A 1 38 ? -2.336  7.128   0.497   1.00 5.82  ? 38  GLN A HE21 1 
ATOM   543 H HE22 . GLN A 1 38 ? -1.114  6.977   1.334   1.00 5.82  ? 38  GLN A HE22 1 
ATOM   544 N N    . CYS A 1 39 ? 4.248   3.571   0.331   1.00 3.33  ? 39  CYS A N    1 
ATOM   545 C CA   . CYS A 1 39 ? 4.738   2.839   1.470   1.00 3.64  ? 39  CYS A CA   1 
ATOM   546 C C    . CYS A 1 39 ? 5.147   3.699   2.654   1.00 4.30  ? 39  CYS A C    1 
ATOM   547 O O    . CYS A 1 39 ? 5.510   3.173   3.692   1.00 6.96  ? 39  CYS A O    1 
ATOM   548 C CB   . CYS A 1 39 ? 5.878   1.894   1.046   1.00 4.95  ? 39  CYS A CB   1 
ATOM   549 S SG   . CYS A 1 39 ? 5.407   0.778   -0.316  1.00 5.34  ? 39  CYS A SG   1 
ATOM   550 H H    . CYS A 1 39 ? 4.779   3.744   -0.324  1.00 4.00  ? 39  CYS A H    1 
ATOM   551 H HA   . CYS A 1 39 ? 4.001   2.270   1.777   1.00 4.37  ? 39  CYS A HA   1 
ATOM   552 H HB2  . CYS A 1 39 ? 6.642   2.425   0.770   1.00 5.94  ? 39  CYS A HB2  1 
ATOM   553 H HB3  . CYS A 1 39 ? 6.148   1.362   1.811   1.00 5.94  ? 39  CYS A HB3  1 
ATOM   554 N N    . ARG A 1 40 ? 5.039   5.014   2.508   1.00 3.23  ? 40  ARG A N    1 
ATOM   555 C CA   . ARG A 1 40 ? 5.216   5.976   3.576   1.00 3.22  ? 40  ARG A CA   1 
ATOM   556 C C    . ARG A 1 40 ? 3.920   6.766   3.838   1.00 3.12  ? 40  ARG A C    1 
ATOM   557 O O    . ARG A 1 40 ? 3.942   7.853   4.397   1.00 4.11  ? 40  ARG A O    1 
ATOM   558 C CB   . ARG A 1 40 ? 6.420   6.883   3.364   1.00 3.98  ? 40  ARG A CB   1 
ATOM   559 C CG   . ARG A 1 40 ? 7.701   6.089   3.265   1.00 5.14  ? 40  ARG A CG   1 
ATOM   560 C CD   . ARG A 1 40 ? 8.937   6.966   3.171   1.00 5.65  ? 40  ARG A CD   1 
ATOM   561 N NE   . ARG A 1 40 ? 9.191   7.746   4.348   1.00 6.70  ? 40  ARG A NE   1 
ATOM   562 C CZ   . ARG A 1 40 ? 9.901   7.369   5.434   1.00 7.45  ? 40  ARG A CZ   1 
ATOM   563 N NH1  . ARG A 1 40 ? 10.078  8.271   6.409   1.00 12.28 ? 40  ARG A NH1  1 
ATOM   564 N NH2  . ARG A 1 40 ? 10.404  6.175   5.501   1.00 8.95  ? 40  ARG A NH2  1 
ATOM   565 H H    . ARG A 1 40 ? 4.849   5.315   1.724   1.00 3.88  ? 40  ARG A H    1 
ATOM   566 H HA   . ARG A 1 40 ? 5.397   5.459   4.389   1.00 3.87  ? 40  ARG A HA   1 
ATOM   567 H HB2  . ARG A 1 40 ? 6.296   7.395   2.550   1.00 4.78  ? 40  ARG A HB2  1 
ATOM   568 H HB3  . ARG A 1 40 ? 6.486   7.508   4.104   1.00 4.78  ? 40  ARG A HB3  1 
ATOM   569 H HG2  . ARG A 1 40 ? 7.779   5.518   4.045   1.00 6.17  ? 40  ARG A HG2  1 
ATOM   570 H HG3  . ARG A 1 40 ? 7.659   5.519   2.482   1.00 6.17  ? 40  ARG A HG3  1 
ATOM   571 H HD2  . ARG A 1 40 ? 9.708   6.402   2.999   1.00 6.79  ? 40  ARG A HD2  1 
ATOM   572 H HD3  . ARG A 1 40 ? 8.837   7.566   2.415   1.00 6.79  ? 40  ARG A HD3  1 
ATOM   573 H HE   . ARG A 1 40 ? 8.855   8.538   4.363   1.00 8.04  ? 40  ARG A HE   1 
ATOM   574 H HH11 . ARG A 1 40 ? 10.537  8.066   7.106   1.00 14.74 ? 40  ARG A HH11 1 
ATOM   575 H HH12 . ARG A 1 40 ? 9.732   9.055   6.336   1.00 14.74 ? 40  ARG A HH12 1 
ATOM   576 H HH21 . ARG A 1 40 ? 10.867  5.943   6.188   1.00 10.74 ? 40  ARG A HH21 1 
ATOM   577 H HH22 . ARG A 1 40 ? 10.274  5.617   4.861   1.00 10.74 ? 40  ARG A HH22 1 
ATOM   578 N N    . GLY A 1 41 ? 2.793   6.146   3.485   1.00 3.34  ? 41  GLY A N    1 
ATOM   579 C CA   . GLY A 1 41 ? 1.506   6.784   3.741   1.00 3.78  ? 41  GLY A CA   1 
ATOM   580 C C    . GLY A 1 41 ? 1.158   7.957   2.835   1.00 3.92  ? 41  GLY A C    1 
ATOM   581 O O    . GLY A 1 41 ? 0.102   8.539   3.111   1.00 5.82  ? 41  GLY A O    1 
ATOM   582 O OXT  . GLY A 1 41 ? 1.899   8.232   1.883   1.00 4.22  ? 41  GLY A OXT  1 
ATOM   583 H H    . GLY A 1 41 ? 2.824   5.373   3.108   1.00 4.00  ? 41  GLY A H    1 
ATOM   584 H HA2  . GLY A 1 41 ? 0.810   6.114   3.653   1.00 4.54  ? 41  GLY A HA2  1 
ATOM   585 H HA3  . GLY A 1 41 ? 1.496   7.093   4.660   1.00 4.54  ? 41  GLY A HA3  1 
HETATM 586 C C    . ACT B 2 .  ? -8.467  -0.032  -2.002  1.00 13.31 ? 42  ACT A C    1 
HETATM 587 O O    . ACT B 2 .  ? -8.270  -0.625  -0.921  1.00 12.34 ? 42  ACT A O    1 
HETATM 588 O OXT  . ACT B 2 .  ? -7.779  -0.118  -3.126  1.00 15.52 ? 42  ACT A OXT  1 
HETATM 589 C CH3  . ACT B 2 .  ? -9.625  0.951   -2.019  1.00 26.16 ? 42  ACT A CH3  1 
HETATM 590 C C    . ACT C 2 .  ? -7.863  5.983   7.067   1.00 11.40 ? 43  ACT A C    1 
HETATM 591 O O    . ACT C 2 .  ? -8.655  6.139   6.182   1.00 13.22 ? 43  ACT A O    1 
HETATM 592 O OXT  . ACT C 2 .  ? -7.954  4.996   7.842   1.00 17.30 ? 43  ACT A OXT  1 
HETATM 593 C CH3  . ACT C 2 .  ? -6.663  6.839   7.305   1.00 22.79 ? 43  ACT A CH3  1 
HETATM 594 O O    . HOH D 3 .  ? -7.573  4.303   1.137   1.00 7.30  ? 44  HOH A O    1 
HETATM 595 O O    . HOH D 3 .  ? -0.727  -4.396  -5.825  1.00 6.97  ? 45  HOH A O    1 
HETATM 596 O O    . HOH D 3 .  ? -3.289  -3.991  -7.336  1.00 11.80 ? 46  HOH A O    1 
HETATM 597 O O    . HOH D 3 .  ? 4.037   6.955   0.609   1.00 5.65  ? 47  HOH A O    1 
HETATM 598 O O    . HOH D 3 .  ? -2.669  -0.729  11.771  1.00 8.70  ? 48  HOH A O    1 
HETATM 599 O O    . HOH D 3 .  ? -11.803 -2.262  -0.520  1.00 12.08 ? 49  HOH A O    1 
HETATM 600 O O    . HOH D 3 .  ? 5.484   10.026  5.387   1.00 8.95  ? 50  HOH A O    1 
HETATM 601 O O    . HOH D 3 .  ? 0.068   3.287   8.735   1.00 8.42  ? 51  HOH A O    1 
HETATM 602 O O    . HOH D 3 .  ? -0.058  2.962   -11.344 1.00 8.67  ? 52  HOH A O    1 
HETATM 603 O O    . HOH D 3 .  ? -10.081 4.084   5.322   1.00 9.33  ? 53  HOH A O    1 
HETATM 604 O O    . HOH D 3 .  ? -8.407  5.274   -1.492  1.00 13.36 ? 54  HOH A O    1 
HETATM 605 O O    . HOH D 3 .  ? -3.750  10.546  0.151   1.00 15.88 ? 55  HOH A O    1 
HETATM 606 O O    . HOH D 3 .  ? -4.018  -3.181  -10.083 1.00 18.41 ? 56  HOH A O    1 
HETATM 607 O O    . HOH D 3 .  ? -8.721  -2.349  2.371   1.00 17.95 ? 57  HOH A O    1 
HETATM 608 O O    A HOH D 3 .  ? -8.806  -0.650  -5.479  0.50 12.67 ? 58  HOH A O    1 
HETATM 609 O O    B HOH D 3 .  ? -10.525 -1.277  -6.670  0.50 43.82 ? 58  HOH A O    1 
HETATM 610 O O    . HOH D 3 .  ? 8.411   -0.382  3.332   1.00 15.29 ? 59  HOH A O    1 
HETATM 611 O O    . HOH D 3 .  ? 4.075   5.915   -3.788  1.00 15.49 ? 60  HOH A O    1 
HETATM 612 O O    . HOH D 3 .  ? -1.371  1.587   12.646  1.00 14.02 ? 61  HOH A O    1 
HETATM 613 O O    . HOH D 3 .  ? 8.924   -0.931  0.526   1.00 20.60 ? 62  HOH A O    1 
HETATM 614 O O    . HOH D 3 .  ? -3.688  -6.671  1.381   1.00 13.54 ? 63  HOH A O    1 
HETATM 615 O O    . HOH D 3 .  ? 10.249  1.148   5.275   1.00 21.79 ? 64  HOH A O    1 
HETATM 616 O O    . HOH D 3 .  ? 6.218   -4.358  -4.423  1.00 23.02 ? 65  HOH A O    1 
HETATM 617 O O    . HOH D 3 .  ? 10.360  3.864   3.939   1.00 15.85 ? 66  HOH A O    1 
HETATM 618 O O    . HOH D 3 .  ? -4.626  9.201   -2.574  1.00 22.14 ? 67  HOH A O    1 
HETATM 619 O O    . HOH D 3 .  ? -4.398  -6.297  -7.620  1.00 46.24 ? 68  HOH A O    1 
HETATM 620 O O    A HOH D 3 .  ? 4.487   4.037   -7.613  0.50 47.47 ? 69  HOH A O    1 
HETATM 621 O O    B HOH D 3 .  ? -13.848 -1.444  -7.759  0.50 20.90 ? 69  HOH A O    1 
HETATM 622 O O    . HOH D 3 .  ? 9.572   -3.951  6.282   1.00 23.93 ? 70  HOH A O    1 
HETATM 623 O O    . HOH D 3 .  ? -10.097 -0.692  0.934   1.00 20.96 ? 71  HOH A O    1 
HETATM 624 O O    A HOH D 3 .  ? 8.023   -3.180  -0.919  0.50 11.60 ? 72  HOH A O    1 
HETATM 625 O O    . HOH D 3 .  ? 7.547   10.593  7.238   1.00 18.51 ? 73  HOH A O    1 
HETATM 626 O O    A HOH D 3 .  ? -1.201  3.845   11.295  0.50 26.62 ? 74  HOH A O    1 
HETATM 627 O O    B HOH D 3 .  ? 0.668   4.278   11.009  0.50 25.16 ? 75  HOH A O    1 
HETATM 628 O O    . HOH D 3 .  ? -3.220  5.243   9.662   1.00 39.18 ? 76  HOH A O    1 
HETATM 629 O O    . HOH D 3 .  ? -5.893  10.040  6.455   1.00 44.22 ? 77  HOH A O    1 
HETATM 630 O O    . HOH D 3 .  ? 0.059   -8.515  5.914   1.00 22.06 ? 78  HOH A O    1 
HETATM 631 O O    . HOH D 3 .  ? 1.598   -11.313 2.843   1.00 23.17 ? 79  HOH A O    1 
HETATM 632 O O    . HOH D 3 .  ? -9.762  4.655   -3.825  1.00 35.33 ? 80  HOH A O    1 
HETATM 633 O O    . HOH D 3 .  ? -8.399  1.762   -9.279  1.00 25.90 ? 81  HOH A O    1 
HETATM 634 O O    . HOH D 3 .  ? 10.260  -4.335  -2.182  1.00 43.00 ? 82  HOH A O    1 
HETATM 635 O O    . HOH D 3 .  ? -2.253  -8.245  -6.807  1.00 28.51 ? 83  HOH A O    1 
HETATM 636 O O    . HOH D 3 .  ? 9.861   1.301   1.471   1.00 38.76 ? 84  HOH A O    1 
HETATM 637 O O    . HOH D 3 .  ? -6.801  -7.795  -5.791  0.50 39.66 ? 85  HOH A O    1 
HETATM 638 O O    . HOH D 3 .  ? 11.641  -0.935  0.890   1.00 45.53 ? 86  HOH A O    1 
HETATM 639 O O    . HOH D 3 .  ? -3.845  -10.360 -6.020  0.50 31.43 ? 87  HOH A O    1 
HETATM 640 O O    . HOH D 3 .  ? -11.188 0.778   -5.742  0.50 38.79 ? 88  HOH A O    1 
HETATM 641 O O    . HOH D 3 .  ? -13.518 1.162   -9.712  0.50 36.54 ? 89  HOH A O    1 
HETATM 642 O O    A HOH D 3 .  ? 7.943   -7.084  5.260   0.50 23.13 ? 92  HOH A O    1 
HETATM 643 O O    B HOH D 3 .  ? 6.115   -6.523  5.657   0.50 9.99  ? 93  HOH A O    1 
HETATM 644 O O    B HOH D 3 .  ? 7.483   -4.523  -0.669  0.50 15.73 ? 94  HOH A O    1 
HETATM 645 O O    . HOH D 3 .  ? -1.737  -6.816  3.561   1.00 47.38 ? 95  HOH A O    1 
HETATM 646 O O    . HOH D 3 .  ? -6.123  12.665  5.852   0.50 27.76 ? 96  HOH A O    1 
HETATM 647 O O    A HOH D 3 .  ? 4.959   -6.419  6.086   0.50 16.24 ? 97  HOH A O    1 
HETATM 648 O O    . HOH D 3 .  ? -2.603  -8.065  6.674   1.00 51.16 ? 98  HOH A O    1 
HETATM 649 O O    A HOH D 3 .  ? 11.692  -3.541  -5.745  0.50 31.64 ? 99  HOH A O    1 
HETATM 650 O O    B HOH D 3 .  ? 10.150  -4.310  -4.760  0.50 33.74 ? 99  HOH A O    1 
HETATM 651 O O    . HOH D 3 .  ? -4.081  -6.653  8.364   1.00 45.32 ? 100 HOH A O    1 
HETATM 652 O O    . HOH D 3 .  ? 12.324  -3.330  -0.782  0.50 41.06 ? 101 HOH A O    1 
HETATM 653 O O    . HOH D 3 .  ? -1.641  -11.217 5.964   0.50 44.63 ? 102 HOH A O    1 
HETATM 654 O O    . HOH D 3 .  ? -12.432 -0.906  -4.335  1.00 54.93 ? 104 HOH A O    1 
HETATM 655 O O    . HOH D 3 .  ? 6.590   -6.019  -2.748  0.50 27.44 ? 105 HOH A O    1 
HETATM 656 O O    . HOH D 3 .  ? -14.936 -2.619  -9.756  0.50 28.32 ? 107 HOH A O    1 
HETATM 657 O O    . HOH D 3 .  ? 8.333   2.250   3.937   1.00 41.17 ? 108 HOH A O    1 
# 
loop_
_atom_site_anisotrop.id 
_atom_site_anisotrop.type_symbol 
_atom_site_anisotrop.pdbx_label_atom_id 
_atom_site_anisotrop.pdbx_label_alt_id 
_atom_site_anisotrop.pdbx_label_comp_id 
_atom_site_anisotrop.pdbx_label_asym_id 
_atom_site_anisotrop.pdbx_label_seq_id 
_atom_site_anisotrop.pdbx_PDB_ins_code 
_atom_site_anisotrop.U[1][1] 
_atom_site_anisotrop.U[2][2] 
_atom_site_anisotrop.U[3][3] 
_atom_site_anisotrop.U[1][2] 
_atom_site_anisotrop.U[1][3] 
_atom_site_anisotrop.U[2][3] 
_atom_site_anisotrop.pdbx_auth_seq_id 
_atom_site_anisotrop.pdbx_auth_comp_id 
_atom_site_anisotrop.pdbx_auth_asym_id 
_atom_site_anisotrop.pdbx_auth_atom_id 
1   N N   . PCA A 1  ? 0.0851 0.1141 0.0798 -0.0129 0.0185  0.0056  1   PCA A N   
2   C CA  . PCA A 1  ? 0.0810 0.0937 0.0763 -0.0210 -0.0023 0.0117  1   PCA A CA  
3   C CB  . PCA A 1  ? 0.1013 0.1677 0.1233 -0.0640 -0.0017 0.0032  1   PCA A CB  
4   C CG  . PCA A 1  ? 0.0815 0.1856 0.2194 -0.0293 0.0074  0.0806  1   PCA A CG  
5   C CD  . PCA A 1  ? 0.0990 0.1321 0.1431 0.0065  0.0405  0.0486  1   PCA A CD  
6   O OE  . PCA A 1  ? 0.1957 0.1969 0.2300 0.0612  0.1285  0.0461  1   PCA A OE  
7   C C   . PCA A 1  ? 0.0701 0.0917 0.0748 -0.0134 -0.0085 -0.0050 1   PCA A C   
8   O O   . PCA A 1  ? 0.1125 0.1048 0.1319 0.0032  0.0224  -0.0304 1   PCA A O   
15  N N   . THR A 2  ? 0.0688 0.0821 0.0591 -0.0272 -0.0058 -0.0027 2   THR A N   
16  C CA  . THR A 2  ? 0.0808 0.1132 0.0434 -0.0393 -0.0051 -0.0115 2   THR A CA  
17  C C   . THR A 2  ? 0.0633 0.0906 0.0376 -0.0224 -0.0060 0.0032  2   THR A C   
18  O O   . THR A 2  ? 0.0912 0.1123 0.0461 -0.0338 -0.0182 0.0152  2   THR A O   
19  C CB  . THR A 2  ? 0.1165 0.1918 0.0717 -0.0640 -0.0351 0.0083  2   THR A CB  
20  O OG1 . THR A 2  ? 0.1102 0.2014 0.1555 -0.0350 -0.0612 0.0676  2   THR A OG1 
21  C CG2 . THR A 2  ? 0.2151 0.2627 0.1032 -0.1392 -0.0526 -0.0246 2   THR A CG2 
29  N N   . CYS A 3  ? 0.0569 0.0622 0.0307 -0.0134 -0.0055 0.0021  3   CYS A N   
30  C CA  . CYS A 3  ? 0.0523 0.0504 0.0356 -0.0004 -0.0018 -0.0019 3   CYS A CA  
31  C C   . CYS A 3  ? 0.0596 0.0419 0.0232 0.0002  -0.0056 0.0012  3   CYS A C   
32  O O   . CYS A 3  ? 0.0801 0.0416 0.0340 -0.0095 0.0012  -0.0033 3   CYS A O   
33  C CB  . CYS A 3  ? 0.0563 0.0556 0.0362 -0.0004 0.0058  -0.0111 3   CYS A CB  
34  S SG  . CYS A 3  ? 0.0603 0.0497 0.0387 -0.0112 -0.0086 0.0013  3   CYS A SG  
39  N N   . ALA A 4  ? 0.0598 0.0420 0.0365 -0.0064 0.0024  -0.0009 4   ALA A N   
40  C CA  . ALA A 4  ? 0.0605 0.0487 0.0454 -0.0013 0.0052  0.0071  4   ALA A CA  
41  C C   . ALA A 4  ? 0.0649 0.0462 0.0373 -0.0006 0.0121  -0.0066 4   ALA A C   
42  O O   . ALA A 4  ? 0.0751 0.0570 0.0535 -0.0052 0.0207  0.0058  4   ALA A O   
43  C CB  . ALA A 4  ? 0.0840 0.0774 0.0811 0.0271  0.0244  0.0203  4   ALA A CB  
49  N N   . SER A 5  ? 0.0793 0.0467 0.0345 -0.0034 -0.0006 0.0008  5   SER A N   
50  C CA  . SER A 5  ? 0.1053 0.0622 0.0274 -0.0029 -0.0016 -0.0001 5   SER A CA  
51  C C   . SER A 5  ? 0.0937 0.0570 0.0374 -0.0056 -0.0086 0.0088  5   SER A C   
52  O O   . SER A 5  ? 0.2012 0.0736 0.0369 -0.0029 -0.0024 0.0148  5   SER A O   
53  C CB  A SER A 5  ? 0.1312 0.0832 0.0926 -0.0067 -0.0554 -0.0089 5   SER A CB  
54  C CB  B SER A 5  ? 0.1217 0.0787 0.0313 -0.0355 -0.0151 0.0180  5   SER A CB  
55  O OG  A SER A 5  ? 0.1233 0.1268 0.0914 -0.0122 -0.0374 0.0237  5   SER A OG  
56  O OG  B SER A 5  ? 0.1526 0.0973 0.0668 -0.0266 -0.0139 -0.0060 5   SER A OG  
65  N N   . ARG A 6  ? 0.0721 0.0475 0.0327 -0.0002 -0.0040 0.0025  6   ARG A N   
66  C CA  . ARG A 6  ? 0.0653 0.0439 0.0482 0.0032  -0.0039 0.0080  6   ARG A CA  
67  C C   . ARG A 6  ? 0.0704 0.0438 0.0310 0.0024  -0.0009 0.0030  6   ARG A C   
68  O O   . ARG A 6  ? 0.0853 0.0500 0.0610 0.0044  -0.0058 -0.0144 6   ARG A O   
69  C CB  . ARG A 6  ? 0.0723 0.0634 0.0922 0.0160  0.0082  -0.0022 6   ARG A CB  
70  C CG  . ARG A 6  ? 0.0771 0.1163 0.1329 0.0083  -0.0093 -0.0188 6   ARG A CG  
71  C CD  . ARG A 6  ? 0.0844 0.1352 0.1564 0.0205  0.0213  0.0058  6   ARG A CD  
72  N NE  . ARG A 6  ? 0.1072 0.0887 0.1191 -0.0096 0.0227  -0.0090 6   ARG A NE  
73  C CZ  . ARG A 6  ? 0.0786 0.0891 0.1195 -0.0049 0.0045  -0.0077 6   ARG A CZ  
74  N NH1 . ARG A 6  ? 0.1214 0.1294 0.1064 -0.0144 0.0011  -0.0098 6   ARG A NH1 
75  N NH2 . ARG A 6  ? 0.0888 0.1114 0.1270 -0.0144 0.0041  -0.0048 6   ARG A NH2 
89  N N   . CYS A 7  ? 0.0648 0.0411 0.0418 0.0011  -0.0045 -0.0028 7   CYS A N   
90  C CA  . CYS A 7  ? 0.0698 0.0497 0.0323 -0.0015 0.0033  -0.0038 7   CYS A CA  
91  C C   . CYS A 7  ? 0.0701 0.0475 0.0518 -0.0007 0.0055  -0.0097 7   CYS A C   
92  O O   . CYS A 7  ? 0.1049 0.0570 0.0433 -0.0077 0.0031  0.0026  7   CYS A O   
93  C CB  . CYS A 7  ? 0.0685 0.0563 0.0424 0.0054  -0.0001 -0.0010 7   CYS A CB  
94  S SG  . CYS A 7  ? 0.0750 0.0503 0.0674 -0.0033 -0.0153 0.0042  7   CYS A SG  
99  N N   . PRO A 8  ? 0.0802 0.0540 0.0533 -0.0134 0.0026  -0.0064 8   PRO A N   
100 C CA  . PRO A 8  ? 0.0721 0.0648 0.0754 -0.0060 -0.0092 -0.0125 8   PRO A CA  
101 C C   . PRO A 8  ? 0.0811 0.0536 0.0702 -0.0021 -0.0166 -0.0159 8   PRO A C   
102 O O   . PRO A 8  ? 0.1028 0.1261 0.0779 0.0266  -0.0387 -0.0408 8   PRO A O   
103 C CB  . PRO A 8  ? 0.0938 0.1096 0.1239 -0.0435 -0.0083 -0.0184 8   PRO A CB  
104 C CG  . PRO A 8  ? 0.1466 0.0727 0.1066 -0.0469 0.0019  -0.0043 8   PRO A CG  
105 C CD  . PRO A 8  ? 0.1080 0.0502 0.0808 -0.0168 0.0176  0.0026  8   PRO A CD  
113 N N   . ARG A 9  ? 0.0734 0.0542 0.0443 -0.0046 -0.0097 -0.0034 9   ARG A N   
114 C CA  . ARG A 9  ? 0.0964 0.0362 0.0405 0.0070  -0.0151 -0.0016 9   ARG A CA  
115 C C   . ARG A 9  ? 0.0783 0.0462 0.0354 0.0130  -0.0037 -0.0056 9   ARG A C   
116 O O   . ARG A 9  ? 0.0948 0.0591 0.0843 0.0231  -0.0171 0.0003  9   ARG A O   
117 C CB  A ARG A 9  ? 0.1020 0.0341 0.0575 -0.0026 -0.0143 -0.0057 9   ARG A CB  
118 C CB  B ARG A 9  ? 0.0963 0.0341 0.0452 -0.0112 -0.0060 -0.0053 9   ARG A CB  
119 C CG  A ARG A 9  ? 0.0753 0.0535 0.0604 0.0042  0.0019  0.0085  9   ARG A CG  
120 C CG  B ARG A 9  ? 0.1164 0.0575 0.0559 -0.0334 0.0301  -0.0225 9   ARG A CG  
121 C CD  A ARG A 9  ? 0.0808 0.0549 0.0363 -0.0034 -0.0090 -0.0036 9   ARG A CD  
122 C CD  B ARG A 9  ? 0.0887 0.0347 0.0367 0.0129  0.0000  0.0009  9   ARG A CD  
123 N NE  A ARG A 9  ? 0.0609 0.0586 0.0677 0.0036  0.0002  0.0150  9   ARG A NE  
124 N NE  B ARG A 9  ? 0.0687 0.0551 0.0494 0.0178  -0.0069 0.0007  9   ARG A NE  
125 C CZ  A ARG A 9  ? 0.0737 0.0472 0.0527 -0.0072 -0.0097 0.0108  9   ARG A CZ  
126 C CZ  B ARG A 9  ? 0.0687 0.0474 0.0541 -0.0217 -0.0203 0.0225  9   ARG A CZ  
127 N NH1 A ARG A 9  ? 0.0918 0.0547 0.0687 -0.0036 -0.0252 0.0154  9   ARG A NH1 
128 N NH1 B ARG A 9  ? 0.1030 0.0705 0.0589 0.0020  -0.0138 -0.0032 9   ARG A NH1 
129 N NH2 A ARG A 9  ? 0.0693 0.0513 0.1088 -0.0156 -0.0353 0.0061  9   ARG A NH2 
130 N NH2 B ARG A 9  ? 0.0764 0.0524 0.0648 -0.0121 -0.0415 0.0208  9   ARG A NH2 
155 N N   . PRO A 10 ? 0.0679 0.0430 0.0382 0.0094  0.0050  -0.0080 10  PRO A N   
156 C CA  . PRO A 10 ? 0.0733 0.0564 0.0412 0.0101  0.0007  -0.0124 10  PRO A CA  
157 C C   . PRO A 10 ? 0.0560 0.0519 0.0485 0.0161  -0.0030 -0.0095 10  PRO A C   
158 O O   . PRO A 10 ? 0.0650 0.1059 0.0553 0.0072  -0.0101 -0.0167 10  PRO A O   
159 C CB  A PRO A 10 ? 0.0868 0.0533 0.0562 0.0070  0.0115  -0.0160 10  PRO A CB  
160 C CB  B PRO A 10 ? 0.0565 0.0618 0.0906 -0.0032 0.0238  -0.0362 10  PRO A CB  
161 C CG  A PRO A 10 ? 0.0885 0.0421 0.0423 0.0156  -0.0064 0.0005  10  PRO A CG  
162 C CG  B PRO A 10 ? 0.0906 0.0437 0.0127 0.0194  0.0348  -0.0097 10  PRO A CG  
163 C CD  A PRO A 10 ? 0.0739 0.0535 0.0485 0.0148  0.0075  -0.0039 10  PRO A CD  
164 C CD  B PRO A 10 ? 0.0780 0.0299 0.0246 0.0163  -0.0012 -0.0266 10  PRO A CD  
178 N N   . CYS A 11 ? 0.0522 0.0446 0.0359 0.0113  0.0005  -0.0025 11  CYS A N   
179 C CA  . CYS A 11 ? 0.0486 0.0464 0.0408 0.0095  0.0018  -0.0057 11  CYS A CA  
180 C C   . CYS A 11 ? 0.0401 0.0430 0.0433 0.0104  -0.0027 -0.0035 11  CYS A C   
181 O O   . CYS A 11 ? 0.0557 0.0448 0.0574 0.0066  0.0085  -0.0020 11  CYS A O   
182 C CB  . CYS A 11 ? 0.0642 0.0513 0.0428 0.0087  0.0012  -0.0035 11  CYS A CB  
183 S SG  . CYS A 11 ? 0.0900 0.0533 0.0575 0.0283  0.0239  0.0081  11  CYS A SG  
188 N N   . ASN A 12 ? 0.0490 0.0439 0.0453 0.0021  0.0065  -0.0105 12  ASN A N   
189 C CA  . ASN A 12 ? 0.0399 0.0443 0.0477 0.0079  0.0048  -0.0071 12  ASN A CA  
190 C C   . ASN A 12 ? 0.0381 0.0435 0.0572 0.0031  0.0059  -0.0111 12  ASN A C   
191 O O   . ASN A 12 ? 0.0491 0.0413 0.0619 0.0117  -0.0017 -0.0123 12  ASN A O   
192 C CB  . ASN A 12 ? 0.0419 0.0595 0.0508 0.0045  0.0082  -0.0116 12  ASN A CB  
193 C CG  . ASN A 12 ? 0.0417 0.0522 0.0517 0.0057  0.0059  -0.0052 12  ASN A CG  
194 O OD1 . ASN A 12 ? 0.0434 0.1055 0.0651 0.0021  0.0050  0.0200  12  ASN A OD1 
195 N ND2 . ASN A 12 ? 0.0447 0.0762 0.0642 -0.0028 0.0065  0.0057  12  ASN A ND2 
202 N N   . ALA A 13 ? 0.0429 0.0450 0.1104 0.0125  -0.0112 -0.0279 13  ALA A N   
203 C CA  . ALA A 13 ? 0.0446 0.0479 0.1180 0.0061  -0.0105 -0.0301 13  ALA A CA  
204 C C   . ALA A 13 ? 0.0593 0.0503 0.0859 0.0069  -0.0071 -0.0352 13  ALA A C   
205 O O   . ALA A 13 ? 0.0600 0.1291 0.1043 0.0042  0.0227  -0.0410 13  ALA A O   
206 C CB  . ALA A 13 ? 0.0917 0.0494 0.1867 0.0005  -0.0398 -0.0392 13  ALA A CB  
212 N N   . GLY A 14 ? 0.0527 0.0471 0.0864 -0.0023 0.0004  -0.0302 14  GLY A N   
213 C CA  . GLY A 14 ? 0.0689 0.0673 0.0674 -0.0013 -0.0142 -0.0287 14  GLY A CA  
214 C C   . GLY A 14 ? 0.0671 0.0631 0.0491 0.0080  -0.0059 -0.0149 14  GLY A C   
215 O O   . GLY A 14 ? 0.1606 0.0772 0.0768 0.0189  -0.0604 -0.0087 14  GLY A O   
219 N N   . LEU A 15 ? 0.0553 0.0409 0.0384 0.0054  -0.0003 -0.0149 15  LEU A N   
220 C CA  . LEU A 15 ? 0.0450 0.0364 0.0317 0.0046  0.0062  -0.0070 15  LEU A CA  
221 C C   . LEU A 15 ? 0.0417 0.0286 0.0366 -0.0005 0.0076  -0.0044 15  LEU A C   
222 O O   . LEU A 15 ? 0.0732 0.0341 0.0649 0.0055  0.0287  0.0039  15  LEU A O   
223 C CB  . LEU A 15 ? 0.0469 0.0397 0.0406 0.0031  0.0043  -0.0076 15  LEU A CB  
224 C CG  . LEU A 15 ? 0.0521 0.0680 0.0581 0.0062  0.0135  -0.0068 15  LEU A CG  
225 C CD1 . LEU A 15 ? 0.0438 0.1267 0.1131 -0.0052 0.0120  -0.0120 15  LEU A CD1 
226 C CD2 . LEU A 15 ? 0.0816 0.1020 0.0644 0.0134  0.0267  0.0079  15  LEU A CD2 
238 N N   . CYS A 16 ? 0.0429 0.0307 0.0332 -0.0022 0.0127  -0.0043 16  CYS A N   
239 C CA  . CYS A 16 ? 0.0364 0.0297 0.0266 0.0005  0.0078  -0.0056 16  CYS A CA  
240 C C   . CYS A 16 ? 0.0324 0.0288 0.0322 0.0021  0.0002  -0.0025 16  CYS A C   
241 O O   . CYS A 16 ? 0.0455 0.0531 0.0336 -0.0174 0.0059  -0.0047 16  CYS A O   
242 C CB  . CYS A 16 ? 0.0441 0.0381 0.0426 0.0062  -0.0068 -0.0108 16  CYS A CB  
243 S SG  . CYS A 16 ? 0.0594 0.0412 0.0461 -0.0053 -0.0159 -0.0039 16  CYS A SG  
248 N N   . CYS A 17 ? 0.0327 0.0308 0.0321 -0.0028 0.0049  -0.0063 17  CYS A N   
249 C CA  . CYS A 17 ? 0.0323 0.0315 0.0333 0.0026  0.0017  -0.0066 17  CYS A CA  
250 C C   . CYS A 17 ? 0.0364 0.0339 0.0292 0.0036  0.0004  -0.0097 17  CYS A C   
251 O O   . CYS A 17 ? 0.0353 0.0440 0.0604 0.0078  0.0067  -0.0036 17  CYS A O   
252 C CB  . CYS A 17 ? 0.0482 0.0350 0.0330 0.0004  -0.0013 -0.0050 17  CYS A CB  
253 S SG  . CYS A 17 ? 0.0534 0.0532 0.0313 -0.0002 0.0016  -0.0102 17  CYS A SG  
258 N N   . SER A 18 ? 0.0386 0.0327 0.0513 0.0045  0.0038  -0.0044 18  SER A N   
259 C CA  . SER A 18 ? 0.0493 0.0318 0.0470 0.0074  0.0033  -0.0035 18  SER A CA  
260 C C   . SER A 18 ? 0.0453 0.0289 0.0469 0.0003  0.0015  -0.0038 18  SER A C   
261 O O   . SER A 18 ? 0.0587 0.0400 0.0528 0.0082  -0.0064 -0.0036 18  SER A O   
262 C CB  . SER A 18 ? 0.0804 0.0399 0.0547 0.0045  0.0107  0.0020  18  SER A CB  
263 O OG  . SER A 18 ? 0.0831 0.0653 0.0826 -0.0164 0.0129  0.0023  18  SER A OG  
269 N N   . ILE A 19 ? 0.0483 0.0360 0.0483 0.0063  -0.0019 -0.0068 19  ILE A N   
270 C CA  . ILE A 19 ? 0.0539 0.0363 0.0559 0.0030  0.0071  -0.0077 19  ILE A CA  
271 C C   . ILE A 19 ? 0.0567 0.0414 0.0652 0.0097  -0.0017 -0.0135 19  ILE A C   
272 O O   . ILE A 19 ? 0.0885 0.0872 0.0720 -0.0069 -0.0025 -0.0303 19  ILE A O   
273 C CB  . ILE A 19 ? 0.0526 0.0521 0.0799 0.0132  0.0045  -0.0158 19  ILE A CB  
274 C CG1 . ILE A 19 ? 0.0685 0.0614 0.0881 0.0193  -0.0100 -0.0083 19  ILE A CG1 
275 C CG2 . ILE A 19 ? 0.0543 0.0860 0.1008 0.0071  0.0055  -0.0134 19  ILE A CG2 
276 C CD1 . ILE A 19 ? 0.0987 0.0802 0.1711 0.0386  -0.0036 -0.0001 19  ILE A CD1 
288 N N   . TYR A 20 ? 0.0575 0.0387 0.0642 -0.0022 0.0003  -0.0102 20  TYR A N   
289 C CA  . TYR A 20 ? 0.0649 0.0418 0.0933 -0.0069 -0.0045 -0.0194 20  TYR A CA  
290 C C   . TYR A 20 ? 0.0561 0.0596 0.0802 -0.0069 -0.0008 -0.0248 20  TYR A C   
291 O O   . TYR A 20 ? 0.0686 0.0761 0.1517 -0.0182 -0.0236 -0.0147 20  TYR A O   
292 C CB  . TYR A 20 ? 0.0791 0.0700 0.1447 -0.0209 -0.0084 0.0132  20  TYR A CB  
293 C CG  . TYR A 20 ? 0.1069 0.1110 0.1480 -0.0461 -0.0103 0.0425  20  TYR A CG  
294 C CD1 . TYR A 20 ? 0.1473 0.3204 0.1199 0.0436  -0.0027 0.0934  20  TYR A CD1 
295 C CD2 . TYR A 20 ? 0.1397 0.0636 0.2399 -0.0042 -0.0433 0.0219  20  TYR A CD2 
296 C CE1 . TYR A 20 ? 0.1432 0.4671 0.2094 0.0936  -0.0018 0.1218  20  TYR A CE1 
297 C CE2 . TYR A 20 ? 0.1512 0.0810 0.3086 -0.0163 -0.0501 0.0760  20  TYR A CE2 
298 C CZ  . TYR A 20 ? 0.1145 0.1854 0.2867 -0.0154 -0.0262 0.1570  20  TYR A CZ  
299 O OH  . TYR A 20 ? 0.1392 0.3350 0.4877 0.0355  -0.0298 0.2727  20  TYR A OH  
309 N N   . GLY A 21 ? 0.0490 0.0528 0.0665 0.0038  0.0016  -0.0235 21  GLY A N   
310 C CA  . GLY A 21 ? 0.0566 0.0666 0.0477 0.0044  0.0036  -0.0218 21  GLY A CA  
311 C C   . GLY A 21 ? 0.0439 0.0465 0.0419 -0.0052 0.0039  -0.0091 21  GLY A C   
312 O O   . GLY A 21 ? 0.0582 0.0653 0.0450 0.0099  -0.0016 -0.0008 21  GLY A O   
316 N N   . TYR A 22 ? 0.0517 0.0424 0.0378 0.0046  0.0016  -0.0060 22  TYR A N   
317 C CA  . TYR A 22 ? 0.0478 0.0464 0.0384 -0.0022 0.0064  -0.0119 22  TYR A CA  
318 C C   . TYR A 22 ? 0.0398 0.0443 0.0299 0.0045  0.0032  -0.0009 22  TYR A C   
319 O O   . TYR A 22 ? 0.0399 0.0608 0.0583 0.0039  0.0016  -0.0121 22  TYR A O   
320 C CB  . TYR A 22 ? 0.0748 0.0607 0.0546 -0.0174 0.0207  -0.0057 22  TYR A CB  
321 C CG  . TYR A 22 ? 0.0817 0.0607 0.0520 -0.0172 0.0197  0.0000  22  TYR A CG  
322 C CD1 . TYR A 22 ? 0.0780 0.0569 0.1090 -0.0107 0.0136  -0.0164 22  TYR A CD1 
323 C CD2 . TYR A 22 ? 0.0711 0.0718 0.0689 -0.0145 0.0195  -0.0161 22  TYR A CD2 
324 C CE1 . TYR A 22 ? 0.0817 0.0698 0.1191 0.0030  0.0002  -0.0322 22  TYR A CE1 
325 C CE2 . TYR A 22 ? 0.0702 0.0761 0.0773 -0.0083 0.0175  -0.0055 22  TYR A CE2 
326 C CZ  . TYR A 22 ? 0.0655 0.0683 0.0924 -0.0095 0.0145  -0.0077 22  TYR A CZ  
327 O OH  . TYR A 22 ? 0.0707 0.0725 0.1547 -0.0089 -0.0025 -0.0336 22  TYR A OH  
337 N N   . CYS A 23 ? 0.0422 0.0412 0.0469 0.0030  -0.0082 -0.0123 23  CYS A N   
338 C CA  . CYS A 23 ? 0.0410 0.0456 0.0337 -0.0022 -0.0043 -0.0071 23  CYS A CA  
339 C C   . CYS A 23 ? 0.0389 0.0467 0.0436 0.0004  0.0010  -0.0071 23  CYS A C   
340 O O   . CYS A 23 ? 0.0480 0.1001 0.0562 -0.0215 0.0050  -0.0034 23  CYS A O   
341 C CB  . CYS A 23 ? 0.0693 0.0452 0.0431 0.0055  -0.0037 -0.0094 23  CYS A CB  
342 S SG  . CYS A 23 ? 0.1274 0.0499 0.0449 0.0040  -0.0174 -0.0037 23  CYS A SG  
347 N N   . GLY A 24 ? 0.0406 0.0455 0.0372 -0.0035 0.0048  -0.0030 24  GLY A N   
348 C CA  . GLY A 24 ? 0.0426 0.0503 0.0347 -0.0033 0.0011  0.0005  24  GLY A CA  
349 C C   . GLY A 24 ? 0.0393 0.0345 0.0331 0.0038  0.0061  0.0005  24  GLY A C   
350 O O   . GLY A 24 ? 0.0538 0.0544 0.0357 -0.0146 0.0056  0.0045  24  GLY A O   
354 N N   . SER A 25 ? 0.0469 0.0618 0.0321 -0.0088 0.0041  0.0036  25  SER A N   
355 C CA  . SER A 25 ? 0.0582 0.0516 0.0356 -0.0002 -0.0048 -0.0013 25  SER A CA  
356 C C   . SER A 25 ? 0.0490 0.0503 0.0313 -0.0041 0.0017  -0.0069 25  SER A C   
357 O O   . SER A 25 ? 0.0542 0.0583 0.0679 -0.0056 -0.0105 -0.0006 25  SER A O   
358 C CB  A SER A 25 ? 0.0745 0.0693 0.0639 0.0178  -0.0063 -0.0199 25  SER A CB  
359 C CB  B SER A 25 ? 0.0638 0.1160 0.0353 0.0321  -0.0334 -0.0207 25  SER A CB  
360 O OG  A SER A 25 ? 0.0859 0.1003 0.0559 0.0033  0.0264  -0.0097 25  SER A OG  
361 O OG  B SER A 25 ? 0.1545 0.2641 0.1452 0.0614  -0.0575 -0.1301 25  SER A OG  
370 N N   . GLY A 26 ? 0.0509 0.0546 0.0543 -0.0020 -0.0068 -0.0069 26  GLY A N   
371 C CA  . GLY A 26 ? 0.0518 0.0729 0.0428 0.0017  -0.0082 -0.0082 26  GLY A CA  
372 C C   . GLY A 26 ? 0.0522 0.0620 0.0419 0.0005  -0.0023 -0.0032 26  GLY A C   
373 O O   . GLY A 26 ? 0.0711 0.0717 0.0350 0.0085  0.0031  -0.0002 26  GLY A O   
377 N N   . ALA A 27 ? 0.0641 0.0960 0.0438 0.0187  -0.0055 -0.0082 27  ALA A N   
378 C CA  . ALA A 27 ? 0.0609 0.1022 0.0520 0.0226  -0.0036 -0.0074 27  ALA A CA  
379 C C   . ALA A 27 ? 0.0708 0.0718 0.0553 0.0313  0.0078  0.0099  27  ALA A C   
380 O O   . ALA A 27 ? 0.0829 0.0888 0.0650 0.0256  0.0159  -0.0062 27  ALA A O   
381 C CB  . ALA A 27 ? 0.0966 0.1782 0.1048 0.0698  -0.0363 -0.0319 27  ALA A CB  
387 N N   . ALA A 28 ? 0.0819 0.0716 0.0498 0.0201  0.0099  0.0056  28  ALA A N   
388 C CA  . ALA A 28 ? 0.0942 0.0518 0.0704 0.0093  0.0166  0.0125  28  ALA A CA  
389 C C   . ALA A 28 ? 0.0808 0.0458 0.0669 0.0045  0.0175  -0.0082 28  ALA A C   
390 O O   . ALA A 28 ? 0.1552 0.0490 0.0799 0.0075  0.0063  -0.0064 28  ALA A O   
391 C CB  . ALA A 28 ? 0.1194 0.0981 0.0859 -0.0219 0.0257  0.0295  28  ALA A CB  
397 N N   . TYR A 29 ? 0.0589 0.0435 0.0439 0.0061  0.0030  0.0014  29  TYR A N   
398 C CA  . TYR A 29 ? 0.0496 0.0471 0.0517 -0.0009 0.0051  -0.0147 29  TYR A CA  
399 C C   . TYR A 29 ? 0.0505 0.0455 0.0429 0.0013  0.0051  -0.0135 29  TYR A C   
400 O O   . TYR A 29 ? 0.0762 0.0986 0.0456 -0.0286 0.0092  -0.0199 29  TYR A O   
401 C CB  . TYR A 29 ? 0.0538 0.0435 0.0522 0.0041  0.0047  0.0005  29  TYR A CB  
402 C CG  . TYR A 29 ? 0.0467 0.0527 0.0496 0.0069  0.0056  -0.0101 29  TYR A CG  
403 C CD1 . TYR A 29 ? 0.0627 0.0751 0.0428 0.0070  0.0029  -0.0002 29  TYR A CD1 
404 C CD2 . TYR A 29 ? 0.0588 0.0724 0.0512 0.0077  0.0042  -0.0092 29  TYR A CD2 
405 C CE1 . TYR A 29 ? 0.0699 0.0869 0.0659 -0.0048 0.0182  0.0064  29  TYR A CE1 
406 C CE2 . TYR A 29 ? 0.0663 0.0956 0.0749 -0.0061 -0.0049 -0.0307 29  TYR A CE2 
407 C CZ  . TYR A 29 ? 0.0646 0.0970 0.0997 -0.0173 0.0107  -0.0268 29  TYR A CZ  
408 O OH  . TYR A 29 ? 0.0901 0.1538 0.1816 -0.0605 0.0222  -0.0298 29  TYR A OH  
418 N N   . CYS A 30 ? 0.0490 0.0536 0.0356 0.0000  0.0005  -0.0037 30  CYS A N   
419 C CA  . CYS A 30 ? 0.0492 0.0492 0.0351 -0.0013 -0.0005 -0.0058 30  CYS A CA  
420 C C   . CYS A 30 ? 0.0503 0.0506 0.0501 0.0027  -0.0017 -0.0135 30  CYS A C   
421 O O   . CYS A 30 ? 0.0499 0.0758 0.0832 -0.0003 0.0045  -0.0047 30  CYS A O   
422 C CB  . CYS A 30 ? 0.0526 0.0495 0.0428 0.0067  -0.0071 -0.0069 30  CYS A CB  
423 S SG  . CYS A 30 ? 0.0578 0.0561 0.0370 0.0117  0.0018  -0.0068 30  CYS A SG  
428 N N   . GLY A 31 ? 0.0577 0.0572 0.0666 0.0115  -0.0057 -0.0087 31  GLY A N   
429 C CA  . GLY A 31 ? 0.0712 0.0705 0.0711 0.0251  -0.0199 -0.0202 31  GLY A CA  
430 C C   . GLY A 31 ? 0.0600 0.0490 0.0749 0.0124  -0.0108 -0.0112 31  GLY A C   
431 O O   . GLY A 31 ? 0.0779 0.0815 0.0662 0.0156  -0.0190 -0.0238 31  GLY A O   
435 N N   A ALA A 32 ? 0.0723 0.1255 0.0922 0.0140  -0.0075 -0.0110 32  ALA A N   
436 N N   B ALA A 32 ? 0.0522 0.0587 0.0961 0.0047  -0.0093 -0.0121 32  ALA A N   
437 C CA  A ALA A 32 ? 0.0951 0.0858 0.1062 0.0090  0.0354  0.0013  32  ALA A CA  
438 C CA  B ALA A 32 ? 0.0623 0.1081 0.1354 0.0100  0.0279  -0.0235 32  ALA A CA  
439 C C   A ALA A 32 ? 0.0727 0.0889 0.0867 0.0226  0.0243  0.0069  32  ALA A C   
440 C C   B ALA A 32 ? 0.0846 0.0828 0.0731 0.0273  0.0189  -0.0133 32  ALA A C   
441 O O   A ALA A 32 ? 0.1999 0.1199 0.0802 0.0009  0.0505  -0.0217 32  ALA A O   
442 O O   B ALA A 32 ? 0.1705 0.1155 0.0766 0.0376  0.0089  -0.0062 32  ALA A O   
443 C CB  A ALA A 32 ? 0.0761 0.1766 0.1921 -0.0194 0.0465  -0.0339 32  ALA A CB  
444 C CB  B ALA A 32 ? 0.0702 0.2142 0.2527 0.0212  0.0085  -0.0824 32  ALA A CB  
455 N N   A GLY A 33 ? 0.0787 0.0616 0.1225 0.0316  0.0100  0.0110  33  GLY A N   
456 N N   B GLY A 33 ? 0.0832 0.0949 0.0714 0.0343  0.0058  -0.0064 33  GLY A N   
457 C CA  A GLY A 33 ? 0.1069 0.0606 0.1020 0.0434  0.0173  -0.0073 33  GLY A CA  
458 C CA  B GLY A 33 ? 0.0965 0.1003 0.1237 0.0400  0.0003  -0.0463 33  GLY A CA  
459 C C   A GLY A 33 ? 0.1042 0.0335 0.0548 0.0186  0.0042  0.0057  33  GLY A C   
460 C C   B GLY A 33 ? 0.0905 0.1351 0.0980 0.0512  -0.0210 -0.0514 33  GLY A C   
461 O O   A GLY A 33 ? 0.1401 0.0338 0.0932 0.0191  -0.0111 -0.0210 33  GLY A O   
462 O O   B GLY A 33 ? 0.1386 0.3211 0.2229 0.0819  -0.0547 -0.2078 33  GLY A O   
469 N N   . ASN A 34 ? 0.0794 0.0389 0.0636 0.0152  -0.0081 -0.0004 34  ASN A N   
470 C CA  . ASN A 34 ? 0.0710 0.0368 0.0599 0.0021  0.0045  0.0056  34  ASN A CA  
471 C C   . ASN A 34 ? 0.0578 0.0336 0.0474 0.0053  -0.0010 -0.0057 34  ASN A C   
472 O O   . ASN A 34 ? 0.0726 0.0514 0.0856 0.0009  -0.0273 -0.0014 34  ASN A O   
473 C CB  . ASN A 34 ? 0.1230 0.0636 0.0860 0.0261  0.0381  0.0316  34  ASN A CB  
474 C CG  . ASN A 34 ? 0.1701 0.0966 0.1285 0.0250  0.0778  0.0532  34  ASN A CG  
475 O OD1 . ASN A 34 ? 0.2710 0.1078 0.2156 -0.0461 0.0519  0.0526  34  ASN A OD1 
476 N ND2 . ASN A 34 ? 0.2029 0.1513 0.1537 0.0653  0.0680  0.1075  34  ASN A ND2 
483 N N   . CYS A 35 ? 0.0514 0.0359 0.0570 0.0077  -0.0034 0.0084  35  CYS A N   
484 C CA  . CYS A 35 ? 0.0476 0.0366 0.0415 0.0071  0.0039  0.0021  35  CYS A CA  
485 C C   . CYS A 35 ? 0.0447 0.0379 0.0477 0.0127  0.0047  -0.0027 35  CYS A C   
486 O O   . CYS A 35 ? 0.0576 0.1291 0.0544 0.0379  0.0119  0.0090  35  CYS A O   
487 C CB  . CYS A 35 ? 0.0649 0.0404 0.0439 0.0085  -0.0087 0.0013  35  CYS A CB  
488 S SG  . CYS A 35 ? 0.0626 0.0366 0.0653 0.0109  -0.0038 -0.0083 35  CYS A SG  
493 N N   . ARG A 36 ? 0.0447 0.0387 0.0385 0.0099  0.0077  -0.0027 36  ARG A N   
494 C CA  . ARG A 36 ? 0.0554 0.0347 0.0338 0.0119  0.0061  -0.0041 36  ARG A CA  
495 C C   . ARG A 36 ? 0.0477 0.0431 0.0326 0.0073  0.0032  -0.0018 36  ARG A C   
496 O O   . ARG A 36 ? 0.0587 0.0543 0.0733 0.0107  0.0269  0.0031  36  ARG A O   
497 C CB  . ARG A 36 ? 0.0697 0.0437 0.0520 0.0006  -0.0055 -0.0114 36  ARG A CB  
498 C CG  . ARG A 36 ? 0.1078 0.0521 0.0582 0.0034  -0.0161 -0.0047 36  ARG A CG  
499 C CD  . ARG A 36 ? 0.1119 0.0719 0.0501 -0.0048 0.0111  -0.0126 36  ARG A CD  
500 N NE  . ARG A 36 ? 0.0882 0.0590 0.0533 0.0134  -0.0050 -0.0175 36  ARG A NE  
501 C CZ  . ARG A 36 ? 0.1038 0.0619 0.0443 0.0226  -0.0056 -0.0175 36  ARG A CZ  
502 N NH1 . ARG A 36 ? 0.1005 0.0938 0.0922 0.0380  0.0157  -0.0258 36  ARG A NH1 
503 N NH2 . ARG A 36 ? 0.1140 0.0637 0.0854 0.0118  0.0019  -0.0251 36  ARG A NH2 
517 N N   . CYS A 37 ? 0.0451 0.0321 0.0417 0.0023  0.0085  -0.0009 37  CYS A N   
518 C CA  . CYS A 37 ? 0.0389 0.0379 0.0425 0.0007  0.0079  -0.0057 37  CYS A CA  
519 C C   . CYS A 37 ? 0.0380 0.0330 0.0389 0.0031  0.0021  -0.0049 37  CYS A C   
520 O O   . CYS A 37 ? 0.0495 0.0333 0.0497 -0.0036 0.0162  -0.0040 37  CYS A O   
521 C CB  . CYS A 37 ? 0.0511 0.0484 0.0392 0.0065  0.0055  0.0040  37  CYS A CB  
522 S SG  . CYS A 37 ? 0.0550 0.0853 0.0473 0.0193  0.0025  0.0094  37  CYS A SG  
527 N N   . GLN A 38 ? 0.0473 0.0324 0.0423 -0.0005 0.0106  0.0007  38  GLN A N   
528 C CA  . GLN A 38 ? 0.0457 0.0286 0.0377 -0.0008 0.0014  -0.0012 38  GLN A CA  
529 C C   . GLN A 38 ? 0.0364 0.0285 0.0502 -0.0021 0.0004  -0.0028 38  GLN A C   
530 O O   . GLN A 38 ? 0.0402 0.0590 0.0490 0.0052  0.0046  0.0109  38  GLN A O   
531 C CB  . GLN A 38 ? 0.0473 0.0348 0.0388 0.0066  -0.0064 -0.0048 38  GLN A CB  
532 C CG  . GLN A 38 ? 0.0503 0.0420 0.0488 0.0085  -0.0061 -0.0106 38  GLN A CG  
533 C CD  . GLN A 38 ? 0.0525 0.0339 0.0424 0.0057  0.0012  -0.0035 38  GLN A CD  
534 O OE1 . GLN A 38 ? 0.0532 0.1107 0.0462 0.0195  -0.0076 -0.0144 38  GLN A OE1 
535 N NE2 . GLN A 38 ? 0.0525 0.0774 0.0544 0.0183  -0.0049 -0.0193 38  GLN A NE2 
544 N N   . CYS A 39 ? 0.0353 0.0351 0.0561 0.0069  0.0014  0.0008  39  CYS A N   
545 C CA  . CYS A 39 ? 0.0377 0.0371 0.0636 0.0074  -0.0032 0.0005  39  CYS A CA  
546 C C   . CYS A 39 ? 0.0472 0.0392 0.0771 0.0045  -0.0120 0.0034  39  CYS A C   
547 O O   . CYS A 39 ? 0.1292 0.0450 0.0900 0.0063  -0.0619 0.0143  39  CYS A O   
548 C CB  . CYS A 39 ? 0.0468 0.0374 0.1040 0.0096  -0.0050 0.0012  39  CYS A CB  
549 S SG  . CYS A 39 ? 0.0843 0.0437 0.0749 0.0151  0.0282  0.0016  39  CYS A SG  
554 N N   . ARG A 40 ? 0.0406 0.0343 0.0480 0.0058  -0.0090 0.0010  40  ARG A N   
555 C CA  . ARG A 40 ? 0.0441 0.0378 0.0407 0.0042  -0.0047 0.0050  40  ARG A CA  
556 C C   . ARG A 40 ? 0.0419 0.0403 0.0364 0.0032  -0.0035 0.0056  40  ARG A C   
557 O O   . ARG A 40 ? 0.0539 0.0478 0.0544 0.0059  -0.0016 -0.0050 40  ARG A O   
558 C CB  . ARG A 40 ? 0.0405 0.0505 0.0603 -0.0018 -0.0021 -0.0117 40  ARG A CB  
559 C CG  . ARG A 40 ? 0.0532 0.0585 0.0836 0.0086  0.0035  -0.0028 40  ARG A CG  
560 C CD  . ARG A 40 ? 0.0453 0.0780 0.0915 0.0023  0.0112  0.0002  40  ARG A CD  
561 N NE  . ARG A 40 ? 0.0645 0.0953 0.0947 -0.0104 -0.0149 0.0102  40  ARG A NE  
562 C CZ  . ARG A 40 ? 0.0635 0.1187 0.1007 -0.0238 0.0060  0.0004  40  ARG A CZ  
563 N NH1 . ARG A 40 ? 0.1352 0.2116 0.1197 -0.0581 -0.0111 -0.0461 40  ARG A NH1 
564 N NH2 . ARG A 40 ? 0.0664 0.1428 0.1309 0.0237  0.0135  0.0504  40  ARG A NH2 
578 N N   . GLY A 41 ? 0.0379 0.0385 0.0503 0.0025  -0.0013 0.0059  41  GLY A N   
579 C CA  . GLY A 41 ? 0.0392 0.0537 0.0507 0.0063  -0.0006 0.0130  41  GLY A CA  
580 C C   . GLY A 41 ? 0.0440 0.0462 0.0590 0.0003  -0.0059 -0.0009 41  GLY A C   
581 O O   . GLY A 41 ? 0.0506 0.0736 0.0971 0.0213  0.0019  0.0178  41  GLY A O   
582 O OXT . GLY A 41 ? 0.0623 0.0473 0.0509 0.0094  -0.0057 0.0113  41  GLY A OXT 
586 C C   . ACT B .  ? 0.1006 0.2700 0.1352 0.0190  -0.0011 -0.0007 42  ACT A C   
587 O O   . ACT B .  ? 0.0850 0.2361 0.1478 0.0399  -0.0273 0.0320  42  ACT A O   
588 O OXT . ACT B .  ? 0.1492 0.2123 0.2283 0.0190  0.0630  -0.0167 42  ACT A OXT 
589 C CH3 . ACT B .  ? 0.2390 0.4233 0.3316 0.1881  0.0899  0.1714  42  ACT A CH3 
590 C C   . ACT C .  ? 0.1724 0.1286 0.1321 -0.0009 0.0428  -0.0238 43  ACT A C   
591 O O   . ACT C .  ? 0.1357 0.2104 0.1561 0.0101  0.0151  0.0484  43  ACT A O   
592 O OXT . ACT C .  ? 0.2930 0.1786 0.1856 -0.0310 0.0248  0.0243  43  ACT A OXT 
593 C CH3 . ACT C .  ? 0.3285 0.2507 0.2867 -0.1293 -0.0579 -0.0775 43  ACT A CH3 
594 O O   . HOH D .  ? 0.0802 0.0930 0.1042 -0.0196 0.0152  -0.0178 44  HOH A O   
595 O O   . HOH D .  ? 0.0790 0.1119 0.0738 0.0121  0.0045  0.0155  45  HOH A O   
596 O O   . HOH D .  ? 0.1651 0.1611 0.1223 -0.0170 0.0517  -0.0267 46  HOH A O   
597 O O   . HOH D .  ? 0.0793 0.0622 0.0734 0.0045  0.0021  0.0001  47  HOH A O   
598 O O   . HOH D .  ? 0.0984 0.1360 0.0961 0.0021  -0.0209 0.0107  48  HOH A O   
599 O O   . HOH D .  ? 0.1157 0.1512 0.1921 -0.0086 0.0745  0.0141  49  HOH A O   
600 O O   . HOH D .  ? 0.0927 0.1336 0.1137 0.0256  -0.0030 -0.0099 50  HOH A O   
601 O O   . HOH D .  ? 0.1254 0.0779 0.1164 -0.0034 -0.0282 0.0211  51  HOH A O   
602 O O   . HOH D .  ? 0.1700 0.1056 0.0537 -0.0208 0.0188  -0.0190 52  HOH A O   
603 O O   . HOH D .  ? 0.1244 0.1013 0.1288 0.0063  0.0189  0.0139  53  HOH A O   
604 O O   . HOH D .  ? 0.1138 0.2348 0.1590 -0.0004 0.0181  0.0342  54  HOH A O   
605 O O   . HOH D .  ? 0.1536 0.1348 0.3151 0.0009  -0.0645 0.0855  55  HOH A O   
606 O O   . HOH D .  ? 0.2744 0.2374 0.1877 -0.0843 -0.0229 -0.0121 56  HOH A O   
607 O O   . HOH D .  ? 0.1166 0.2288 0.3366 -0.0439 0.0675  -0.1464 57  HOH A O   
608 O O   A HOH D .  ? 0.1696 0.1127 0.1990 -0.0014 0.0479  0.0087  58  HOH A O   
609 O O   B HOH D .  ? 0.3814 0.4748 0.8088 0.2012  0.3450  0.3626  58  HOH A O   
610 O O   . HOH D .  ? 0.1161 0.2414 0.2234 -0.0136 0.0355  0.0720  59  HOH A O   
611 O O   . HOH D .  ? 0.1185 0.2435 0.2265 -0.0335 -0.0357 0.1455  60  HOH A O   
612 O O   . HOH D .  ? 0.1257 0.1497 0.2576 -0.0073 -0.0451 0.0270  61  HOH A O   
613 O O   . HOH D .  ? 0.2592 0.2647 0.2587 0.0195  0.0716  0.0935  62  HOH A O   
614 O O   . HOH D .  ? 0.2086 0.1438 0.1622 -0.0506 0.0635  0.0204  63  HOH A O   
615 O O   . HOH D .  ? 0.2902 0.4050 0.1325 -0.1047 0.0883  -0.0228 64  HOH A O   
616 O O   . HOH D .  ? 0.3301 0.2911 0.2532 0.1355  0.1033  -0.0228 65  HOH A O   
617 O O   . HOH D .  ? 0.2418 0.1385 0.2219 0.0625  -0.0099 0.0004  66  HOH A O   
618 O O   . HOH D .  ? 0.3342 0.1915 0.3155 0.1462  0.1449  0.1336  67  HOH A O   
619 O O   . HOH D .  ? 0.3017 0.7079 0.7475 -0.0017 0.0739  -0.5313 68  HOH A O   
620 O O   A HOH D .  ? 0.2557 0.6039 0.9438 0.1386  0.2933  0.4744  69  HOH A O   
621 O O   B HOH D .  ? 0.1842 0.1673 0.4427 -0.0304 0.0726  -0.0728 69  HOH A O   
622 O O   . HOH D .  ? 0.2187 0.4556 0.2350 0.0542  -0.1025 -0.0098 70  HOH A O   
623 O O   . HOH D .  ? 0.2254 0.3741 0.1967 0.0518  0.0163  -0.0888 71  HOH A O   
624 O O   A HOH D .  ? 0.0907 0.1908 0.1594 0.0067  -0.0306 0.0283  72  HOH A O   
625 O O   . HOH D .  ? 0.2558 0.2712 0.1762 -0.0197 0.0410  0.0519  73  HOH A O   
626 O O   A HOH D .  ? 0.4813 0.3096 0.2205 -0.1378 0.1701  -0.0436 74  HOH A O   
627 O O   B HOH D .  ? 0.4414 0.3880 0.1265 -0.2320 -0.0858 0.0480  75  HOH A O   
628 O O   . HOH D .  ? 0.4202 0.6074 0.4612 0.1924  -0.1778 -0.1088 76  HOH A O   
629 O O   . HOH D .  ? 0.3911 0.2141 1.0749 0.0903  0.4736  0.0006  77  HOH A O   
630 O O   . HOH D .  ? 0.3436 0.2067 0.2880 -0.0609 0.0601  0.0531  78  HOH A O   
631 O O   . HOH D .  ? 0.1335 0.4896 0.2572 0.0363  -0.0089 0.1557  79  HOH A O   
632 O O   . HOH D .  ? 0.4710 0.2791 0.5924 0.1153  0.0674  -0.1494 80  HOH A O   
633 O O   . HOH D .  ? 0.3933 0.3732 0.2173 -0.1705 0.0102  0.0197  81  HOH A O   
634 O O   . HOH D .  ? 0.2525 0.3175 1.0637 0.0523  0.0801  0.2179  82  HOH A O   
635 O O   . HOH D .  ? 0.3482 0.5745 0.1603 -0.1865 -0.0842 0.0143  83  HOH A O   
636 O O   . HOH D .  ? 0.4929 0.8083 0.1713 -0.3722 0.0512  0.0323  84  HOH A O   
637 O O   . HOH D .  ? 0.6534 0.0848 0.7689 0.0627  0.2952  0.1191  85  HOH A O   
638 O O   . HOH D .  ? 0.3856 1.0119 0.3327 -0.1737 -0.0636 0.3653  86  HOH A O   
639 O O   . HOH D .  ? 0.3038 0.2185 0.6719 0.0369  -0.0542 -0.0641 87  HOH A O   
640 O O   . HOH D .  ? 0.1459 0.8340 0.4941 0.0747  0.1060  0.0399  88  HOH A O   
641 O O   . HOH D .  ? 0.4589 0.3382 0.5910 0.1614  0.3745  0.2225  89  HOH A O   
642 O O   A HOH D .  ? 0.4438 0.2125 0.2225 -0.0396 0.0762  -0.0322 92  HOH A O   
643 O O   B HOH D .  ? 0.1458 0.1082 0.1257 0.0148  0.0063  0.0071  93  HOH A O   
644 O O   B HOH D .  ? 0.1590 0.3107 0.1281 0.1032  0.0246  0.0670  94  HOH A O   
645 O O   . HOH D .  ? 0.9208 0.2785 0.6009 -0.1358 -0.4587 0.1228  95  HOH A O   
646 O O   . HOH D .  ? 0.5260 0.1531 0.3758 -0.0031 0.3176  0.0035  96  HOH A O   
647 O O   A HOH D .  ? 0.2886 0.1291 0.1994 0.1174  -0.0387 -0.0573 97  HOH A O   
648 O O   . HOH D .  ? 0.4366 0.6363 0.8710 0.2288  -0.0894 -0.3589 98  HOH A O   
649 O O   A HOH D .  ? 0.4039 0.1492 0.6488 -0.0571 -0.2262 -0.0619 99  HOH A O   
650 O O   B HOH D .  ? 0.3649 0.2411 0.6759 -0.1801 0.1102  -0.2587 99  HOH A O   
651 O O   . HOH D .  ? 0.7124 0.8102 0.1993 0.2372  0.1086  0.0766  100 HOH A O   
652 O O   . HOH D .  ? 0.2473 0.9876 0.3251 0.0429  0.0762  -0.2381 101 HOH A O   
653 O O   . HOH D .  ? 0.4438 1.0747 0.1771 0.2824  -0.0710 0.2195  102 HOH A O   
654 O O   . HOH D .  ? 0.5817 0.3079 1.1976 0.2890  -0.3714 -0.1251 104 HOH A O   
655 O O   . HOH D .  ? 0.1032 0.3806 0.5587 -0.0028 0.0063  -0.1906 105 HOH A O   
656 O O   . HOH D .  ? 0.1634 0.6296 0.2830 0.0609  0.0193  -0.2990 107 HOH A O   
657 O O   . HOH D .  ? 0.3234 0.2661 0.9746 0.0038  -0.0174 -0.0511 108 HOH A O   
# 
